data_1HYB
# 
_entry.id   1HYB 
# 
_audit_conform.dict_name       mmcif_pdbx.dic 
_audit_conform.dict_version    5.376 
_audit_conform.dict_location   http://mmcif.pdb.org/dictionaries/ascii/mmcif_pdbx.dic 
# 
loop_
_database_2.database_id 
_database_2.database_code 
_database_2.pdbx_database_accession 
_database_2.pdbx_DOI 
PDB   1HYB         pdb_00001hyb 10.2210/pdb1hyb/pdb 
RCSB  RCSB012683   ?            ?                   
WWPDB D_1000012683 ?            ?                   
# 
_pdbx_database_related.db_name        PDB 
_pdbx_database_related.db_id          1ej2 
_pdbx_database_related.details        
'1ej2 is the Crystal Structure of Methanobacterium thermoautotrophicum Nicotinamide Mononucleotide Adenylyltransferase' 
_pdbx_database_related.content_type   unspecified 
# 
_pdbx_database_status.status_code                     REL 
_pdbx_database_status.entry_id                        1HYB 
_pdbx_database_status.recvd_initial_deposition_date   2001-01-18 
_pdbx_database_status.deposit_site                    RCSB 
_pdbx_database_status.process_site                    RCSB 
_pdbx_database_status.SG_entry                        . 
_pdbx_database_status.pdb_format_compatible           Y 
_pdbx_database_status.status_code_mr                  ? 
_pdbx_database_status.status_code_sf                  ? 
_pdbx_database_status.status_code_cs                  ? 
_pdbx_database_status.status_code_nmr_data            ? 
_pdbx_database_status.methods_development_category    ? 
# 
loop_
_audit_author.name 
_audit_author.pdbx_ordinal 
'Saridakis, V.'   1 
'Christendat, D.' 2 
'Kimber, M.S.'    3 
'Edwards, A.M.'   4 
'Pai, E.F.'       5 
# 
_citation.id                        primary 
_citation.title                     
;Insights into ligand binding and catalysis of a central step in NAD+ synthesis: structures of Methanobacterium thermoautotrophicum NMN adenylyltransferase complexes.
;
_citation.journal_abbrev            J.Biol.Chem. 
_citation.journal_volume            276 
_citation.page_first                7225 
_citation.page_last                 7232 
_citation.year                      2001 
_citation.journal_id_ASTM           JBCHA3 
_citation.country                   US 
_citation.journal_id_ISSN           0021-9258 
_citation.journal_id_CSD            0071 
_citation.book_publisher            ? 
_citation.pdbx_database_id_PubMed   11063748 
_citation.pdbx_database_id_DOI      10.1074/jbc.M008810200 
# 
loop_
_citation_author.citation_id 
_citation_author.name 
_citation_author.ordinal 
_citation_author.identifier_ORCID 
primary 'Saridakis, V.'   1 ? 
primary 'Christendat, D.' 2 ? 
primary 'Kimber, M.S.'    3 ? 
primary 'Dharamsi, A.'    4 ? 
primary 'Edwards, A.M.'   5 ? 
primary 'Pai, E.F.'       6 ? 
# 
_cell.entry_id           1HYB 
_cell.length_a           89.778 
_cell.length_b           89.778 
_cell.length_c           108.946 
_cell.angle_alpha        90.00 
_cell.angle_beta         90.00 
_cell.angle_gamma        120.00 
_cell.Z_PDB              12 
_cell.pdbx_unique_axis   ? 
# 
_symmetry.entry_id                         1HYB 
_symmetry.space_group_name_H-M             'P 63 2 2' 
_symmetry.pdbx_full_space_group_name_H-M   ? 
_symmetry.cell_setting                     ? 
_symmetry.Int_Tables_number                182 
# 
loop_
_entity.id 
_entity.type 
_entity.src_method 
_entity.pdbx_description 
_entity.formula_weight 
_entity.pdbx_number_of_molecules 
_entity.pdbx_ec 
_entity.pdbx_mutation 
_entity.pdbx_fragment 
_entity.details 
1 polymer     man 'NICOTINAMIDE MONONUCLEOTIDE ADENYLYLTRANSFERASE' 20529.725 1  2.7.7.1 H19A ? ? 
2 non-polymer syn 'SULFATE ION'                                     96.063    1  ?       ?    ? ? 
3 non-polymer syn 'BETA-NICOTINAMIDE RIBOSE MONOPHOSPHATE'          335.227   1  ?       ?    ? ? 
4 water       nat water                                             18.015    70 ?       ?    ? ? 
# 
_entity_poly.entity_id                      1 
_entity_poly.type                           'polypeptide(L)' 
_entity_poly.nstd_linkage                   no 
_entity_poly.nstd_monomer                   no 
_entity_poly.pdbx_seq_one_letter_code       
;MMTMRGLLVGRMQPFHRGALQVIKSILEEVDELIICIGSAQLSHSIRDPFTAGERVMMLTKALSENGIPASRYYIIPVQD
IECNALWVGHIKMLTPPFDRVYSGNPLVQRLFSEDGYEVTAPPLFYRDRYSGTEVRRRMLDDGDWRSLLPESVVEVIDEI
NGVERIKHLAKKEVSELGGIS
;
_entity_poly.pdbx_seq_one_letter_code_can   
;MMTMRGLLVGRMQPFHRGALQVIKSILEEVDELIICIGSAQLSHSIRDPFTAGERVMMLTKALSENGIPASRYYIIPVQD
IECNALWVGHIKMLTPPFDRVYSGNPLVQRLFSEDGYEVTAPPLFYRDRYSGTEVRRRMLDDGDWRSLLPESVVEVIDEI
NGVERIKHLAKKEVSELGGIS
;
_entity_poly.pdbx_strand_id                 A 
_entity_poly.pdbx_target_identifier         ? 
# 
loop_
_entity_poly_seq.entity_id 
_entity_poly_seq.num 
_entity_poly_seq.mon_id 
_entity_poly_seq.hetero 
1 1   MET n 
1 2   MET n 
1 3   THR n 
1 4   MET n 
1 5   ARG n 
1 6   GLY n 
1 7   LEU n 
1 8   LEU n 
1 9   VAL n 
1 10  GLY n 
1 11  ARG n 
1 12  MET n 
1 13  GLN n 
1 14  PRO n 
1 15  PHE n 
1 16  HIS n 
1 17  ARG n 
1 18  GLY n 
1 19  ALA n 
1 20  LEU n 
1 21  GLN n 
1 22  VAL n 
1 23  ILE n 
1 24  LYS n 
1 25  SER n 
1 26  ILE n 
1 27  LEU n 
1 28  GLU n 
1 29  GLU n 
1 30  VAL n 
1 31  ASP n 
1 32  GLU n 
1 33  LEU n 
1 34  ILE n 
1 35  ILE n 
1 36  CYS n 
1 37  ILE n 
1 38  GLY n 
1 39  SER n 
1 40  ALA n 
1 41  GLN n 
1 42  LEU n 
1 43  SER n 
1 44  HIS n 
1 45  SER n 
1 46  ILE n 
1 47  ARG n 
1 48  ASP n 
1 49  PRO n 
1 50  PHE n 
1 51  THR n 
1 52  ALA n 
1 53  GLY n 
1 54  GLU n 
1 55  ARG n 
1 56  VAL n 
1 57  MET n 
1 58  MET n 
1 59  LEU n 
1 60  THR n 
1 61  LYS n 
1 62  ALA n 
1 63  LEU n 
1 64  SER n 
1 65  GLU n 
1 66  ASN n 
1 67  GLY n 
1 68  ILE n 
1 69  PRO n 
1 70  ALA n 
1 71  SER n 
1 72  ARG n 
1 73  TYR n 
1 74  TYR n 
1 75  ILE n 
1 76  ILE n 
1 77  PRO n 
1 78  VAL n 
1 79  GLN n 
1 80  ASP n 
1 81  ILE n 
1 82  GLU n 
1 83  CYS n 
1 84  ASN n 
1 85  ALA n 
1 86  LEU n 
1 87  TRP n 
1 88  VAL n 
1 89  GLY n 
1 90  HIS n 
1 91  ILE n 
1 92  LYS n 
1 93  MET n 
1 94  LEU n 
1 95  THR n 
1 96  PRO n 
1 97  PRO n 
1 98  PHE n 
1 99  ASP n 
1 100 ARG n 
1 101 VAL n 
1 102 TYR n 
1 103 SER n 
1 104 GLY n 
1 105 ASN n 
1 106 PRO n 
1 107 LEU n 
1 108 VAL n 
1 109 GLN n 
1 110 ARG n 
1 111 LEU n 
1 112 PHE n 
1 113 SER n 
1 114 GLU n 
1 115 ASP n 
1 116 GLY n 
1 117 TYR n 
1 118 GLU n 
1 119 VAL n 
1 120 THR n 
1 121 ALA n 
1 122 PRO n 
1 123 PRO n 
1 124 LEU n 
1 125 PHE n 
1 126 TYR n 
1 127 ARG n 
1 128 ASP n 
1 129 ARG n 
1 130 TYR n 
1 131 SER n 
1 132 GLY n 
1 133 THR n 
1 134 GLU n 
1 135 VAL n 
1 136 ARG n 
1 137 ARG n 
1 138 ARG n 
1 139 MET n 
1 140 LEU n 
1 141 ASP n 
1 142 ASP n 
1 143 GLY n 
1 144 ASP n 
1 145 TRP n 
1 146 ARG n 
1 147 SER n 
1 148 LEU n 
1 149 LEU n 
1 150 PRO n 
1 151 GLU n 
1 152 SER n 
1 153 VAL n 
1 154 VAL n 
1 155 GLU n 
1 156 VAL n 
1 157 ILE n 
1 158 ASP n 
1 159 GLU n 
1 160 ILE n 
1 161 ASN n 
1 162 GLY n 
1 163 VAL n 
1 164 GLU n 
1 165 ARG n 
1 166 ILE n 
1 167 LYS n 
1 168 HIS n 
1 169 LEU n 
1 170 ALA n 
1 171 LYS n 
1 172 LYS n 
1 173 GLU n 
1 174 VAL n 
1 175 SER n 
1 176 GLU n 
1 177 LEU n 
1 178 GLY n 
1 179 GLY n 
1 180 ILE n 
1 181 SER n 
# 
_entity_src_gen.entity_id                          1 
_entity_src_gen.pdbx_src_id                        1 
_entity_src_gen.pdbx_alt_source_flag               sample 
_entity_src_gen.pdbx_seq_type                      ? 
_entity_src_gen.pdbx_beg_seq_num                   ? 
_entity_src_gen.pdbx_end_seq_num                   ? 
_entity_src_gen.gene_src_common_name               ? 
_entity_src_gen.gene_src_genus                     Methanothermobacter 
_entity_src_gen.pdbx_gene_src_gene                 ? 
_entity_src_gen.gene_src_species                   ? 
_entity_src_gen.gene_src_strain                    ? 
_entity_src_gen.gene_src_tissue                    ? 
_entity_src_gen.gene_src_tissue_fraction           ? 
_entity_src_gen.gene_src_details                   ? 
_entity_src_gen.pdbx_gene_src_fragment             ? 
_entity_src_gen.pdbx_gene_src_scientific_name      'Methanothermobacter thermautotrophicus' 
_entity_src_gen.pdbx_gene_src_ncbi_taxonomy_id     145262 
_entity_src_gen.pdbx_gene_src_variant              ? 
_entity_src_gen.pdbx_gene_src_cell_line            ? 
_entity_src_gen.pdbx_gene_src_atcc                 ? 
_entity_src_gen.pdbx_gene_src_organ                ? 
_entity_src_gen.pdbx_gene_src_organelle            ? 
_entity_src_gen.pdbx_gene_src_cell                 ? 
_entity_src_gen.pdbx_gene_src_cellular_location    ? 
_entity_src_gen.host_org_common_name               ? 
_entity_src_gen.pdbx_host_org_scientific_name      'Escherichia coli BL21(DE3)' 
_entity_src_gen.pdbx_host_org_ncbi_taxonomy_id     469008 
_entity_src_gen.host_org_genus                     Escherichia 
_entity_src_gen.pdbx_host_org_gene                 ? 
_entity_src_gen.pdbx_host_org_organ                ? 
_entity_src_gen.host_org_species                   'Escherichia coli' 
_entity_src_gen.pdbx_host_org_tissue               ? 
_entity_src_gen.pdbx_host_org_tissue_fraction      ? 
_entity_src_gen.pdbx_host_org_strain               'BL21 (DE3)' 
_entity_src_gen.pdbx_host_org_variant              ? 
_entity_src_gen.pdbx_host_org_cell_line            ? 
_entity_src_gen.pdbx_host_org_atcc                 ? 
_entity_src_gen.pdbx_host_org_culture_collection   ? 
_entity_src_gen.pdbx_host_org_cell                 ? 
_entity_src_gen.pdbx_host_org_organelle            ? 
_entity_src_gen.pdbx_host_org_cellular_location    ? 
_entity_src_gen.pdbx_host_org_vector_type          PLASMID 
_entity_src_gen.pdbx_host_org_vector               ? 
_entity_src_gen.host_org_details                   ? 
_entity_src_gen.expression_system_id               ? 
_entity_src_gen.plasmid_name                       PET15B 
_entity_src_gen.plasmid_details                    ? 
_entity_src_gen.pdbx_description                   ? 
# 
_struct_ref.id                         1 
_struct_ref.db_name                    UNP 
_struct_ref.db_code                    NADM_METTH 
_struct_ref.entity_id                  1 
_struct_ref.pdbx_seq_one_letter_code   
;MMTMRGLLVGRMQPFHRGHLQVIKSILEEVDELIICIGSAQLSHSIRDPFTAGERVMMLTKALSENGIPASRYYIIPVQD
IECNALWVGHIKMLTPPFDRVYSGNPLVQRLFSEDGYEVTAPPLFYRDRYSGTEVRRRMLDDGDWRSLLPESVVEVIDEI
NGVERIKHLAKKEVSELGGIS
;
_struct_ref.pdbx_align_begin           1 
_struct_ref.pdbx_db_accession          O26253 
_struct_ref.pdbx_db_isoform            ? 
# 
_struct_ref_seq.align_id                      1 
_struct_ref_seq.ref_id                        1 
_struct_ref_seq.pdbx_PDB_id_code              1HYB 
_struct_ref_seq.pdbx_strand_id                A 
_struct_ref_seq.seq_align_beg                 1 
_struct_ref_seq.pdbx_seq_align_beg_ins_code   ? 
_struct_ref_seq.seq_align_end                 181 
_struct_ref_seq.pdbx_seq_align_end_ins_code   ? 
_struct_ref_seq.pdbx_db_accession             O26253 
_struct_ref_seq.db_align_beg                  1 
_struct_ref_seq.pdbx_db_align_beg_ins_code    ? 
_struct_ref_seq.db_align_end                  181 
_struct_ref_seq.pdbx_db_align_end_ins_code    ? 
_struct_ref_seq.pdbx_auth_seq_align_beg       1 
_struct_ref_seq.pdbx_auth_seq_align_end       181 
# 
_struct_ref_seq_dif.align_id                     1 
_struct_ref_seq_dif.pdbx_pdb_id_code             1HYB 
_struct_ref_seq_dif.mon_id                       ALA 
_struct_ref_seq_dif.pdbx_pdb_strand_id           A 
_struct_ref_seq_dif.seq_num                      19 
_struct_ref_seq_dif.pdbx_pdb_ins_code            ? 
_struct_ref_seq_dif.pdbx_seq_db_name             UNP 
_struct_ref_seq_dif.pdbx_seq_db_accession_code   O26253 
_struct_ref_seq_dif.db_mon_id                    HIS 
_struct_ref_seq_dif.pdbx_seq_db_seq_num          19 
_struct_ref_seq_dif.details                      'engineered mutation' 
_struct_ref_seq_dif.pdbx_auth_seq_num            19 
_struct_ref_seq_dif.pdbx_ordinal                 1 
# 
loop_
_chem_comp.id 
_chem_comp.type 
_chem_comp.mon_nstd_flag 
_chem_comp.name 
_chem_comp.pdbx_synonyms 
_chem_comp.formula 
_chem_comp.formula_weight 
ALA 'L-peptide linking' y ALANINE                                  ?                             'C3 H7 N O2'        89.093  
ARG 'L-peptide linking' y ARGININE                                 ?                             'C6 H15 N4 O2 1'    175.209 
ASN 'L-peptide linking' y ASPARAGINE                               ?                             'C4 H8 N2 O3'       132.118 
ASP 'L-peptide linking' y 'ASPARTIC ACID'                          ?                             'C4 H7 N O4'        133.103 
CYS 'L-peptide linking' y CYSTEINE                                 ?                             'C3 H7 N O2 S'      121.158 
GLN 'L-peptide linking' y GLUTAMINE                                ?                             'C5 H10 N2 O3'      146.144 
GLU 'L-peptide linking' y 'GLUTAMIC ACID'                          ?                             'C5 H9 N O4'        147.129 
GLY 'peptide linking'   y GLYCINE                                  ?                             'C2 H5 N O2'        75.067  
HIS 'L-peptide linking' y HISTIDINE                                ?                             'C6 H10 N3 O2 1'    156.162 
HOH non-polymer         . WATER                                    ?                             'H2 O'              18.015  
ILE 'L-peptide linking' y ISOLEUCINE                               ?                             'C6 H13 N O2'       131.173 
LEU 'L-peptide linking' y LEUCINE                                  ?                             'C6 H13 N O2'       131.173 
LYS 'L-peptide linking' y LYSINE                                   ?                             'C6 H15 N2 O2 1'    147.195 
MET 'L-peptide linking' y METHIONINE                               ?                             'C5 H11 N O2 S'     149.211 
NMN non-polymer         . 'BETA-NICOTINAMIDE RIBOSE MONOPHOSPHATE' 'NICOTINAMIDE MONONUCLEOTIDE' 'C11 H16 N2 O8 P 1' 335.227 
PHE 'L-peptide linking' y PHENYLALANINE                            ?                             'C9 H11 N O2'       165.189 
PRO 'L-peptide linking' y PROLINE                                  ?                             'C5 H9 N O2'        115.130 
SER 'L-peptide linking' y SERINE                                   ?                             'C3 H7 N O3'        105.093 
SO4 non-polymer         . 'SULFATE ION'                            ?                             'O4 S -2'           96.063  
THR 'L-peptide linking' y THREONINE                                ?                             'C4 H9 N O3'        119.119 
TRP 'L-peptide linking' y TRYPTOPHAN                               ?                             'C11 H12 N2 O2'     204.225 
TYR 'L-peptide linking' y TYROSINE                                 ?                             'C9 H11 N O3'       181.189 
VAL 'L-peptide linking' y VALINE                                   ?                             'C5 H11 N O2'       117.146 
# 
_exptl.entry_id          1HYB 
_exptl.method            'X-RAY DIFFRACTION' 
_exptl.crystals_number   2 
# 
_exptl_crystal.id                    1 
_exptl_crystal.density_meas          ? 
_exptl_crystal.density_Matthews      3.09 
_exptl_crystal.density_percent_sol   60.13 
_exptl_crystal.description           ? 
# 
_exptl_crystal_grow.crystal_id      1 
_exptl_crystal_grow.method          'VAPOR DIFFUSION, HANGING DROP' 
_exptl_crystal_grow.temp            298 
_exptl_crystal_grow.temp_details    ? 
_exptl_crystal_grow.pH              7.5 
_exptl_crystal_grow.pdbx_details    '1.6 M LiSO4, 100 mM HEPES, pH 7.5, VAPOR DIFFUSION, HANGING DROP, temperature 298K' 
_exptl_crystal_grow.pdbx_pH_range   ? 
# 
_diffrn.id                     1 
_diffrn.ambient_temp           100 
_diffrn.ambient_temp_details   ? 
_diffrn.crystal_id             1 
# 
_diffrn_detector.diffrn_id              1 
_diffrn_detector.detector               CCD 
_diffrn_detector.type                   'ADSC QUANTUM 4' 
_diffrn_detector.pdbx_collection_date   2000-11-28 
_diffrn_detector.details                ? 
# 
_diffrn_radiation.diffrn_id                        1 
_diffrn_radiation.wavelength_id                    1 
_diffrn_radiation.pdbx_monochromatic_or_laue_m_l   M 
_diffrn_radiation.monochromator                    ? 
_diffrn_radiation.pdbx_diffrn_protocol             'SINGLE WAVELENGTH' 
_diffrn_radiation.pdbx_scattering_type             x-ray 
# 
_diffrn_radiation_wavelength.id           1 
_diffrn_radiation_wavelength.wavelength   1.000000 
_diffrn_radiation_wavelength.wt           1.0 
# 
_diffrn_source.diffrn_id                   1 
_diffrn_source.source                      SYNCHROTRON 
_diffrn_source.type                        'APS BEAMLINE 14-BM-C' 
_diffrn_source.pdbx_synchrotron_site       APS 
_diffrn_source.pdbx_synchrotron_beamline   14-BM-C 
_diffrn_source.pdbx_wavelength             ? 
_diffrn_source.pdbx_wavelength_list        1.000000 
# 
_reflns.entry_id                     1HYB 
_reflns.observed_criterion_sigma_I   486 
_reflns.observed_criterion_sigma_F   16525 
_reflns.d_resolution_low             30.0 
_reflns.d_resolution_high            2.0 
_reflns.number_obs                   17892 
_reflns.number_all                   253617 
_reflns.percent_possible_obs         98.1 
_reflns.pdbx_Rmerge_I_obs            0.0730000 
_reflns.pdbx_Rsym_value              ? 
_reflns.pdbx_netI_over_sigmaI        34.0 
_reflns.B_iso_Wilson_estimate        23.7 
_reflns.pdbx_redundancy              12 
_reflns.R_free_details               ? 
_reflns.limit_h_max                  ? 
_reflns.limit_h_min                  ? 
_reflns.limit_k_max                  ? 
_reflns.limit_k_min                  ? 
_reflns.limit_l_max                  ? 
_reflns.limit_l_min                  ? 
_reflns.observed_criterion_F_max     ? 
_reflns.observed_criterion_F_min     ? 
_reflns.pdbx_ordinal                 1 
_reflns.pdbx_diffrn_id               1 
# 
_reflns_shell.d_res_high             2.00 
_reflns_shell.d_res_low              30.00 
_reflns_shell.percent_possible_all   98.1 
_reflns_shell.Rmerge_I_obs           0.3370000 
_reflns_shell.pdbx_Rsym_value        ? 
_reflns_shell.meanI_over_sigI_obs    7.0 
_reflns_shell.pdbx_redundancy        10 
_reflns_shell.percent_possible_obs   ? 
_reflns_shell.number_unique_all      1710 
_reflns_shell.pdbx_ordinal           1 
_reflns_shell.pdbx_diffrn_id         1 
# 
_refine.entry_id                                 1HYB 
_refine.ls_number_reflns_obs                     17249 
_refine.ls_number_reflns_all                     253617 
_refine.pdbx_ls_sigma_I                          ? 
_refine.pdbx_ls_sigma_F                          ? 
_refine.pdbx_data_cutoff_high_absF               929092.67 
_refine.pdbx_data_cutoff_low_absF                0.00 
_refine.ls_d_res_low                             14.96 
_refine.ls_d_res_high                            2.00 
_refine.ls_percent_reflns_obs                    95.5 
_refine.ls_R_factor_obs                          0.2370000 
_refine.ls_R_factor_all                          ? 
_refine.ls_R_factor_R_work                       0.2370000 
_refine.ls_R_factor_R_free                       0.2860000 
_refine.ls_R_factor_R_free_error                 0.007 
_refine.ls_R_factor_R_free_error_details         ? 
_refine.ls_percent_reflns_R_free                 9.8 
_refine.ls_number_reflns_R_free                  1699 
_refine.ls_number_parameters                     ? 
_refine.ls_number_restraints                     ? 
_refine.occupancy_min                            ? 
_refine.occupancy_max                            ? 
_refine.B_iso_mean                               37.4 
_refine.aniso_B[1][1]                            1.16 
_refine.aniso_B[2][2]                            1.16 
_refine.aniso_B[3][3]                            -2.33 
_refine.aniso_B[1][2]                            3.59 
_refine.aniso_B[1][3]                            0.00 
_refine.aniso_B[2][3]                            0.00 
_refine.solvent_model_details                    'FLAT MODEL' 
_refine.solvent_model_param_ksol                 0.409 
_refine.solvent_model_param_bsol                 55.48 
_refine.pdbx_ls_cross_valid_method               THROUGHOUT 
_refine.details                                  'simulated annealing' 
_refine.pdbx_starting_model                      'pdb 1ej2' 
_refine.pdbx_method_to_determine_struct          'isomorphous to native' 
_refine.pdbx_isotropic_thermal_model             RESTRAINED 
_refine.pdbx_stereochemistry_target_values       'CNS 0.9' 
_refine.pdbx_stereochem_target_val_spec_case     ? 
_refine.pdbx_R_Free_selection_details            RANDOM 
_refine.pdbx_overall_ESU_R_Free                  ? 
_refine.overall_SU_B                             ? 
_refine.ls_redundancy_reflns_obs                 ? 
_refine.B_iso_min                                ? 
_refine.B_iso_max                                ? 
_refine.correlation_coeff_Fo_to_Fc               ? 
_refine.correlation_coeff_Fo_to_Fc_free          ? 
_refine.overall_SU_R_Cruickshank_DPI             ? 
_refine.overall_SU_R_free                        ? 
_refine.overall_SU_ML                            ? 
_refine.pdbx_overall_ESU_R                       ? 
_refine.pdbx_data_cutoff_high_rms_absF           ? 
_refine.pdbx_refine_id                           'X-RAY DIFFRACTION' 
_refine.pdbx_diffrn_id                           1 
_refine.pdbx_TLS_residual_ADP_flag               ? 
_refine.pdbx_solvent_vdw_probe_radii             ? 
_refine.pdbx_solvent_ion_probe_radii             ? 
_refine.pdbx_solvent_shrinkage_radii             ? 
_refine.pdbx_overall_phase_error                 ? 
_refine.pdbx_overall_SU_R_free_Cruickshank_DPI   ? 
_refine.pdbx_overall_SU_R_Blow_DPI               ? 
_refine.pdbx_overall_SU_R_free_Blow_DPI          ? 
# 
_refine_analyze.entry_id                        1HYB 
_refine_analyze.Luzzati_coordinate_error_obs    0.28 
_refine_analyze.Luzzati_sigma_a_obs             0.23 
_refine_analyze.Luzzati_d_res_low_obs           5.00 
_refine_analyze.Luzzati_coordinate_error_free   0.34 
_refine_analyze.Luzzati_sigma_a_free            0.24 
_refine_analyze.Luzzati_d_res_low_free          ? 
_refine_analyze.number_disordered_residues      ? 
_refine_analyze.occupancy_sum_hydrogen          ? 
_refine_analyze.occupancy_sum_non_hydrogen      ? 
_refine_analyze.pdbx_Luzzati_d_res_high_obs     ? 
_refine_analyze.pdbx_refine_id                  'X-RAY DIFFRACTION' 
# 
_refine_hist.pdbx_refine_id                   'X-RAY DIFFRACTION' 
_refine_hist.cycle_id                         LAST 
_refine_hist.pdbx_number_atoms_protein        1274 
_refine_hist.pdbx_number_atoms_nucleic_acid   0 
_refine_hist.pdbx_number_atoms_ligand         27 
_refine_hist.number_atoms_solvent             70 
_refine_hist.number_atoms_total               1371 
_refine_hist.d_res_high                       2.00 
_refine_hist.d_res_low                        14.96 
# 
loop_
_refine_ls_restr.type 
_refine_ls_restr.dev_ideal 
_refine_ls_restr.dev_ideal_target 
_refine_ls_restr.weight 
_refine_ls_restr.number 
_refine_ls_restr.pdbx_refine_id 
_refine_ls_restr.pdbx_restraint_function 
c_bond_d           0.010 ?    ? ? 'X-RAY DIFFRACTION' ? 
c_angle_deg        1.4   ?    ? ? 'X-RAY DIFFRACTION' ? 
c_dihedral_angle_d 22.1  ?    ? ? 'X-RAY DIFFRACTION' ? 
c_improper_angle_d 1.01  ?    ? ? 'X-RAY DIFFRACTION' ? 
c_mcbond_it        1.13  1.50 ? ? 'X-RAY DIFFRACTION' ? 
c_mcangle_it       1.83  2.00 ? ? 'X-RAY DIFFRACTION' ? 
c_scbond_it        1.90  2.00 ? ? 'X-RAY DIFFRACTION' ? 
c_scangle_it       2.75  2.50 ? ? 'X-RAY DIFFRACTION' ? 
# 
_refine_ls_shell.pdbx_total_number_of_bins_used   6 
_refine_ls_shell.d_res_high                       2.00 
_refine_ls_shell.d_res_low                        2.12 
_refine_ls_shell.number_reflns_R_work             2460 
_refine_ls_shell.R_factor_R_work                  0.2870000 
_refine_ls_shell.percent_reflns_obs               93.1 
_refine_ls_shell.R_factor_R_free                  0.3140000 
_refine_ls_shell.R_factor_R_free_error            0.019 
_refine_ls_shell.percent_reflns_R_free            9.7 
_refine_ls_shell.number_reflns_R_free             263 
_refine_ls_shell.number_reflns_obs                ? 
_refine_ls_shell.redundancy_reflns_obs            ? 
_refine_ls_shell.number_reflns_all                ? 
_refine_ls_shell.pdbx_refine_id                   'X-RAY DIFFRACTION' 
_refine_ls_shell.R_factor_all                     ? 
# 
loop_
_pdbx_xplor_file.serial_no 
_pdbx_xplor_file.param_file 
_pdbx_xplor_file.topol_file 
_pdbx_xplor_file.pdbx_refine_id 
1 PROTEIN_REP.PARAM PROTEIN.TOP     'X-RAY DIFFRACTION' 
2 WATER_REP.PARAM   WATER.TOP       'X-RAY DIFFRACTION' 
3 ION.PARAM         ION.TOP         'X-RAY DIFFRACTION' 
4 NMN.PARAM         NMN.TOP         'X-RAY DIFFRACTION' 
5 CIS_PEPTIDE.PARAM CIS_PEPTIDE.TOP 'X-RAY DIFFRACTION' 
# 
_struct.entry_id                  1HYB 
_struct.title                     
'CRYSTAL STRUCTURE OF AN ACTIVE SITE MUTANT OF METHANOBACTERIUM THERMOAUTOTROPHICUM NICOTINAMIDE MONONUCLEOTIDE ADENYLYLTRANSFERASE' 
_struct.pdbx_model_details        ? 
_struct.pdbx_CASP_flag            ? 
_struct.pdbx_model_type_details   ? 
# 
_struct_keywords.entry_id        1HYB 
_struct_keywords.pdbx_keywords   TRANSFERASE 
_struct_keywords.text            'dinucleotide binding fold, active site mutant, TRANSFERASE' 
# 
loop_
_struct_asym.id 
_struct_asym.pdbx_blank_PDB_chainid_flag 
_struct_asym.pdbx_modified 
_struct_asym.entity_id 
_struct_asym.details 
A N N 1 ? 
B N N 2 ? 
C N N 3 ? 
D N N 4 ? 
# 
_struct_biol.id                    1 
_struct_biol.details               
'The biological assembly is a hexamer constructed from chain A and five symmetry partners generated by crystallographic symmetry.' 
_struct_biol.pdbx_parent_biol_id   ? 
# 
loop_
_struct_conf.conf_type_id 
_struct_conf.id 
_struct_conf.pdbx_PDB_helix_id 
_struct_conf.beg_label_comp_id 
_struct_conf.beg_label_asym_id 
_struct_conf.beg_label_seq_id 
_struct_conf.pdbx_beg_PDB_ins_code 
_struct_conf.end_label_comp_id 
_struct_conf.end_label_asym_id 
_struct_conf.end_label_seq_id 
_struct_conf.pdbx_end_PDB_ins_code 
_struct_conf.beg_auth_comp_id 
_struct_conf.beg_auth_asym_id 
_struct_conf.beg_auth_seq_id 
_struct_conf.end_auth_comp_id 
_struct_conf.end_auth_asym_id 
_struct_conf.end_auth_seq_id 
_struct_conf.pdbx_PDB_helix_class 
_struct_conf.details 
_struct_conf.pdbx_PDB_helix_length 
HELX_P HELX_P1 1 HIS A 16  ? VAL A 30  ? HIS A 16  VAL A 30  1 ? 15 
HELX_P HELX_P2 2 THR A 51  ? ASN A 66  ? THR A 51  ASN A 66  1 ? 16 
HELX_P HELX_P3 3 PRO A 69  ? SER A 71  ? PRO A 69  SER A 71  5 ? 3  
HELX_P HELX_P4 4 CYS A 83  ? THR A 95  ? CYS A 83  THR A 95  1 ? 13 
HELX_P HELX_P5 5 ASN A 105 ? ASP A 115 ? ASN A 105 ASP A 115 1 ? 11 
HELX_P HELX_P6 6 SER A 131 ? ASP A 142 ? SER A 131 ASP A 142 1 ? 12 
HELX_P HELX_P7 7 TRP A 145 ? LEU A 149 ? TRP A 145 LEU A 149 5 ? 5  
HELX_P HELX_P8 8 PRO A 150 ? ASN A 161 ? PRO A 150 ASN A 161 1 ? 12 
HELX_P HELX_P9 9 ASN A 161 ? ALA A 170 ? ASN A 161 ALA A 170 1 ? 10 
# 
_struct_conf_type.id          HELX_P 
_struct_conf_type.criteria    ? 
_struct_conf_type.reference   ? 
# 
_struct_mon_prot_cis.pdbx_id                1 
_struct_mon_prot_cis.label_comp_id          GLN 
_struct_mon_prot_cis.label_seq_id           13 
_struct_mon_prot_cis.label_asym_id          A 
_struct_mon_prot_cis.label_alt_id           . 
_struct_mon_prot_cis.pdbx_PDB_ins_code      ? 
_struct_mon_prot_cis.auth_comp_id           GLN 
_struct_mon_prot_cis.auth_seq_id            13 
_struct_mon_prot_cis.auth_asym_id           A 
_struct_mon_prot_cis.pdbx_label_comp_id_2   PRO 
_struct_mon_prot_cis.pdbx_label_seq_id_2    14 
_struct_mon_prot_cis.pdbx_label_asym_id_2   A 
_struct_mon_prot_cis.pdbx_PDB_ins_code_2    ? 
_struct_mon_prot_cis.pdbx_auth_comp_id_2    PRO 
_struct_mon_prot_cis.pdbx_auth_seq_id_2     14 
_struct_mon_prot_cis.pdbx_auth_asym_id_2    A 
_struct_mon_prot_cis.pdbx_PDB_model_num     1 
_struct_mon_prot_cis.pdbx_omega_angle       -1.75 
# 
_struct_sheet.id               A 
_struct_sheet.type             ? 
_struct_sheet.number_strands   5 
_struct_sheet.details          ? 
# 
loop_
_struct_sheet_order.sheet_id 
_struct_sheet_order.range_id_1 
_struct_sheet_order.range_id_2 
_struct_sheet_order.offset 
_struct_sheet_order.sense 
A 1 2 ? parallel 
A 2 3 ? parallel 
A 3 4 ? parallel 
A 4 5 ? parallel 
# 
loop_
_struct_sheet_range.sheet_id 
_struct_sheet_range.id 
_struct_sheet_range.beg_label_comp_id 
_struct_sheet_range.beg_label_asym_id 
_struct_sheet_range.beg_label_seq_id 
_struct_sheet_range.pdbx_beg_PDB_ins_code 
_struct_sheet_range.end_label_comp_id 
_struct_sheet_range.end_label_asym_id 
_struct_sheet_range.end_label_seq_id 
_struct_sheet_range.pdbx_end_PDB_ins_code 
_struct_sheet_range.beg_auth_comp_id 
_struct_sheet_range.beg_auth_asym_id 
_struct_sheet_range.beg_auth_seq_id 
_struct_sheet_range.end_auth_comp_id 
_struct_sheet_range.end_auth_asym_id 
_struct_sheet_range.end_auth_seq_id 
A 1 TYR A 73  ? PRO A 77  ? TYR A 73  PRO A 77  
A 2 GLU A 32  ? ILE A 37  ? GLU A 32  ILE A 37  
A 3 ARG A 5   ? GLY A 10  ? ARG A 5   GLY A 10  
A 4 ARG A 100 ? TYR A 102 ? ARG A 100 TYR A 102 
A 5 GLU A 118 ? THR A 120 ? GLU A 118 THR A 120 
# 
loop_
_pdbx_struct_sheet_hbond.sheet_id 
_pdbx_struct_sheet_hbond.range_id_1 
_pdbx_struct_sheet_hbond.range_id_2 
_pdbx_struct_sheet_hbond.range_1_label_atom_id 
_pdbx_struct_sheet_hbond.range_1_label_comp_id 
_pdbx_struct_sheet_hbond.range_1_label_asym_id 
_pdbx_struct_sheet_hbond.range_1_label_seq_id 
_pdbx_struct_sheet_hbond.range_1_PDB_ins_code 
_pdbx_struct_sheet_hbond.range_1_auth_atom_id 
_pdbx_struct_sheet_hbond.range_1_auth_comp_id 
_pdbx_struct_sheet_hbond.range_1_auth_asym_id 
_pdbx_struct_sheet_hbond.range_1_auth_seq_id 
_pdbx_struct_sheet_hbond.range_2_label_atom_id 
_pdbx_struct_sheet_hbond.range_2_label_comp_id 
_pdbx_struct_sheet_hbond.range_2_label_asym_id 
_pdbx_struct_sheet_hbond.range_2_label_seq_id 
_pdbx_struct_sheet_hbond.range_2_PDB_ins_code 
_pdbx_struct_sheet_hbond.range_2_auth_atom_id 
_pdbx_struct_sheet_hbond.range_2_auth_comp_id 
_pdbx_struct_sheet_hbond.range_2_auth_asym_id 
_pdbx_struct_sheet_hbond.range_2_auth_seq_id 
A 1 2 N TYR A 74  ? N TYR A 74  O LEU A 33  ? O LEU A 33  
A 2 3 O GLU A 32  ? O GLU A 32  N GLY A 6   ? N GLY A 6   
A 3 4 N LEU A 7   ? N LEU A 7   O ARG A 100 ? O ARG A 100 
A 4 5 N VAL A 101 ? N VAL A 101 O GLU A 118 ? O GLU A 118 
# 
loop_
_struct_site.id 
_struct_site.pdbx_evidence_code 
_struct_site.pdbx_auth_asym_id 
_struct_site.pdbx_auth_comp_id 
_struct_site.pdbx_auth_seq_id 
_struct_site.pdbx_auth_ins_code 
_struct_site.pdbx_num_residues 
_struct_site.details 
AC1 Software A SO4 1759 ? 6  'BINDING SITE FOR RESIDUE SO4 A 1759' 
AC2 Software A NMN 1340 ? 13 'BINDING SITE FOR RESIDUE NMN A 1340' 
# 
loop_
_struct_site_gen.id 
_struct_site_gen.site_id 
_struct_site_gen.pdbx_num_res 
_struct_site_gen.label_comp_id 
_struct_site_gen.label_asym_id 
_struct_site_gen.label_seq_id 
_struct_site_gen.pdbx_auth_ins_code 
_struct_site_gen.auth_comp_id 
_struct_site_gen.auth_asym_id 
_struct_site_gen.auth_seq_id 
_struct_site_gen.label_atom_id 
_struct_site_gen.label_alt_id 
_struct_site_gen.symmetry 
_struct_site_gen.details 
1  AC1 6  ARG A 11  ? ARG A 11   . ? 1_555 ? 
2  AC1 6  ARG A 47  ? ARG A 47   . ? 1_555 ? 
3  AC1 6  GLY A 132 ? GLY A 132  . ? 1_555 ? 
4  AC1 6  THR A 133 ? THR A 133  . ? 1_555 ? 
5  AC1 6  ARG A 136 ? ARG A 136  . ? 1_555 ? 
6  AC1 6  HOH D .   ? HOH A 2000 . ? 1_555 ? 
7  AC2 13 VAL A 9   ? VAL A 9    . ? 1_555 ? 
8  AC2 13 GLY A 10  ? GLY A 10   . ? 1_555 ? 
9  AC2 13 ARG A 11  ? ARG A 11   . ? 1_555 ? 
10 AC2 13 GLY A 38  ? GLY A 38   . ? 1_555 ? 
11 AC2 13 SER A 39  ? SER A 39   . ? 1_555 ? 
12 AC2 13 ASP A 80  ? ASP A 80   . ? 1_555 ? 
13 AC2 13 ILE A 81  ? ILE A 81   . ? 1_555 ? 
14 AC2 13 ASN A 84  ? ASN A 84   . ? 1_555 ? 
15 AC2 13 TRP A 87  ? TRP A 87   . ? 1_555 ? 
16 AC2 13 ASN A 105 ? ASN A 105  . ? 1_555 ? 
17 AC2 13 LEU A 107 ? LEU A 107  . ? 1_555 ? 
18 AC2 13 HOH D .   ? HOH A 2018 . ? 1_555 ? 
19 AC2 13 HOH D .   ? HOH A 2020 . ? 1_555 ? 
# 
_atom_sites.entry_id                    1HYB 
_atom_sites.fract_transf_matrix[1][1]   -0.01195039 
_atom_sites.fract_transf_matrix[1][2]   0.00085362 
_atom_sites.fract_transf_matrix[1][3]   0.00467918 
_atom_sites.fract_transf_matrix[2][1]   -0.00996356 
_atom_sites.fract_transf_matrix[2][2]   0.00136601 
_atom_sites.fract_transf_matrix[2][3]   -0.00801826 
_atom_sites.fract_transf_matrix[3][1]   -0.00084803 
_atom_sites.fract_transf_matrix[3][2]   -0.00912600 
_atom_sites.fract_transf_matrix[3][3]   -0.00050097 
_atom_sites.fract_transf_vector[1]      0.390079 
_atom_sites.fract_transf_vector[2]      0.211523 
_atom_sites.fract_transf_vector[3]      0.362959 
# 
loop_
_atom_type.symbol 
C 
N 
O 
P 
S 
# 
loop_
_atom_site.group_PDB 
_atom_site.id 
_atom_site.type_symbol 
_atom_site.label_atom_id 
_atom_site.label_alt_id 
_atom_site.label_comp_id 
_atom_site.label_asym_id 
_atom_site.label_entity_id 
_atom_site.label_seq_id 
_atom_site.pdbx_PDB_ins_code 
_atom_site.Cartn_x 
_atom_site.Cartn_y 
_atom_site.Cartn_z 
_atom_site.occupancy 
_atom_site.B_iso_or_equiv 
_atom_site.pdbx_formal_charge 
_atom_site.auth_seq_id 
_atom_site.auth_comp_id 
_atom_site.auth_asym_id 
_atom_site.auth_atom_id 
_atom_site.pdbx_PDB_model_num 
ATOM   1    N N   . MET A 1 4   ? 5.096   11.606  -17.099 1.00 48.19 ? 4    MET A N   1 
ATOM   2    C CA  . MET A 1 4   ? 4.408   10.278  -17.065 1.00 47.48 ? 4    MET A CA  1 
ATOM   3    C C   . MET A 1 4   ? 4.383   9.758   -15.616 1.00 45.62 ? 4    MET A C   1 
ATOM   4    O O   . MET A 1 4   ? 5.339   9.145   -15.141 1.00 44.51 ? 4    MET A O   1 
ATOM   5    C CB  . MET A 1 4   ? 5.149   9.295   -17.960 1.00 50.63 ? 4    MET A CB  1 
ATOM   6    C CG  . MET A 1 4   ? 4.486   7.939   -18.083 1.00 54.13 ? 4    MET A CG  1 
ATOM   7    S SD  . MET A 1 4   ? 2.850   8.057   -18.838 1.00 59.29 ? 4    MET A SD  1 
ATOM   8    C CE  . MET A 1 4   ? 2.006   6.640   -18.069 1.00 58.07 ? 4    MET A CE  1 
ATOM   9    N N   . ARG A 1 5   ? 3.270   10.004  -14.934 1.00 43.00 ? 5    ARG A N   1 
ATOM   10   C CA  . ARG A 1 5   ? 3.091   9.625   -13.534 1.00 40.25 ? 5    ARG A CA  1 
ATOM   11   C C   . ARG A 1 5   ? 1.945   8.639   -13.374 1.00 38.30 ? 5    ARG A C   1 
ATOM   12   O O   . ARG A 1 5   ? 0.850   8.870   -13.880 1.00 38.84 ? 5    ARG A O   1 
ATOM   13   C CB  . ARG A 1 5   ? 2.801   10.891  -12.722 1.00 40.60 ? 5    ARG A CB  1 
ATOM   14   C CG  . ARG A 1 5   ? 3.001   10.809  -11.220 1.00 41.58 ? 5    ARG A CG  1 
ATOM   15   C CD  . ARG A 1 5   ? 3.671   12.099  -10.764 1.00 42.98 ? 5    ARG A CD  1 
ATOM   16   N NE  . ARG A 1 5   ? 2.942   13.233  -11.305 1.00 46.26 ? 5    ARG A NE  1 
ATOM   17   C CZ  . ARG A 1 5   ? 3.469   14.402  -11.646 1.00 44.88 ? 5    ARG A CZ  1 
ATOM   18   N NH1 . ARG A 1 5   ? 4.769   14.629  -11.508 1.00 44.04 ? 5    ARG A NH1 1 
ATOM   19   N NH2 . ARG A 1 5   ? 2.678   15.341  -12.142 1.00 46.54 ? 5    ARG A NH2 1 
ATOM   20   N N   . GLY A 1 6   ? 2.207   7.539   -12.678 1.00 35.64 ? 6    GLY A N   1 
ATOM   21   C CA  . GLY A 1 6   ? 1.185   6.543   -12.430 1.00 32.63 ? 6    GLY A CA  1 
ATOM   22   C C   . GLY A 1 6   ? 0.686   6.681   -10.991 1.00 32.04 ? 6    GLY A C   1 
ATOM   23   O O   . GLY A 1 6   ? 1.230   7.463   -10.213 1.00 31.44 ? 6    GLY A O   1 
ATOM   24   N N   . LEU A 1 7   ? -0.347  5.926   -10.636 1.00 31.17 ? 7    LEU A N   1 
ATOM   25   C CA  . LEU A 1 7   ? -0.917  5.957   -9.288  1.00 31.02 ? 7    LEU A CA  1 
ATOM   26   C C   . LEU A 1 7   ? -1.303  4.539   -8.906  1.00 29.89 ? 7    LEU A C   1 
ATOM   27   O O   . LEU A 1 7   ? -1.942  3.820   -9.676  1.00 31.44 ? 7    LEU A O   1 
ATOM   28   C CB  . LEU A 1 7   ? -2.182  6.856   -9.228  1.00 32.49 ? 7    LEU A CB  1 
ATOM   29   C CG  . LEU A 1 7   ? -3.104  6.615   -8.014  1.00 33.28 ? 7    LEU A CG  1 
ATOM   30   C CD1 . LEU A 1 7   ? -2.471  7.235   -6.796  1.00 35.28 ? 7    LEU A CD1 1 
ATOM   31   C CD2 . LEU A 1 7   ? -4.472  7.236   -8.236  1.00 36.14 ? 7    LEU A CD2 1 
ATOM   32   N N   . LEU A 1 8   ? -0.923  4.158   -7.697  1.00 29.63 ? 8    LEU A N   1 
ATOM   33   C CA  . LEU A 1 8   ? -1.203  2.848   -7.154  1.00 27.38 ? 8    LEU A CA  1 
ATOM   34   C C   . LEU A 1 8   ? -1.841  3.084   -5.782  1.00 27.43 ? 8    LEU A C   1 
ATOM   35   O O   . LEU A 1 8   ? -1.384  3.937   -5.024  1.00 25.47 ? 8    LEU A O   1 
ATOM   36   C CB  . LEU A 1 8   ? 0.120   2.091   -6.981  1.00 29.74 ? 8    LEU A CB  1 
ATOM   37   C CG  . LEU A 1 8   ? 0.197   0.871   -6.070  1.00 30.34 ? 8    LEU A CG  1 
ATOM   38   C CD1 . LEU A 1 8   ? -0.622  -0.226  -6.666  1.00 34.42 ? 8    LEU A CD1 1 
ATOM   39   C CD2 . LEU A 1 8   ? 1.645   0.390   -5.950  1.00 34.17 ? 8    LEU A CD2 1 
ATOM   40   N N   . VAL A 1 9   ? -2.874  2.321   -5.458  1.00 27.24 ? 9    VAL A N   1 
ATOM   41   C CA  . VAL A 1 9   ? -3.521  2.462   -4.157  1.00 29.40 ? 9    VAL A CA  1 
ATOM   42   C C   . VAL A 1 9   ? -3.562  1.118   -3.462  1.00 29.26 ? 9    VAL A C   1 
ATOM   43   O O   . VAL A 1 9   ? -3.920  0.113   -4.076  1.00 30.27 ? 9    VAL A O   1 
ATOM   44   C CB  . VAL A 1 9   ? -4.985  2.906   -4.254  1.00 30.23 ? 9    VAL A CB  1 
ATOM   45   C CG1 . VAL A 1 9   ? -5.509  3.183   -2.826  1.00 31.42 ? 9    VAL A CG1 1 
ATOM   46   C CG2 . VAL A 1 9   ? -5.115  4.134   -5.142  1.00 31.89 ? 9    VAL A CG2 1 
ATOM   47   N N   . GLY A 1 10  ? -3.245  1.119   -2.177  1.00 29.55 ? 10   GLY A N   1 
ATOM   48   C CA  . GLY A 1 10  ? -3.274  -0.111  -1.400  1.00 30.06 ? 10   GLY A CA  1 
ATOM   49   C C   . GLY A 1 10  ? -3.263  0.187   0.091   1.00 29.48 ? 10   GLY A C   1 
ATOM   50   O O   . GLY A 1 10  ? -2.802  1.245   0.511   1.00 29.44 ? 10   GLY A O   1 
ATOM   51   N N   . ARG A 1 11  ? -3.765  -0.739  0.902   1.00 29.43 ? 11   ARG A N   1 
ATOM   52   C CA  . ARG A 1 11  ? -3.776  -0.528  2.349   1.00 29.24 ? 11   ARG A CA  1 
ATOM   53   C C   . ARG A 1 11  ? -2.393  -0.774  2.957   1.00 29.08 ? 11   ARG A C   1 
ATOM   54   O O   . ARG A 1 11  ? -2.021  -0.157  3.974   1.00 26.94 ? 11   ARG A O   1 
ATOM   55   C CB  . ARG A 1 11  ? -4.839  -1.436  3.002   1.00 30.91 ? 11   ARG A CB  1 
ATOM   56   C CG  . ARG A 1 11  ? -6.248  -0.817  2.981   1.00 31.56 ? 11   ARG A CG  1 
ATOM   57   C CD  . ARG A 1 11  ? -7.410  -1.780  3.312   1.00 33.14 ? 11   ARG A CD  1 
ATOM   58   N NE  . ARG A 1 11  ? -7.076  -2.828  4.284   1.00 33.47 ? 11   ARG A NE  1 
ATOM   59   C CZ  . ARG A 1 11  ? -6.697  -4.058  3.929   1.00 34.48 ? 11   ARG A CZ  1 
ATOM   60   N NH1 . ARG A 1 11  ? -6.613  -4.372  2.645   1.00 33.05 ? 11   ARG A NH1 1 
ATOM   61   N NH2 . ARG A 1 11  ? -6.401  -4.972  4.846   1.00 32.43 ? 11   ARG A NH2 1 
ATOM   62   N N   . MET A 1 12  ? -1.633  -1.673  2.324   1.00 29.38 ? 12   MET A N   1 
ATOM   63   C CA  . MET A 1 12  ? -0.279  -2.003  2.785   1.00 30.79 ? 12   MET A CA  1 
ATOM   64   C C   . MET A 1 12  ? -0.294  -2.456  4.255   1.00 29.63 ? 12   MET A C   1 
ATOM   65   O O   . MET A 1 12  ? 0.412   -1.895  5.085   1.00 28.97 ? 12   MET A O   1 
ATOM   66   C CB  . MET A 1 12  ? 0.623   -0.775  2.653   1.00 32.03 ? 12   MET A CB  1 
ATOM   67   C CG  . MET A 1 12  ? 0.392   0.032   1.388   1.00 34.98 ? 12   MET A CG  1 
ATOM   68   S SD  . MET A 1 12  ? 0.679   -0.952  -0.072  1.00 40.30 ? 12   MET A SD  1 
ATOM   69   C CE  . MET A 1 12  ? 0.934   0.309   -1.301  1.00 37.74 ? 12   MET A CE  1 
ATOM   70   N N   . GLN A 1 13  ? -1.088  -3.476  4.553   1.00 29.08 ? 13   GLN A N   1 
ATOM   71   C CA  . GLN A 1 13  ? -1.241  -3.960  5.923   1.00 29.11 ? 13   GLN A CA  1 
ATOM   72   C C   . GLN A 1 13  ? -0.715  -5.392  6.172   1.00 29.02 ? 13   GLN A C   1 
ATOM   73   O O   . GLN A 1 13  ? -1.507  -6.314  6.318   1.00 29.81 ? 13   GLN A O   1 
ATOM   74   C CB  . GLN A 1 13  ? -2.736  -3.894  6.289   1.00 29.42 ? 13   GLN A CB  1 
ATOM   75   C CG  . GLN A 1 13  ? -3.294  -2.483  6.505   1.00 27.34 ? 13   GLN A CG  1 
ATOM   76   C CD  . GLN A 1 13  ? -2.912  -1.918  7.855   1.00 27.06 ? 13   GLN A CD  1 
ATOM   77   O OE1 . GLN A 1 13  ? -1.974  -2.402  8.503   1.00 26.27 ? 13   GLN A OE1 1 
ATOM   78   N NE2 . GLN A 1 13  ? -3.641  -0.885  8.301   1.00 26.20 ? 13   GLN A NE2 1 
ATOM   79   N N   . PRO A 1 14  ? 0.618   -5.600  6.183   1.00 28.91 ? 14   PRO A N   1 
ATOM   80   C CA  . PRO A 1 14  ? 1.722   -4.657  5.955   1.00 28.74 ? 14   PRO A CA  1 
ATOM   81   C C   . PRO A 1 14  ? 2.202   -4.740  4.508   1.00 28.87 ? 14   PRO A C   1 
ATOM   82   O O   . PRO A 1 14  ? 1.722   -5.559  3.724   1.00 28.75 ? 14   PRO A O   1 
ATOM   83   C CB  . PRO A 1 14  ? 2.796   -5.136  6.935   1.00 29.33 ? 14   PRO A CB  1 
ATOM   84   C CG  . PRO A 1 14  ? 2.655   -6.657  6.822   1.00 28.88 ? 14   PRO A CG  1 
ATOM   85   C CD  . PRO A 1 14  ? 1.129   -6.882  6.726   1.00 30.21 ? 14   PRO A CD  1 
ATOM   86   N N   . PHE A 1 15  ? 3.164   -3.891  4.166   1.00 29.14 ? 15   PHE A N   1 
ATOM   87   C CA  . PHE A 1 15  ? 3.737   -3.851  2.820   1.00 30.58 ? 15   PHE A CA  1 
ATOM   88   C C   . PHE A 1 15  ? 4.529   -5.141  2.549   1.00 31.16 ? 15   PHE A C   1 
ATOM   89   O O   . PHE A 1 15  ? 5.562   -5.339  3.164   1.00 31.29 ? 15   PHE A O   1 
ATOM   90   C CB  . PHE A 1 15  ? 4.669   -2.646  2.738   1.00 30.30 ? 15   PHE A CB  1 
ATOM   91   C CG  . PHE A 1 15  ? 5.340   -2.483  1.418   1.00 32.12 ? 15   PHE A CG  1 
ATOM   92   C CD1 . PHE A 1 15  ? 4.591   -2.429  0.244   1.00 32.74 ? 15   PHE A CD1 1 
ATOM   93   C CD2 . PHE A 1 15  ? 6.706   -2.298  1.350   1.00 32.83 ? 15   PHE A CD2 1 
ATOM   94   C CE1 . PHE A 1 15  ? 5.203   -2.184  -0.972  1.00 34.46 ? 15   PHE A CE1 1 
ATOM   95   C CE2 . PHE A 1 15  ? 7.332   -2.049  0.133   1.00 34.61 ? 15   PHE A CE2 1 
ATOM   96   C CZ  . PHE A 1 15  ? 6.581   -1.989  -1.032  1.00 35.09 ? 15   PHE A CZ  1 
ATOM   97   N N   . HIS A 1 16  ? 4.063   -5.999  1.639   1.00 31.82 ? 16   HIS A N   1 
ATOM   98   C CA  . HIS A 1 16  ? 4.769   -7.250  1.357   1.00 32.12 ? 16   HIS A CA  1 
ATOM   99   C C   . HIS A 1 16  ? 5.638   -7.305  0.103   1.00 33.39 ? 16   HIS A C   1 
ATOM   100  O O   . HIS A 1 16  ? 5.713   -6.346  -0.667  1.00 31.64 ? 16   HIS A O   1 
ATOM   101  C CB  . HIS A 1 16  ? 3.783   -8.413  1.328   1.00 33.45 ? 16   HIS A CB  1 
ATOM   102  C CG  . HIS A 1 16  ? 2.721   -8.291  0.274   1.00 35.62 ? 16   HIS A CG  1 
ATOM   103  N ND1 . HIS A 1 16  ? 1.376   -8.206  0.577   1.00 35.41 ? 16   HIS A ND1 1 
ATOM   104  C CD2 . HIS A 1 16  ? 2.802   -8.327  -1.077  1.00 34.34 ? 16   HIS A CD2 1 
ATOM   105  C CE1 . HIS A 1 16  ? 0.674   -8.199  -0.541  1.00 35.72 ? 16   HIS A CE1 1 
ATOM   106  N NE2 . HIS A 1 16  ? 1.517   -8.274  -1.558  1.00 37.28 ? 16   HIS A NE2 1 
ATOM   107  N N   . ARG A 1 17  ? 6.307   -8.445  -0.083  1.00 33.83 ? 17   ARG A N   1 
ATOM   108  C CA  . ARG A 1 17  ? 7.204   -8.654  -1.222  1.00 35.17 ? 17   ARG A CA  1 
ATOM   109  C C   . ARG A 1 17  ? 6.531   -8.501  -2.570  1.00 35.13 ? 17   ARG A C   1 
ATOM   110  O O   . ARG A 1 17  ? 7.101   -7.912  -3.492  1.00 35.25 ? 17   ARG A O   1 
ATOM   111  C CB  . ARG A 1 17  ? 7.862   -10.041 -1.139  1.00 36.92 ? 17   ARG A CB  1 
ATOM   112  C CG  . ARG A 1 17  ? 8.965   -10.127 -0.120  1.00 39.59 ? 17   ARG A CG  1 
ATOM   113  C CD  . ARG A 1 17  ? 9.556   -11.547 -0.042  1.00 44.07 ? 17   ARG A CD  1 
ATOM   114  N NE  . ARG A 1 17  ? 10.510  -11.659 1.066   1.00 47.01 ? 17   ARG A NE  1 
ATOM   115  C CZ  . ARG A 1 17  ? 11.736  -11.136 1.054   1.00 49.01 ? 17   ARG A CZ  1 
ATOM   116  N NH1 . ARG A 1 17  ? 12.163  -10.468 -0.012  1.00 50.11 ? 17   ARG A NH1 1 
ATOM   117  N NH2 . ARG A 1 17  ? 12.538  -11.270 2.110   1.00 49.69 ? 17   ARG A NH2 1 
ATOM   118  N N   . GLY A 1 18  ? 5.331   -9.052  -2.689  1.00 34.93 ? 18   GLY A N   1 
ATOM   119  C CA  . GLY A 1 18  ? 4.595   -8.952  -3.938  1.00 36.38 ? 18   GLY A CA  1 
ATOM   120  C C   . GLY A 1 18  ? 4.342   -7.506  -4.333  1.00 36.77 ? 18   GLY A C   1 
ATOM   121  O O   . GLY A 1 18  ? 4.536   -7.128  -5.492  1.00 36.95 ? 18   GLY A O   1 
ATOM   122  N N   . ALA A 1 19  ? 3.924   -6.688  -3.367  1.00 36.79 ? 19   ALA A N   1 
ATOM   123  C CA  . ALA A 1 19  ? 3.653   -5.279  -3.628  1.00 37.14 ? 19   ALA A CA  1 
ATOM   124  C C   . ALA A 1 19  ? 4.934   -4.559  -4.041  1.00 37.90 ? 19   ALA A C   1 
ATOM   125  O O   . ALA A 1 19  ? 4.922   -3.657  -4.895  1.00 35.41 ? 19   ALA A O   1 
ATOM   126  C CB  . ALA A 1 19  ? 3.059   -4.623  -2.394  1.00 35.31 ? 19   ALA A CB  1 
ATOM   127  N N   . LEU A 1 20  ? 6.049   -4.949  -3.434  1.00 38.89 ? 20   LEU A N   1 
ATOM   128  C CA  . LEU A 1 20  ? 7.315   -4.322  -3.782  1.00 41.08 ? 20   LEU A CA  1 
ATOM   129  C C   . LEU A 1 20  ? 7.643   -4.681  -5.228  1.00 42.18 ? 20   LEU A C   1 
ATOM   130  O O   . LEU A 1 20  ? 8.027   -3.813  -6.013  1.00 42.47 ? 20   LEU A O   1 
ATOM   131  C CB  . LEU A 1 20  ? 8.435   -4.790  -2.843  1.00 41.79 ? 20   LEU A CB  1 
ATOM   132  C CG  . LEU A 1 20  ? 9.858   -4.275  -3.105  1.00 42.53 ? 20   LEU A CG  1 
ATOM   133  C CD1 . LEU A 1 20  ? 9.842   -2.783  -3.340  1.00 41.48 ? 20   LEU A CD1 1 
ATOM   134  C CD2 . LEU A 1 20  ? 10.753  -4.621  -1.917  1.00 43.17 ? 20   LEU A CD2 1 
ATOM   135  N N   . GLN A 1 21  ? 7.479   -5.952  -5.581  1.00 43.54 ? 21   GLN A N   1 
ATOM   136  C CA  . GLN A 1 21  ? 7.750   -6.381  -6.948  1.00 44.90 ? 21   GLN A CA  1 
ATOM   137  C C   . GLN A 1 21  ? 6.924   -5.581  -7.947  1.00 44.45 ? 21   GLN A C   1 
ATOM   138  O O   . GLN A 1 21  ? 7.461   -5.075  -8.930  1.00 43.98 ? 21   GLN A O   1 
ATOM   139  C CB  . GLN A 1 21  ? 7.438   -7.862  -7.132  1.00 46.85 ? 21   GLN A CB  1 
ATOM   140  C CG  . GLN A 1 21  ? 8.448   -8.787  -6.482  1.00 51.58 ? 21   GLN A CG  1 
ATOM   141  C CD  . GLN A 1 21  ? 8.202   -10.225 -6.855  1.00 54.24 ? 21   GLN A CD  1 
ATOM   142  O OE1 . GLN A 1 21  ? 8.239   -10.585 -8.043  1.00 56.17 ? 21   GLN A OE1 1 
ATOM   143  N NE2 . GLN A 1 21  ? 7.936   -11.066 -5.851  1.00 54.55 ? 21   GLN A NE2 1 
ATOM   144  N N   . VAL A 1 22  ? 5.618   -5.478  -7.696  1.00 44.02 ? 22   VAL A N   1 
ATOM   145  C CA  . VAL A 1 22  ? 4.742   -4.729  -8.595  1.00 43.38 ? 22   VAL A CA  1 
ATOM   146  C C   . VAL A 1 22  ? 5.189   -3.267  -8.718  1.00 41.32 ? 22   VAL A C   1 
ATOM   147  O O   . VAL A 1 22  ? 5.196   -2.705  -9.818  1.00 42.24 ? 22   VAL A O   1 
ATOM   148  C CB  . VAL A 1 22  ? 3.256   -4.818  -8.141  1.00 44.09 ? 22   VAL A CB  1 
ATOM   149  C CG1 . VAL A 1 22  ? 3.115   -4.364  -6.715  1.00 46.45 ? 22   VAL A CG1 1 
ATOM   150  C CG2 . VAL A 1 22  ? 2.376   -3.952  -9.038  1.00 45.35 ? 22   VAL A CG2 1 
ATOM   151  N N   . ILE A 1 23  ? 5.591   -2.653  -7.612  1.00 39.06 ? 23   ILE A N   1 
ATOM   152  C CA  . ILE A 1 23  ? 6.047   -1.274  -7.669  1.00 37.35 ? 23   ILE A CA  1 
ATOM   153  C C   . ILE A 1 23  ? 7.242   -1.124  -8.617  1.00 38.70 ? 23   ILE A C   1 
ATOM   154  O O   . ILE A 1 23  ? 7.304   -0.176  -9.411  1.00 36.87 ? 23   ILE A O   1 
ATOM   155  C CB  . ILE A 1 23  ? 6.402   -0.751  -6.264  1.00 36.28 ? 23   ILE A CB  1 
ATOM   156  C CG1 . ILE A 1 23  ? 5.097   -0.414  -5.518  1.00 33.82 ? 23   ILE A CG1 1 
ATOM   157  C CG2 . ILE A 1 23  ? 7.329   0.458   -6.359  1.00 34.44 ? 23   ILE A CG2 1 
ATOM   158  C CD1 . ILE A 1 23  ? 5.292   -0.051  -4.085  1.00 33.03 ? 23   ILE A CD1 1 
ATOM   159  N N   . LYS A 1 24  ? 8.181   -2.066  -8.551  1.00 39.09 ? 24   LYS A N   1 
ATOM   160  C CA  . LYS A 1 24  ? 9.350   -2.028  -9.426  1.00 40.60 ? 24   LYS A CA  1 
ATOM   161  C C   . LYS A 1 24  ? 8.959   -2.169  -10.895 1.00 39.80 ? 24   LYS A C   1 
ATOM   162  O O   . LYS A 1 24  ? 9.440   -1.435  -11.747 1.00 41.11 ? 24   LYS A O   1 
ATOM   163  C CB  . LYS A 1 24  ? 10.341  -3.130  -9.029  1.00 41.90 ? 24   LYS A CB  1 
ATOM   164  C CG  . LYS A 1 24  ? 11.039  -2.855  -7.711  1.00 43.75 ? 24   LYS A CG  1 
ATOM   165  C CD  . LYS A 1 24  ? 12.102  -3.911  -7.382  1.00 47.41 ? 24   LYS A CD  1 
ATOM   166  C CE  . LYS A 1 24  ? 13.006  -3.431  -6.243  1.00 48.32 ? 24   LYS A CE  1 
ATOM   167  N NZ  . LYS A 1 24  ? 14.078  -4.419  -5.911  1.00 51.15 ? 24   LYS A NZ  1 
ATOM   168  N N   . SER A 1 25  ? 8.080   -3.107  -11.194 1.00 40.77 ? 25   SER A N   1 
ATOM   169  C CA  . SER A 1 25  ? 7.644   -3.295  -12.571 1.00 42.27 ? 25   SER A CA  1 
ATOM   170  C C   . SER A 1 25  ? 6.955   -2.030  -13.083 1.00 42.07 ? 25   SER A C   1 
ATOM   171  O O   . SER A 1 25  ? 7.150   -1.627  -14.237 1.00 41.23 ? 25   SER A O   1 
ATOM   172  C CB  . SER A 1 25  ? 6.678   -4.477  -12.675 1.00 43.88 ? 25   SER A CB  1 
ATOM   173  O OG  . SER A 1 25  ? 5.508   -4.243  -11.914 1.00 48.68 ? 25   SER A OG  1 
ATOM   174  N N   . ILE A 1 26  ? 6.155   -1.407  -12.217 1.00 41.15 ? 26   ILE A N   1 
ATOM   175  C CA  . ILE A 1 26  ? 5.440   -0.188  -12.584 1.00 40.22 ? 26   ILE A CA  1 
ATOM   176  C C   . ILE A 1 26  ? 6.440   0.916   -12.903 1.00 40.36 ? 26   ILE A C   1 
ATOM   177  O O   . ILE A 1 26  ? 6.258   1.655   -13.864 1.00 40.08 ? 26   ILE A O   1 
ATOM   178  C CB  . ILE A 1 26  ? 4.497   0.296   -11.442 1.00 39.63 ? 26   ILE A CB  1 
ATOM   179  C CG1 . ILE A 1 26  ? 3.302   -0.652  -11.321 1.00 38.93 ? 26   ILE A CG1 1 
ATOM   180  C CG2 . ILE A 1 26  ? 4.004   1.715   -11.731 1.00 38.56 ? 26   ILE A CG2 1 
ATOM   181  C CD1 . ILE A 1 26  ? 2.447   -0.405  -10.085 1.00 39.81 ? 26   ILE A CD1 1 
ATOM   182  N N   . LEU A 1 27  ? 7.495   1.018   -12.100 1.00 39.90 ? 27   LEU A N   1 
ATOM   183  C CA  . LEU A 1 27  ? 8.503   2.047   -12.320 1.00 41.82 ? 27   LEU A CA  1 
ATOM   184  C C   . LEU A 1 27  ? 9.325   1.853   -13.598 1.00 43.73 ? 27   LEU A C   1 
ATOM   185  O O   . LEU A 1 27  ? 10.193  2.666   -13.907 1.00 43.16 ? 27   LEU A O   1 
ATOM   186  C CB  . LEU A 1 27  ? 9.436   2.154   -11.111 1.00 40.75 ? 27   LEU A CB  1 
ATOM   187  C CG  . LEU A 1 27  ? 8.827   2.852   -9.888  1.00 40.50 ? 27   LEU A CG  1 
ATOM   188  C CD1 . LEU A 1 27  ? 9.886   3.009   -8.796  1.00 39.66 ? 27   LEU A CD1 1 
ATOM   189  C CD2 . LEU A 1 27  ? 8.278   4.223   -10.297 1.00 39.76 ? 27   LEU A CD2 1 
ATOM   190  N N   . GLU A 1 28  ? 9.042   0.782   -14.333 1.00 45.88 ? 28   GLU A N   1 
ATOM   191  C CA  . GLU A 1 28  ? 9.736   0.535   -15.582 1.00 48.94 ? 28   GLU A CA  1 
ATOM   192  C C   . GLU A 1 28  ? 8.995   1.251   -16.703 1.00 49.61 ? 28   GLU A C   1 
ATOM   193  O O   . GLU A 1 28  ? 9.606   1.614   -17.706 1.00 50.10 ? 28   GLU A O   1 
ATOM   194  C CB  . GLU A 1 28  ? 9.790   -0.961  -15.893 1.00 51.22 ? 28   GLU A CB  1 
ATOM   195  C CG  . GLU A 1 28  ? 10.519  -1.765  -14.837 1.00 54.62 ? 28   GLU A CG  1 
ATOM   196  C CD  . GLU A 1 28  ? 10.819  -3.179  -15.278 1.00 55.87 ? 28   GLU A CD  1 
ATOM   197  O OE1 . GLU A 1 28  ? 9.879   -3.897  -15.685 1.00 57.53 ? 28   GLU A OE1 1 
ATOM   198  O OE2 . GLU A 1 28  ? 12.002  -3.572  -15.203 1.00 57.25 ? 28   GLU A OE2 1 
ATOM   199  N N   . GLU A 1 29  ? 7.689   1.460   -16.530 1.00 49.16 ? 29   GLU A N   1 
ATOM   200  C CA  . GLU A 1 29  ? 6.890   2.127   -17.556 1.00 49.21 ? 29   GLU A CA  1 
ATOM   201  C C   . GLU A 1 29  ? 6.402   3.547   -17.273 1.00 48.07 ? 29   GLU A C   1 
ATOM   202  O O   . GLU A 1 29  ? 5.745   4.157   -18.120 1.00 48.27 ? 29   GLU A O   1 
ATOM   203  C CB  . GLU A 1 29  ? 5.704   1.253   -17.954 1.00 51.07 ? 29   GLU A CB  1 
ATOM   204  C CG  . GLU A 1 29  ? 4.875   0.721   -16.819 1.00 54.49 ? 29   GLU A CG  1 
ATOM   205  C CD  . GLU A 1 29  ? 3.836   -0.272  -17.308 1.00 56.15 ? 29   GLU A CD  1 
ATOM   206  O OE1 . GLU A 1 29  ? 2.770   0.150   -17.805 1.00 57.19 ? 29   GLU A OE1 1 
ATOM   207  O OE2 . GLU A 1 29  ? 4.096   -1.487  -17.219 1.00 58.00 ? 29   GLU A OE2 1 
ATOM   208  N N   . VAL A 1 30  ? 6.701   4.075   -16.093 1.00 45.77 ? 30   VAL A N   1 
ATOM   209  C CA  . VAL A 1 30  ? 6.314   5.446   -15.776 1.00 44.42 ? 30   VAL A CA  1 
ATOM   210  C C   . VAL A 1 30  ? 7.499   6.107   -15.092 1.00 43.46 ? 30   VAL A C   1 
ATOM   211  O O   . VAL A 1 30  ? 8.324   5.437   -14.476 1.00 43.45 ? 30   VAL A O   1 
ATOM   212  C CB  . VAL A 1 30  ? 5.059   5.526   -14.826 1.00 44.56 ? 30   VAL A CB  1 
ATOM   213  C CG1 . VAL A 1 30  ? 3.925   4.692   -15.384 1.00 43.83 ? 30   VAL A CG1 1 
ATOM   214  C CG2 . VAL A 1 30  ? 5.426   5.077   -13.411 1.00 44.45 ? 30   VAL A CG2 1 
ATOM   215  N N   . ASP A 1 31  ? 7.585   7.421   -15.194 1.00 42.39 ? 31   ASP A N   1 
ATOM   216  C CA  . ASP A 1 31  ? 8.679   8.143   -14.577 1.00 43.20 ? 31   ASP A CA  1 
ATOM   217  C C   . ASP A 1 31  ? 8.580   8.185   -13.060 1.00 42.26 ? 31   ASP A C   1 
ATOM   218  O O   . ASP A 1 31  ? 9.572   7.968   -12.367 1.00 41.86 ? 31   ASP A O   1 
ATOM   219  C CB  . ASP A 1 31  ? 8.730   9.566   -15.130 1.00 44.36 ? 31   ASP A CB  1 
ATOM   220  C CG  . ASP A 1 31  ? 8.946   9.586   -16.637 1.00 46.30 ? 31   ASP A CG  1 
ATOM   221  O OD1 . ASP A 1 31  ? 10.019  9.141   -17.073 1.00 47.90 ? 31   ASP A OD1 1 
ATOM   222  O OD2 . ASP A 1 31  ? 8.047   10.029  -17.383 1.00 47.70 ? 31   ASP A OD2 1 
ATOM   223  N N   . GLU A 1 32  ? 7.387   8.485   -12.553 1.00 40.97 ? 32   GLU A N   1 
ATOM   224  C CA  . GLU A 1 32  ? 7.172   8.569   -11.115 1.00 38.67 ? 32   GLU A CA  1 
ATOM   225  C C   . GLU A 1 32  ? 5.914   7.801   -10.746 1.00 37.32 ? 32   GLU A C   1 
ATOM   226  O O   . GLU A 1 32  ? 5.030   7.584   -11.582 1.00 36.56 ? 32   GLU A O   1 
ATOM   227  C CB  . GLU A 1 32  ? 7.021   10.018  -10.669 1.00 39.49 ? 32   GLU A CB  1 
ATOM   228  C CG  . GLU A 1 32  ? 8.103   10.959  -11.184 1.00 41.66 ? 32   GLU A CG  1 
ATOM   229  C CD  . GLU A 1 32  ? 7.913   12.385  -10.695 1.00 41.60 ? 32   GLU A CD  1 
ATOM   230  O OE1 . GLU A 1 32  ? 6.763   12.783  -10.406 1.00 41.13 ? 32   GLU A OE1 1 
ATOM   231  O OE2 . GLU A 1 32  ? 8.914   13.122  -10.616 1.00 43.94 ? 32   GLU A OE2 1 
ATOM   232  N N   . LEU A 1 33  ? 5.837   7.386   -9.490  1.00 34.48 ? 33   LEU A N   1 
ATOM   233  C CA  . LEU A 1 33  ? 4.676   6.645   -9.045  1.00 33.12 ? 33   LEU A CA  1 
ATOM   234  C C   . LEU A 1 33  ? 4.125   7.243   -7.756  1.00 31.31 ? 33   LEU A C   1 
ATOM   235  O O   . LEU A 1 33  ? 4.869   7.490   -6.795  1.00 30.51 ? 33   LEU A O   1 
ATOM   236  C CB  . LEU A 1 33  ? 5.033   5.167   -8.813  1.00 34.89 ? 33   LEU A CB  1 
ATOM   237  C CG  . LEU A 1 33  ? 3.923   4.292   -8.206  1.00 34.76 ? 33   LEU A CG  1 
ATOM   238  C CD1 . LEU A 1 33  ? 2.720   4.273   -9.130  1.00 34.60 ? 33   LEU A CD1 1 
ATOM   239  C CD2 . LEU A 1 33  ? 4.440   2.873   -7.978  1.00 34.32 ? 33   LEU A CD2 1 
ATOM   240  N N   . ILE A 1 34  ? 2.824   7.514   -7.755  1.00 29.07 ? 34   ILE A N   1 
ATOM   241  C CA  . ILE A 1 34  ? 2.192   8.028   -6.552  1.00 26.84 ? 34   ILE A CA  1 
ATOM   242  C C   . ILE A 1 34  ? 1.684   6.764   -5.873  1.00 25.76 ? 34   ILE A C   1 
ATOM   243  O O   . ILE A 1 34  ? 0.920   5.986   -6.460  1.00 25.89 ? 34   ILE A O   1 
ATOM   244  C CB  . ILE A 1 34  ? 0.976   8.930   -6.845  1.00 28.06 ? 34   ILE A CB  1 
ATOM   245  C CG1 . ILE A 1 34  ? 1.418   10.188  -7.610  1.00 27.51 ? 34   ILE A CG1 1 
ATOM   246  C CG2 . ILE A 1 34  ? 0.307   9.307   -5.518  1.00 27.36 ? 34   ILE A CG2 1 
ATOM   247  C CD1 . ILE A 1 34  ? 0.266   10.903  -8.325  1.00 27.64 ? 34   ILE A CD1 1 
ATOM   248  N N   . ILE A 1 35  ? 2.124   6.551   -4.649  1.00 26.56 ? 35   ILE A N   1 
ATOM   249  C CA  . ILE A 1 35  ? 1.696   5.374   -3.905  1.00 27.35 ? 35   ILE A CA  1 
ATOM   250  C C   . ILE A 1 35  ? 0.754   5.857   -2.800  1.00 27.16 ? 35   ILE A C   1 
ATOM   251  O O   . ILE A 1 35  ? 1.201   6.462   -1.822  1.00 26.08 ? 35   ILE A O   1 
ATOM   252  C CB  . ILE A 1 35  ? 2.901   4.664   -3.260  1.00 28.12 ? 35   ILE A CB  1 
ATOM   253  C CG1 . ILE A 1 35  ? 3.947   4.317   -4.329  1.00 28.06 ? 35   ILE A CG1 1 
ATOM   254  C CG2 . ILE A 1 35  ? 2.413   3.412   -2.562  1.00 28.83 ? 35   ILE A CG2 1 
ATOM   255  C CD1 . ILE A 1 35  ? 5.287   3.848   -3.755  1.00 28.61 ? 35   ILE A CD1 1 
ATOM   256  N N   . CYS A 1 36  ? -0.543  5.631   -2.975  1.00 27.66 ? 36   CYS A N   1 
ATOM   257  C CA  . CYS A 1 36  ? -1.511  6.058   -1.959  1.00 28.20 ? 36   CYS A CA  1 
ATOM   258  C C   . CYS A 1 36  ? -1.751  4.958   -0.939  1.00 26.56 ? 36   CYS A C   1 
ATOM   259  O O   . CYS A 1 36  ? -2.065  3.838   -1.311  1.00 26.82 ? 36   CYS A O   1 
ATOM   260  C CB  . CYS A 1 36  ? -2.856  6.412   -2.592  1.00 28.47 ? 36   CYS A CB  1 
ATOM   261  S SG  . CYS A 1 36  ? -2.793  7.940   -3.574  1.00 32.57 ? 36   CYS A SG  1 
ATOM   262  N N   . ILE A 1 37  ? -1.605  5.288   0.336   1.00 25.27 ? 37   ILE A N   1 
ATOM   263  C CA  . ILE A 1 37  ? -1.865  4.306   1.382   1.00 26.17 ? 37   ILE A CA  1 
ATOM   264  C C   . ILE A 1 37  ? -3.325  4.475   1.740   1.00 26.00 ? 37   ILE A C   1 
ATOM   265  O O   . ILE A 1 37  ? -3.703  5.436   2.419   1.00 27.31 ? 37   ILE A O   1 
ATOM   266  C CB  . ILE A 1 37  ? -0.990  4.546   2.618   1.00 24.54 ? 37   ILE A CB  1 
ATOM   267  C CG1 . ILE A 1 37  ? 0.478   4.357   2.254   1.00 23.69 ? 37   ILE A CG1 1 
ATOM   268  C CG2 . ILE A 1 37  ? -1.363  3.555   3.720   1.00 25.43 ? 37   ILE A CG2 1 
ATOM   269  C CD1 . ILE A 1 37  ? 1.443   4.805   3.362   1.00 25.80 ? 37   ILE A CD1 1 
ATOM   270  N N   . GLY A 1 38  ? -4.148  3.551   1.268   1.00 26.06 ? 38   GLY A N   1 
ATOM   271  C CA  . GLY A 1 38  ? -5.572  3.626   1.529   1.00 27.82 ? 38   GLY A CA  1 
ATOM   272  C C   . GLY A 1 38  ? -5.927  3.357   2.977   1.00 28.82 ? 38   GLY A C   1 
ATOM   273  O O   . GLY A 1 38  ? -5.083  2.893   3.745   1.00 28.24 ? 38   GLY A O   1 
ATOM   274  N N   . SER A 1 39  ? -7.178  3.646   3.341   1.00 27.87 ? 39   SER A N   1 
ATOM   275  C CA  . SER A 1 39  ? -7.676  3.449   4.706   1.00 27.15 ? 39   SER A CA  1 
ATOM   276  C C   . SER A 1 39  ? -6.698  3.980   5.733   1.00 26.81 ? 39   SER A C   1 
ATOM   277  O O   . SER A 1 39  ? -6.403  3.329   6.739   1.00 26.94 ? 39   SER A O   1 
ATOM   278  C CB  . SER A 1 39  ? -7.948  1.975   4.969   1.00 26.72 ? 39   SER A CB  1 
ATOM   279  O OG  . SER A 1 39  ? -8.920  1.497   4.051   1.00 28.92 ? 39   SER A OG  1 
ATOM   280  N N   . ALA A 1 40  ? -6.189  5.175   5.476   1.00 26.87 ? 40   ALA A N   1 
ATOM   281  C CA  . ALA A 1 40  ? -5.233  5.788   6.383   1.00 25.70 ? 40   ALA A CA  1 
ATOM   282  C C   . ALA A 1 40  ? -5.805  6.050   7.771   1.00 26.00 ? 40   ALA A C   1 
ATOM   283  O O   . ALA A 1 40  ? -5.047  6.304   8.713   1.00 25.48 ? 40   ALA A O   1 
ATOM   284  C CB  . ALA A 1 40  ? -4.705  7.097   5.783   1.00 26.51 ? 40   ALA A CB  1 
ATOM   285  N N   . GLN A 1 41  ? -7.127  5.987   7.923   1.00 25.25 ? 41   GLN A N   1 
ATOM   286  C CA  . GLN A 1 41  ? -7.699  6.273   9.228   1.00 27.23 ? 41   GLN A CA  1 
ATOM   287  C C   . GLN A 1 41  ? -7.863  5.026   10.110  1.00 27.31 ? 41   GLN A C   1 
ATOM   288  O O   . GLN A 1 41  ? -8.101  5.149   11.306  1.00 28.06 ? 41   GLN A O   1 
ATOM   289  C CB  . GLN A 1 41  ? -9.068  6.993   9.083   1.00 26.62 ? 41   GLN A CB  1 
ATOM   290  C CG  . GLN A 1 41  ? -10.284 6.099   8.750   1.00 26.36 ? 41   GLN A CG  1 
ATOM   291  C CD  . GLN A 1 41  ? -10.271 5.511   7.307   1.00 29.47 ? 41   GLN A CD  1 
ATOM   292  O OE1 . GLN A 1 41  ? -9.501  5.934   6.447   1.00 26.56 ? 41   GLN A OE1 1 
ATOM   293  N NE2 . GLN A 1 41  ? -11.141 4.528   7.063   1.00 28.98 ? 41   GLN A NE2 1 
ATOM   294  N N   . LEU A 1 42  ? -7.737  3.843   9.519   1.00 27.89 ? 42   LEU A N   1 
ATOM   295  C CA  . LEU A 1 42  ? -7.907  2.587   10.254  1.00 28.60 ? 42   LEU A CA  1 
ATOM   296  C C   . LEU A 1 42  ? -6.588  2.064   10.817  1.00 29.09 ? 42   LEU A C   1 
ATOM   297  O O   . LEU A 1 42  ? -5.558  2.129   10.159  1.00 29.34 ? 42   LEU A O   1 
ATOM   298  C CB  . LEU A 1 42  ? -8.521  1.508   9.346   1.00 27.96 ? 42   LEU A CB  1 
ATOM   299  C CG  . LEU A 1 42  ? -9.842  1.848   8.650   1.00 28.17 ? 42   LEU A CG  1 
ATOM   300  C CD1 . LEU A 1 42  ? -10.347 0.676   7.834   1.00 26.34 ? 42   LEU A CD1 1 
ATOM   301  C CD2 . LEU A 1 42  ? -10.882 2.229   9.708   1.00 30.07 ? 42   LEU A CD2 1 
ATOM   302  N N   . SER A 1 43  ? -6.632  1.579   12.052  1.00 27.45 ? 43   SER A N   1 
ATOM   303  C CA  . SER A 1 43  ? -5.464  1.002   12.701  1.00 27.39 ? 43   SER A CA  1 
ATOM   304  C C   . SER A 1 43  ? -5.976  0.117   13.847  1.00 27.52 ? 43   SER A C   1 
ATOM   305  O O   . SER A 1 43  ? -7.162  0.139   14.176  1.00 26.10 ? 43   SER A O   1 
ATOM   306  C CB  . SER A 1 43  ? -4.527  2.075   13.272  1.00 26.06 ? 43   SER A CB  1 
ATOM   307  O OG  . SER A 1 43  ? -5.045  2.680   14.450  1.00 25.15 ? 43   SER A OG  1 
ATOM   308  N N   . HIS A 1 44  ? -5.073  -0.657  14.432  1.00 27.99 ? 44   HIS A N   1 
ATOM   309  C CA  . HIS A 1 44  ? -5.421  -1.524  15.555  1.00 27.86 ? 44   HIS A CA  1 
ATOM   310  C C   . HIS A 1 44  ? -6.637  -2.425  15.383  1.00 29.10 ? 44   HIS A C   1 
ATOM   311  O O   . HIS A 1 44  ? -7.480  -2.509  16.270  1.00 30.33 ? 44   HIS A O   1 
ATOM   312  C CB  . HIS A 1 44  ? -5.594  -0.688  16.819  1.00 26.68 ? 44   HIS A CB  1 
ATOM   313  C CG  . HIS A 1 44  ? -4.386  0.117   17.173  1.00 26.50 ? 44   HIS A CG  1 
ATOM   314  N ND1 . HIS A 1 44  ? -4.079  1.308   16.548  1.00 27.12 ? 44   HIS A ND1 1 
ATOM   315  C CD2 . HIS A 1 44  ? -3.382  -0.116  18.051  1.00 26.82 ? 44   HIS A CD2 1 
ATOM   316  C CE1 . HIS A 1 44  ? -2.941  1.774   17.024  1.00 27.39 ? 44   HIS A CE1 1 
ATOM   317  N NE2 . HIS A 1 44  ? -2.496  0.930   17.940  1.00 27.22 ? 44   HIS A NE2 1 
ATOM   318  N N   . SER A 1 45  ? -6.756  -3.066  14.234  1.00 29.54 ? 45   SER A N   1 
ATOM   319  C CA  . SER A 1 45  ? -7.840  -4.015  14.038  1.00 32.49 ? 45   SER A CA  1 
ATOM   320  C C   . SER A 1 45  ? -7.154  -5.182  13.362  1.00 33.46 ? 45   SER A C   1 
ATOM   321  O O   . SER A 1 45  ? -5.999  -5.061  12.952  1.00 32.59 ? 45   SER A O   1 
ATOM   322  C CB  . SER A 1 45  ? -8.955  -3.474  13.145  1.00 32.17 ? 45   SER A CB  1 
ATOM   323  O OG  . SER A 1 45  ? -8.601  -3.561  11.781  1.00 34.01 ? 45   SER A OG  1 
ATOM   324  N N   . ILE A 1 46  ? -7.857  -6.302  13.262  1.00 34.79 ? 46   ILE A N   1 
ATOM   325  C CA  . ILE A 1 46  ? -7.331  -7.509  12.645  1.00 36.96 ? 46   ILE A CA  1 
ATOM   326  C C   . ILE A 1 46  ? -7.003  -7.333  11.160  1.00 36.10 ? 46   ILE A C   1 
ATOM   327  O O   . ILE A 1 46  ? -6.020  -7.877  10.655  1.00 36.01 ? 46   ILE A O   1 
ATOM   328  C CB  . ILE A 1 46  ? -8.353  -8.688  12.815  1.00 39.33 ? 46   ILE A CB  1 
ATOM   329  C CG1 . ILE A 1 46  ? -8.422  -9.108  14.289  1.00 41.41 ? 46   ILE A CG1 1 
ATOM   330  C CG2 . ILE A 1 46  ? -7.959  -9.878  11.955  1.00 40.80 ? 46   ILE A CG2 1 
ATOM   331  C CD1 . ILE A 1 46  ? -7.057  -9.449  14.908  1.00 40.98 ? 46   ILE A CD1 1 
ATOM   332  N N   . ARG A 1 47  ? -7.824  -6.568  10.459  1.00 35.07 ? 47   ARG A N   1 
ATOM   333  C CA  . ARG A 1 47  ? -7.621  -6.371  9.039   1.00 34.08 ? 47   ARG A CA  1 
ATOM   334  C C   . ARG A 1 47  ? -6.694  -5.193  8.750   1.00 32.20 ? 47   ARG A C   1 
ATOM   335  O O   . ARG A 1 47  ? -6.055  -5.124  7.700   1.00 30.53 ? 47   ARG A O   1 
ATOM   336  C CB  . ARG A 1 47  ? -8.985  -6.175  8.380   1.00 37.31 ? 47   ARG A CB  1 
ATOM   337  C CG  . ARG A 1 47  ? -8.966  -5.832  6.906   1.00 42.11 ? 47   ARG A CG  1 
ATOM   338  C CD  . ARG A 1 47  ? -10.393 -5.585  6.400   1.00 46.28 ? 47   ARG A CD  1 
ATOM   339  N NE  . ARG A 1 47  ? -10.415 -5.062  5.033   1.00 49.40 ? 47   ARG A NE  1 
ATOM   340  C CZ  . ARG A 1 47  ? -10.035 -5.751  3.956   1.00 50.59 ? 47   ARG A CZ  1 
ATOM   341  N NH1 . ARG A 1 47  ? -9.604  -7.004  4.074   1.00 51.10 ? 47   ARG A NH1 1 
ATOM   342  N NH2 . ARG A 1 47  ? -10.076 -5.182  2.760   1.00 50.96 ? 47   ARG A NH2 1 
ATOM   343  N N   . ASP A 1 48  ? -6.602  -4.284  9.710   1.00 30.36 ? 48   ASP A N   1 
ATOM   344  C CA  . ASP A 1 48  ? -5.789  -3.087  9.558   1.00 28.50 ? 48   ASP A CA  1 
ATOM   345  C C   . ASP A 1 48  ? -5.028  -2.823  10.848  1.00 27.11 ? 48   ASP A C   1 
ATOM   346  O O   . ASP A 1 48  ? -5.365  -1.930  11.597  1.00 26.86 ? 48   ASP A O   1 
ATOM   347  C CB  . ASP A 1 48  ? -6.721  -1.904  9.235   1.00 29.22 ? 48   ASP A CB  1 
ATOM   348  C CG  . ASP A 1 48  ? -7.508  -2.131  7.964   1.00 29.38 ? 48   ASP A CG  1 
ATOM   349  O OD1 . ASP A 1 48  ? -8.654  -2.607  8.025   1.00 31.58 ? 48   ASP A OD1 1 
ATOM   350  O OD2 . ASP A 1 48  ? -6.964  -1.864  6.884   1.00 33.21 ? 48   ASP A OD2 1 
ATOM   351  N N   . PRO A 1 49  ? -3.971  -3.598  11.116  1.00 26.95 ? 49   PRO A N   1 
ATOM   352  C CA  . PRO A 1 49  ? -3.172  -3.437  12.337  1.00 26.55 ? 49   PRO A CA  1 
ATOM   353  C C   . PRO A 1 49  ? -2.396  -2.149  12.515  1.00 24.45 ? 49   PRO A C   1 
ATOM   354  O O   . PRO A 1 49  ? -2.311  -1.602  13.615  1.00 24.44 ? 49   PRO A O   1 
ATOM   355  C CB  . PRO A 1 49  ? -2.172  -4.609  12.277  1.00 27.98 ? 49   PRO A CB  1 
ATOM   356  C CG  . PRO A 1 49  ? -2.770  -5.566  11.319  1.00 30.68 ? 49   PRO A CG  1 
ATOM   357  C CD  . PRO A 1 49  ? -3.506  -4.737  10.305  1.00 25.92 ? 49   PRO A CD  1 
ATOM   358  N N   . PHE A 1 50  ? -1.816  -1.672  11.421  1.00 24.55 ? 50   PHE A N   1 
ATOM   359  C CA  . PHE A 1 50  ? -0.924  -0.529  11.478  1.00 25.82 ? 50   PHE A CA  1 
ATOM   360  C C   . PHE A 1 50  ? -1.453  0.847   11.075  1.00 25.53 ? 50   PHE A C   1 
ATOM   361  O O   . PHE A 1 50  ? -2.248  0.964   10.144  1.00 27.18 ? 50   PHE A O   1 
ATOM   362  C CB  . PHE A 1 50  ? 0.321   -0.863  10.642  1.00 26.96 ? 50   PHE A CB  1 
ATOM   363  C CG  . PHE A 1 50  ? 0.885   -2.230  10.932  1.00 28.24 ? 50   PHE A CG  1 
ATOM   364  C CD1 . PHE A 1 50  ? 0.677   -3.288  10.047  1.00 29.05 ? 50   PHE A CD1 1 
ATOM   365  C CD2 . PHE A 1 50  ? 1.571   -2.467  12.113  1.00 29.07 ? 50   PHE A CD2 1 
ATOM   366  C CE1 . PHE A 1 50  ? 1.145   -4.573  10.335  1.00 30.10 ? 50   PHE A CE1 1 
ATOM   367  C CE2 . PHE A 1 50  ? 2.046   -3.752  12.416  1.00 31.36 ? 50   PHE A CE2 1 
ATOM   368  C CZ  . PHE A 1 50  ? 1.828   -4.801  11.524  1.00 29.89 ? 50   PHE A CZ  1 
ATOM   369  N N   . THR A 1 51  ? -0.985  1.874   11.780  1.00 25.76 ? 51   THR A N   1 
ATOM   370  C CA  . THR A 1 51  ? -1.394  3.249   11.494  1.00 26.47 ? 51   THR A CA  1 
ATOM   371  C C   . THR A 1 51  ? -0.753  3.647   10.169  1.00 25.91 ? 51   THR A C   1 
ATOM   372  O O   . THR A 1 51  ? 0.202   3.003   9.698   1.00 25.21 ? 51   THR A O   1 
ATOM   373  C CB  . THR A 1 51  ? -0.855  4.230   12.512  1.00 26.40 ? 51   THR A CB  1 
ATOM   374  O OG1 . THR A 1 51  ? 0.582   4.236   12.425  1.00 26.39 ? 51   THR A OG1 1 
ATOM   375  C CG2 . THR A 1 51  ? -1.304  3.861   13.931  1.00 25.16 ? 51   THR A CG2 1 
ATOM   376  N N   . ALA A 1 52  ? -1.266  4.723   9.582   1.00 25.19 ? 52   ALA A N   1 
ATOM   377  C CA  . ALA A 1 52  ? -0.747  5.229   8.323   1.00 23.80 ? 52   ALA A CA  1 
ATOM   378  C C   . ALA A 1 52  ? 0.728   5.597   8.478   1.00 22.65 ? 52   ALA A C   1 
ATOM   379  O O   . ALA A 1 52  ? 1.529   5.307   7.615   1.00 24.56 ? 52   ALA A O   1 
ATOM   380  C CB  . ALA A 1 52  ? -1.540  6.474   7.882   1.00 23.55 ? 52   ALA A CB  1 
ATOM   381  N N   . GLY A 1 53  ? 1.080   6.259   9.563   1.00 23.71 ? 53   GLY A N   1 
ATOM   382  C CA  . GLY A 1 53  ? 2.467   6.631   9.751   1.00 23.91 ? 53   GLY A CA  1 
ATOM   383  C C   . GLY A 1 53  ? 3.413   5.433   9.770   1.00 25.38 ? 53   GLY A C   1 
ATOM   384  O O   . GLY A 1 53  ? 4.521   5.502   9.237   1.00 24.51 ? 53   GLY A O   1 
ATOM   385  N N   . GLU A 1 54  ? 2.992   4.342   10.407  1.00 26.01 ? 54   GLU A N   1 
ATOM   386  C CA  . GLU A 1 54  ? 3.829   3.135   10.480  1.00 26.26 ? 54   GLU A CA  1 
ATOM   387  C C   . GLU A 1 54  ? 4.008   2.560   9.072   1.00 26.71 ? 54   GLU A C   1 
ATOM   388  O O   . GLU A 1 54  ? 5.090   2.107   8.714   1.00 27.42 ? 54   GLU A O   1 
ATOM   389  C CB  . GLU A 1 54  ? 3.188   2.097   11.425  1.00 25.76 ? 54   GLU A CB  1 
ATOM   390  C CG  . GLU A 1 54  ? 3.119   2.623   12.862  1.00 26.37 ? 54   GLU A CG  1 
ATOM   391  C CD  . GLU A 1 54  ? 2.238   1.814   13.811  1.00 25.58 ? 54   GLU A CD  1 
ATOM   392  O OE1 . GLU A 1 54  ? 1.385   1.034   13.354  1.00 24.86 ? 54   GLU A OE1 1 
ATOM   393  O OE2 . GLU A 1 54  ? 2.416   1.980   15.038  1.00 27.48 ? 54   GLU A OE2 1 
ATOM   394  N N   . ARG A 1 55  ? 2.955   2.607   8.265   1.00 26.19 ? 55   ARG A N   1 
ATOM   395  C CA  . ARG A 1 55  ? 3.034   2.100   6.912   1.00 25.30 ? 55   ARG A CA  1 
ATOM   396  C C   . ARG A 1 55  ? 3.917   3.019   6.061   1.00 26.49 ? 55   ARG A C   1 
ATOM   397  O O   . ARG A 1 55  ? 4.603   2.546   5.153   1.00 27.51 ? 55   ARG A O   1 
ATOM   398  C CB  . ARG A 1 55  ? 1.640   1.955   6.311   1.00 23.79 ? 55   ARG A CB  1 
ATOM   399  C CG  . ARG A 1 55  ? 0.826   0.810   6.952   1.00 24.49 ? 55   ARG A CG  1 
ATOM   400  C CD  . ARG A 1 55  ? -0.608  0.794   6.453   1.00 24.06 ? 55   ARG A CD  1 
ATOM   401  N NE  . ARG A 1 55  ? -1.485  1.574   7.317   1.00 22.65 ? 55   ARG A NE  1 
ATOM   402  C CZ  . ARG A 1 55  ? -2.703  1.990   6.972   1.00 24.56 ? 55   ARG A CZ  1 
ATOM   403  N NH1 . ARG A 1 55  ? -3.209  1.716   5.751   1.00 22.09 ? 55   ARG A NH1 1 
ATOM   404  N NH2 . ARG A 1 55  ? -3.440  2.641   7.871   1.00 22.25 ? 55   ARG A NH2 1 
ATOM   405  N N   . VAL A 1 56  ? 3.889   4.318   6.323   1.00 26.13 ? 56   VAL A N   1 
ATOM   406  C CA  . VAL A 1 56  ? 4.757   5.231   5.567   1.00 26.23 ? 56   VAL A CA  1 
ATOM   407  C C   . VAL A 1 56  ? 6.214   4.776   5.810   1.00 27.95 ? 56   VAL A C   1 
ATOM   408  O O   . VAL A 1 56  ? 7.030   4.758   4.889   1.00 27.78 ? 56   VAL A O   1 
ATOM   409  C CB  . VAL A 1 56  ? 4.610   6.691   6.044   1.00 25.67 ? 56   VAL A CB  1 
ATOM   410  C CG1 . VAL A 1 56  ? 5.721   7.556   5.457   1.00 23.68 ? 56   VAL A CG1 1 
ATOM   411  C CG2 . VAL A 1 56  ? 3.255   7.257   5.598   1.00 23.71 ? 56   VAL A CG2 1 
ATOM   412  N N   . MET A 1 57  ? 6.534   4.428   7.052   1.00 29.68 ? 57   MET A N   1 
ATOM   413  C CA  . MET A 1 57  ? 7.892   3.976   7.389   1.00 32.37 ? 57   MET A CA  1 
ATOM   414  C C   . MET A 1 57  ? 8.218   2.662   6.707   1.00 30.50 ? 57   MET A C   1 
ATOM   415  O O   . MET A 1 57  ? 9.320   2.481   6.197   1.00 30.13 ? 57   MET A O   1 
ATOM   416  C CB  . MET A 1 57  ? 8.075   3.837   8.911   1.00 34.88 ? 57   MET A CB  1 
ATOM   417  C CG  . MET A 1 57  ? 8.233   5.143   9.642   1.00 38.70 ? 57   MET A CG  1 
ATOM   418  S SD  . MET A 1 57  ? 9.874   5.956   9.392   1.00 48.83 ? 57   MET A SD  1 
ATOM   419  C CE  . MET A 1 57  ? 9.688   6.686   7.846   1.00 41.36 ? 57   MET A CE  1 
ATOM   420  N N   . MET A 1 58  ? 7.269   1.737   6.692   1.00 30.60 ? 58   MET A N   1 
ATOM   421  C CA  . MET A 1 58  ? 7.493   0.457   6.022   1.00 31.05 ? 58   MET A CA  1 
ATOM   422  C C   . MET A 1 58  ? 7.808   0.638   4.536   1.00 32.23 ? 58   MET A C   1 
ATOM   423  O O   . MET A 1 58  ? 8.727   0.007   3.987   1.00 30.54 ? 58   MET A O   1 
ATOM   424  C CB  . MET A 1 58  ? 6.267   -0.432  6.168   1.00 30.78 ? 58   MET A CB  1 
ATOM   425  C CG  . MET A 1 58  ? 6.013   -0.884  7.593   1.00 28.73 ? 58   MET A CG  1 
ATOM   426  S SD  . MET A 1 58  ? 4.494   -1.807  7.682   1.00 32.46 ? 58   MET A SD  1 
ATOM   427  C CE  . MET A 1 58  ? 4.335   -2.011  9.446   1.00 30.91 ? 58   MET A CE  1 
ATOM   428  N N   . LEU A 1 59  ? 7.037   1.494   3.877   1.00 32.11 ? 59   LEU A N   1 
ATOM   429  C CA  . LEU A 1 59  ? 7.234   1.759   2.452   1.00 33.50 ? 59   LEU A CA  1 
ATOM   430  C C   . LEU A 1 59  ? 8.544   2.487   2.209   1.00 33.22 ? 59   LEU A C   1 
ATOM   431  O O   . LEU A 1 59  ? 9.333   2.082   1.355   1.00 34.23 ? 59   LEU A O   1 
ATOM   432  C CB  . LEU A 1 59  ? 6.091   2.618   1.891   1.00 33.21 ? 59   LEU A CB  1 
ATOM   433  C CG  . LEU A 1 59  ? 4.806   1.951   1.406   1.00 35.17 ? 59   LEU A CG  1 
ATOM   434  C CD1 . LEU A 1 59  ? 5.097   1.113   0.188   1.00 36.06 ? 59   LEU A CD1 1 
ATOM   435  C CD2 . LEU A 1 59  ? 4.202   1.108   2.496   1.00 37.74 ? 59   LEU A CD2 1 
ATOM   436  N N   . THR A 1 60  ? 8.757   3.562   2.954   1.00 33.29 ? 60   THR A N   1 
ATOM   437  C CA  . THR A 1 60  ? 9.960   4.389   2.835   1.00 35.29 ? 60   THR A CA  1 
ATOM   438  C C   . THR A 1 60  ? 11.240  3.576   2.982   1.00 36.11 ? 60   THR A C   1 
ATOM   439  O O   . THR A 1 60  ? 12.101  3.601   2.105   1.00 35.38 ? 60   THR A O   1 
ATOM   440  C CB  . THR A 1 60  ? 9.955   5.524   3.892   1.00 36.14 ? 60   THR A CB  1 
ATOM   441  O OG1 . THR A 1 60  ? 8.965   6.499   3.526   1.00 38.76 ? 60   THR A OG1 1 
ATOM   442  C CG2 . THR A 1 60  ? 11.324  6.215   3.978   1.00 39.57 ? 60   THR A CG2 1 
ATOM   443  N N   . LYS A 1 61  ? 11.349  2.846   4.087   1.00 35.99 ? 61   LYS A N   1 
ATOM   444  C CA  . LYS A 1 61  ? 12.527  2.032   4.351   1.00 36.80 ? 61   LYS A CA  1 
ATOM   445  C C   . LYS A 1 61  ? 12.733  0.954   3.298   1.00 36.55 ? 61   LYS A C   1 
ATOM   446  O O   . LYS A 1 61  ? 13.854  0.780   2.803   1.00 37.10 ? 61   LYS A O   1 
ATOM   447  C CB  . LYS A 1 61  ? 12.437  1.415   5.747   1.00 37.36 ? 61   LYS A CB  1 
ATOM   448  C CG  . LYS A 1 61  ? 12.709  2.412   6.868   1.00 41.15 ? 61   LYS A CG  1 
ATOM   449  C CD  . LYS A 1 61  ? 12.405  1.815   8.244   1.00 44.64 ? 61   LYS A CD  1 
ATOM   450  C CE  . LYS A 1 61  ? 13.312  2.371   9.360   1.00 46.85 ? 61   LYS A CE  1 
ATOM   451  N NZ  . LYS A 1 61  ? 13.200  3.845   9.610   1.00 49.04 ? 61   LYS A NZ  1 
ATOM   452  N N   . ALA A 1 62  ? 11.662  0.250   2.937   1.00 35.87 ? 62   ALA A N   1 
ATOM   453  C CA  . ALA A 1 62  ? 11.736  -0.806  1.932   1.00 36.19 ? 62   ALA A CA  1 
ATOM   454  C C   . ALA A 1 62  ? 12.142  -0.342  0.530   1.00 37.11 ? 62   ALA A C   1 
ATOM   455  O O   . ALA A 1 62  ? 12.957  -0.978  -0.135  1.00 35.73 ? 62   ALA A O   1 
ATOM   456  C CB  . ALA A 1 62  ? 10.408  -1.544  1.852   1.00 36.25 ? 62   ALA A CB  1 
ATOM   457  N N   . LEU A 1 63  ? 11.557  0.753   0.063   1.00 37.61 ? 63   LEU A N   1 
ATOM   458  C CA  . LEU A 1 63  ? 11.893  1.249   -1.262  1.00 38.64 ? 63   LEU A CA  1 
ATOM   459  C C   . LEU A 1 63  ? 13.348  1.714   -1.242  1.00 39.73 ? 63   LEU A C   1 
ATOM   460  O O   . LEU A 1 63  ? 14.127  1.377   -2.123  1.00 39.86 ? 63   LEU A O   1 
ATOM   461  C CB  . LEU A 1 63  ? 10.951  2.399   -1.636  1.00 38.68 ? 63   LEU A CB  1 
ATOM   462  C CG  . LEU A 1 63  ? 9.485   1.952   -1.743  1.00 37.91 ? 63   LEU A CG  1 
ATOM   463  C CD1 . LEU A 1 63  ? 8.550   3.167   -1.754  1.00 39.66 ? 63   LEU A CD1 1 
ATOM   464  C CD2 . LEU A 1 63  ? 9.314   1.124   -3.000  1.00 38.02 ? 63   LEU A CD2 1 
ATOM   465  N N   . SER A 1 64  ? 13.712  2.471   -0.217  1.00 40.93 ? 64   SER A N   1 
ATOM   466  C CA  . SER A 1 64  ? 15.074  2.964   -0.099  1.00 44.09 ? 64   SER A CA  1 
ATOM   467  C C   . SER A 1 64  ? 16.048  1.785   -0.084  1.00 46.17 ? 64   SER A C   1 
ATOM   468  O O   . SER A 1 64  ? 17.043  1.771   -0.811  1.00 47.20 ? 64   SER A O   1 
ATOM   469  C CB  . SER A 1 64  ? 15.229  3.777   1.183   1.00 43.56 ? 64   SER A CB  1 
ATOM   470  O OG  . SER A 1 64  ? 16.528  4.337   1.277   1.00 44.27 ? 64   SER A OG  1 
ATOM   471  N N   . GLU A 1 65  ? 15.753  0.788   0.739   1.00 48.44 ? 65   GLU A N   1 
ATOM   472  C CA  . GLU A 1 65  ? 16.617  -0.374  0.831   1.00 50.31 ? 65   GLU A CA  1 
ATOM   473  C C   . GLU A 1 65  ? 16.734  -1.147  -0.474  1.00 50.28 ? 65   GLU A C   1 
ATOM   474  O O   . GLU A 1 65  ? 17.756  -1.786  -0.720  1.00 51.20 ? 65   GLU A O   1 
ATOM   475  C CB  . GLU A 1 65  ? 16.156  -1.280  1.971   1.00 52.69 ? 65   GLU A CB  1 
ATOM   476  C CG  . GLU A 1 65  ? 16.869  -0.956  3.284   1.00 56.75 ? 65   GLU A CG  1 
ATOM   477  C CD  . GLU A 1 65  ? 16.919  0.549   3.568   1.00 59.60 ? 65   GLU A CD  1 
ATOM   478  O OE1 . GLU A 1 65  ? 15.998  1.081   4.243   1.00 60.36 ? 65   GLU A OE1 1 
ATOM   479  O OE2 . GLU A 1 65  ? 17.885  1.205   3.097   1.00 61.05 ? 65   GLU A OE2 1 
ATOM   480  N N   . ASN A 1 66  ? 15.713  -1.079  -1.322  1.00 49.89 ? 66   ASN A N   1 
ATOM   481  C CA  . ASN A 1 66  ? 15.768  -1.765  -2.610  1.00 49.39 ? 66   ASN A CA  1 
ATOM   482  C C   . ASN A 1 66  ? 16.358  -0.906  -3.725  1.00 48.06 ? 66   ASN A C   1 
ATOM   483  O O   . ASN A 1 66  ? 16.228  -1.231  -4.903  1.00 47.41 ? 66   ASN A O   1 
ATOM   484  C CB  . ASN A 1 66  ? 14.391  -2.261  -3.013  1.00 50.65 ? 66   ASN A CB  1 
ATOM   485  C CG  . ASN A 1 66  ? 14.106  -3.639  -2.472  1.00 52.76 ? 66   ASN A CG  1 
ATOM   486  O OD1 . ASN A 1 66  ? 14.208  -4.634  -3.196  1.00 54.02 ? 66   ASN A OD1 1 
ATOM   487  N ND2 . ASN A 1 66  ? 13.774  -3.715  -1.182  1.00 53.42 ? 66   ASN A ND2 1 
ATOM   488  N N   . GLY A 1 67  ? 16.989  0.195   -3.336  1.00 47.11 ? 67   GLY A N   1 
ATOM   489  C CA  . GLY A 1 67  ? 17.635  1.074   -4.294  1.00 46.95 ? 67   GLY A CA  1 
ATOM   490  C C   . GLY A 1 67  ? 16.795  2.027   -5.120  1.00 46.30 ? 67   GLY A C   1 
ATOM   491  O O   . GLY A 1 67  ? 17.338  2.760   -5.951  1.00 47.47 ? 67   GLY A O   1 
ATOM   492  N N   . ILE A 1 68  ? 15.484  2.034   -4.917  1.00 44.25 ? 68   ILE A N   1 
ATOM   493  C CA  . ILE A 1 68  ? 14.624  2.933   -5.681  1.00 42.59 ? 68   ILE A CA  1 
ATOM   494  C C   . ILE A 1 68  ? 14.764  4.335   -5.121  1.00 41.17 ? 68   ILE A C   1 
ATOM   495  O O   . ILE A 1 68  ? 14.486  4.561   -3.952  1.00 40.82 ? 68   ILE A O   1 
ATOM   496  C CB  . ILE A 1 68  ? 13.166  2.494   -5.573  1.00 43.56 ? 68   ILE A CB  1 
ATOM   497  C CG1 . ILE A 1 68  ? 13.043  1.057   -6.068  1.00 43.45 ? 68   ILE A CG1 1 
ATOM   498  C CG2 . ILE A 1 68  ? 12.271  3.432   -6.365  1.00 42.19 ? 68   ILE A CG2 1 
ATOM   499  C CD1 . ILE A 1 68  ? 11.814  0.342   -5.553  1.00 45.67 ? 68   ILE A CD1 1 
ATOM   500  N N   . PRO A 1 69  ? 15.196  5.299   -5.953  1.00 40.25 ? 69   PRO A N   1 
ATOM   501  C CA  . PRO A 1 69  ? 15.383  6.702   -5.555  1.00 39.18 ? 69   PRO A CA  1 
ATOM   502  C C   . PRO A 1 69  ? 14.073  7.334   -5.050  1.00 38.67 ? 69   PRO A C   1 
ATOM   503  O O   . PRO A 1 69  ? 13.013  7.095   -5.626  1.00 37.29 ? 69   PRO A O   1 
ATOM   504  C CB  . PRO A 1 69  ? 15.873  7.368   -6.849  1.00 40.25 ? 69   PRO A CB  1 
ATOM   505  C CG  . PRO A 1 69  ? 16.479  6.230   -7.633  1.00 40.26 ? 69   PRO A CG  1 
ATOM   506  C CD  . PRO A 1 69  ? 15.491  5.117   -7.384  1.00 40.38 ? 69   PRO A CD  1 
ATOM   507  N N   . ALA A 1 70  ? 14.161  8.134   -3.985  1.00 38.00 ? 70   ALA A N   1 
ATOM   508  C CA  . ALA A 1 70  ? 12.997  8.787   -3.390  1.00 38.27 ? 70   ALA A CA  1 
ATOM   509  C C   . ALA A 1 70  ? 12.273  9.723   -4.366  1.00 38.93 ? 70   ALA A C   1 
ATOM   510  O O   . ALA A 1 70  ? 11.062  9.938   -4.256  1.00 37.71 ? 70   ALA A O   1 
ATOM   511  C CB  . ALA A 1 70  ? 13.417  9.573   -2.137  1.00 37.39 ? 70   ALA A CB  1 
ATOM   512  N N   . SER A 1 71  ? 13.015  10.275  -5.320  1.00 38.18 ? 71   SER A N   1 
ATOM   513  C CA  . SER A 1 71  ? 12.434  11.188  -6.293  1.00 38.33 ? 71   SER A CA  1 
ATOM   514  C C   . SER A 1 71  ? 11.519  10.452  -7.269  1.00 37.49 ? 71   SER A C   1 
ATOM   515  O O   . SER A 1 71  ? 10.818  11.082  -8.061  1.00 36.36 ? 71   SER A O   1 
ATOM   516  C CB  . SER A 1 71  ? 13.543  11.885  -7.074  1.00 38.87 ? 71   SER A CB  1 
ATOM   517  O OG  . SER A 1 71  ? 14.190  10.919  -7.876  1.00 41.32 ? 71   SER A OG  1 
ATOM   518  N N   . ARG A 1 72  ? 11.505  9.124   -7.218  1.00 36.82 ? 72   ARG A N   1 
ATOM   519  C CA  . ARG A 1 72  ? 10.655  8.385   -8.139  1.00 36.66 ? 72   ARG A CA  1 
ATOM   520  C C   . ARG A 1 72  ? 9.246   8.139   -7.625  1.00 35.60 ? 72   ARG A C   1 
ATOM   521  O O   . ARG A 1 72  ? 8.397   7.602   -8.346  1.00 35.82 ? 72   ARG A O   1 
ATOM   522  C CB  . ARG A 1 72  ? 11.294  7.053   -8.508  1.00 37.77 ? 72   ARG A CB  1 
ATOM   523  C CG  . ARG A 1 72  ? 12.679  7.211   -9.114  1.00 39.96 ? 72   ARG A CG  1 
ATOM   524  C CD  . ARG A 1 72  ? 12.895  6.166   -10.157 1.00 42.05 ? 72   ARG A CD  1 
ATOM   525  N NE  . ARG A 1 72  ? 11.906  6.256   -11.228 1.00 42.55 ? 72   ARG A NE  1 
ATOM   526  C CZ  . ARG A 1 72  ? 11.710  5.296   -12.121 1.00 42.31 ? 72   ARG A CZ  1 
ATOM   527  N NH1 . ARG A 1 72  ? 12.444  4.185   -12.059 1.00 43.91 ? 72   ARG A NH1 1 
ATOM   528  N NH2 . ARG A 1 72  ? 10.781  5.423   -13.051 1.00 39.87 ? 72   ARG A NH2 1 
ATOM   529  N N   . TYR A 1 73  ? 8.973   8.525   -6.387  1.00 34.84 ? 73   TYR A N   1 
ATOM   530  C CA  . TYR A 1 73  ? 7.632   8.281   -5.882  1.00 33.78 ? 73   TYR A CA  1 
ATOM   531  C C   . TYR A 1 73  ? 7.145   9.237   -4.804  1.00 32.16 ? 73   TYR A C   1 
ATOM   532  O O   . TYR A 1 73  ? 7.906   10.030  -4.240  1.00 31.67 ? 73   TYR A O   1 
ATOM   533  C CB  . TYR A 1 73  ? 7.539   6.835   -5.387  1.00 34.39 ? 73   TYR A CB  1 
ATOM   534  C CG  . TYR A 1 73  ? 8.458   6.571   -4.224  1.00 36.85 ? 73   TYR A CG  1 
ATOM   535  C CD1 . TYR A 1 73  ? 8.098   6.950   -2.933  1.00 37.76 ? 73   TYR A CD1 1 
ATOM   536  C CD2 . TYR A 1 73  ? 9.723   6.011   -4.421  1.00 38.05 ? 73   TYR A CD2 1 
ATOM   537  C CE1 . TYR A 1 73  ? 8.974   6.787   -1.862  1.00 39.05 ? 73   TYR A CE1 1 
ATOM   538  C CE2 . TYR A 1 73  ? 10.610  5.838   -3.356  1.00 38.91 ? 73   TYR A CE2 1 
ATOM   539  C CZ  . TYR A 1 73  ? 10.226  6.230   -2.080  1.00 39.85 ? 73   TYR A CZ  1 
ATOM   540  O OH  . TYR A 1 73  ? 11.085  6.070   -1.019  1.00 41.37 ? 73   TYR A OH  1 
ATOM   541  N N   . TYR A 1 74  ? 5.846   9.158   -4.546  1.00 29.85 ? 74   TYR A N   1 
ATOM   542  C CA  . TYR A 1 74  ? 5.213   9.982   -3.536  1.00 29.87 ? 74   TYR A CA  1 
ATOM   543  C C   . TYR A 1 74  ? 4.444   9.042   -2.635  1.00 29.08 ? 74   TYR A C   1 
ATOM   544  O O   . TYR A 1 74  ? 3.743   8.152   -3.119  1.00 29.90 ? 74   TYR A O   1 
ATOM   545  C CB  . TYR A 1 74  ? 4.214   10.971  -4.160  1.00 31.37 ? 74   TYR A CB  1 
ATOM   546  C CG  . TYR A 1 74  ? 4.794   11.860  -5.231  1.00 33.11 ? 74   TYR A CG  1 
ATOM   547  C CD1 . TYR A 1 74  ? 4.968   11.394  -6.539  1.00 33.67 ? 74   TYR A CD1 1 
ATOM   548  C CD2 . TYR A 1 74  ? 5.153   13.178  -4.942  1.00 34.54 ? 74   TYR A CD2 1 
ATOM   549  C CE1 . TYR A 1 74  ? 5.485   12.247  -7.540  1.00 34.37 ? 74   TYR A CE1 1 
ATOM   550  C CE2 . TYR A 1 74  ? 5.672   14.028  -5.928  1.00 35.19 ? 74   TYR A CE2 1 
ATOM   551  C CZ  . TYR A 1 74  ? 5.832   13.555  -7.218  1.00 34.64 ? 74   TYR A CZ  1 
ATOM   552  O OH  . TYR A 1 74  ? 6.332   14.403  -8.187  1.00 36.38 ? 74   TYR A OH  1 
ATOM   553  N N   . ILE A 1 75  ? 4.575   9.226   -1.331  1.00 30.07 ? 75   ILE A N   1 
ATOM   554  C CA  . ILE A 1 75  ? 3.825   8.386   -0.405  1.00 30.12 ? 75   ILE A CA  1 
ATOM   555  C C   . ILE A 1 75  ? 2.775   9.290   0.212   1.00 29.34 ? 75   ILE A C   1 
ATOM   556  O O   . ILE A 1 75  ? 3.107   10.210  0.952   1.00 28.70 ? 75   ILE A O   1 
ATOM   557  C CB  . ILE A 1 75  ? 4.675   7.857   0.737   1.00 30.74 ? 75   ILE A CB  1 
ATOM   558  C CG1 . ILE A 1 75  ? 5.915   7.141   0.196   1.00 30.16 ? 75   ILE A CG1 1 
ATOM   559  C CG2 . ILE A 1 75  ? 3.790   6.943   1.625   1.00 29.74 ? 75   ILE A CG2 1 
ATOM   560  C CD1 . ILE A 1 75  ? 5.606   6.056   -0.812  1.00 33.36 ? 75   ILE A CD1 1 
ATOM   561  N N   . ILE A 1 76  ? 1.512   9.005   -0.075  1.00 29.54 ? 76   ILE A N   1 
ATOM   562  C CA  . ILE A 1 76  ? 0.443   9.828   0.440   1.00 29.13 ? 76   ILE A CA  1 
ATOM   563  C C   . ILE A 1 76  ? -0.673  9.042   1.122   1.00 28.08 ? 76   ILE A C   1 
ATOM   564  O O   . ILE A 1 76  ? -1.423  8.308   0.487   1.00 26.37 ? 76   ILE A O   1 
ATOM   565  C CB  . ILE A 1 76  ? -0.143  10.676  -0.697  1.00 31.15 ? 76   ILE A CB  1 
ATOM   566  C CG1 . ILE A 1 76  ? 0.978   11.534  -1.293  1.00 30.34 ? 76   ILE A CG1 1 
ATOM   567  C CG2 . ILE A 1 76  ? -1.306  11.535  -0.172  1.00 29.65 ? 76   ILE A CG2 1 
ATOM   568  C CD1 . ILE A 1 76  ? 0.603   12.282  -2.516  1.00 32.63 ? 76   ILE A CD1 1 
ATOM   569  N N   . PRO A 1 77  ? -0.789  9.194   2.440   1.00 28.69 ? 77   PRO A N   1 
ATOM   570  C CA  . PRO A 1 77  ? -1.842  8.475   3.155   1.00 28.68 ? 77   PRO A CA  1 
ATOM   571  C C   . PRO A 1 77  ? -3.174  9.096   2.760   1.00 28.17 ? 77   PRO A C   1 
ATOM   572  O O   . PRO A 1 77  ? -3.295  10.314  2.718   1.00 29.27 ? 77   PRO A O   1 
ATOM   573  C CB  . PRO A 1 77  ? -1.517  8.731   4.626   1.00 28.88 ? 77   PRO A CB  1 
ATOM   574  C CG  . PRO A 1 77  ? -0.077  9.227   4.627   1.00 31.22 ? 77   PRO A CG  1 
ATOM   575  C CD  . PRO A 1 77  ? 0.018   10.018  3.355   1.00 28.69 ? 77   PRO A CD  1 
ATOM   576  N N   . VAL A 1 78  ? -4.159  8.262   2.462   1.00 27.48 ? 78   VAL A N   1 
ATOM   577  C CA  . VAL A 1 78  ? -5.489  8.715   2.076   1.00 27.39 ? 78   VAL A CA  1 
ATOM   578  C C   . VAL A 1 78  ? -6.586  8.084   2.961   1.00 28.20 ? 78   VAL A C   1 
ATOM   579  O O   . VAL A 1 78  ? -6.748  6.858   2.986   1.00 25.99 ? 78   VAL A O   1 
ATOM   580  C CB  . VAL A 1 78  ? -5.790  8.328   0.606   1.00 27.45 ? 78   VAL A CB  1 
ATOM   581  C CG1 . VAL A 1 78  ? -7.263  8.607   0.278   1.00 30.20 ? 78   VAL A CG1 1 
ATOM   582  C CG2 . VAL A 1 78  ? -4.853  9.122   -0.335  1.00 26.88 ? 78   VAL A CG2 1 
ATOM   583  N N   . GLN A 1 79  ? -7.347  8.919   3.667   1.00 27.48 ? 79   GLN A N   1 
ATOM   584  C CA  . GLN A 1 79  ? -8.432  8.415   4.503   1.00 28.29 ? 79   GLN A CA  1 
ATOM   585  C C   . GLN A 1 79  ? -9.549  7.937   3.587   1.00 28.07 ? 79   GLN A C   1 
ATOM   586  O O   . GLN A 1 79  ? -9.662  8.402   2.450   1.00 29.22 ? 79   GLN A O   1 
ATOM   587  C CB  . GLN A 1 79  ? -8.930  9.525   5.450   1.00 29.50 ? 79   GLN A CB  1 
ATOM   588  C CG  . GLN A 1 79  ? -7.788  10.132  6.282   1.00 34.30 ? 79   GLN A CG  1 
ATOM   589  C CD  . GLN A 1 79  ? -8.257  11.038  7.423   1.00 39.26 ? 79   GLN A CD  1 
ATOM   590  O OE1 . GLN A 1 79  ? -9.279  10.770  8.066   1.00 42.41 ? 79   GLN A OE1 1 
ATOM   591  N NE2 . GLN A 1 79  ? -7.486  12.094  7.704   1.00 38.71 ? 79   GLN A NE2 1 
ATOM   592  N N   . ASP A 1 80  ? -10.363 7.002   4.054   1.00 27.23 ? 80   ASP A N   1 
ATOM   593  C CA  . ASP A 1 80  ? -11.480 6.523   3.241   1.00 28.23 ? 80   ASP A CA  1 
ATOM   594  C C   . ASP A 1 80  ? -12.626 7.521   3.421   1.00 28.22 ? 80   ASP A C   1 
ATOM   595  O O   . ASP A 1 80  ? -12.589 8.365   4.323   1.00 26.91 ? 80   ASP A O   1 
ATOM   596  C CB  . ASP A 1 80  ? -11.981 5.141   3.700   1.00 29.01 ? 80   ASP A CB  1 
ATOM   597  C CG  . ASP A 1 80  ? -10.935 4.032   3.539   1.00 31.32 ? 80   ASP A CG  1 
ATOM   598  O OD1 . ASP A 1 80  ? -10.091 4.110   2.613   1.00 32.63 ? 80   ASP A OD1 1 
ATOM   599  O OD2 . ASP A 1 80  ? -10.980 3.060   4.338   1.00 30.58 ? 80   ASP A OD2 1 
ATOM   600  N N   . ILE A 1 81  ? -13.633 7.441   2.558   1.00 28.44 ? 81   ILE A N   1 
ATOM   601  C CA  . ILE A 1 81  ? -14.808 8.323   2.680   1.00 28.86 ? 81   ILE A CA  1 
ATOM   602  C C   . ILE A 1 81  ? -16.012 7.402   2.466   1.00 29.95 ? 81   ILE A C   1 
ATOM   603  O O   . ILE A 1 81  ? -15.875 6.347   1.834   1.00 29.65 ? 81   ILE A O   1 
ATOM   604  C CB  . ILE A 1 81  ? -14.807 9.456   1.613   1.00 28.02 ? 81   ILE A CB  1 
ATOM   605  C CG1 . ILE A 1 81  ? -14.775 8.861   0.206   1.00 29.41 ? 81   ILE A CG1 1 
ATOM   606  C CG2 . ILE A 1 81  ? -13.615 10.367  1.831   1.00 28.68 ? 81   ILE A CG2 1 
ATOM   607  C CD1 . ILE A 1 81  ? -15.032 9.905   -0.903  1.00 30.88 ? 81   ILE A CD1 1 
ATOM   608  N N   . GLU A 1 82  ? -17.182 7.798   2.961   1.00 32.29 ? 82   GLU A N   1 
ATOM   609  C CA  . GLU A 1 82  ? -18.402 6.972   2.846   1.00 34.55 ? 82   GLU A CA  1 
ATOM   610  C C   . GLU A 1 82  ? -18.967 6.807   1.436   1.00 33.89 ? 82   GLU A C   1 
ATOM   611  O O   . GLU A 1 82  ? -19.538 5.757   1.098   1.00 34.33 ? 82   GLU A O   1 
ATOM   612  C CB  . GLU A 1 82  ? -19.533 7.565   3.683   1.00 37.85 ? 82   GLU A CB  1 
ATOM   613  C CG  . GLU A 1 82  ? -19.310 7.625   5.160   1.00 43.21 ? 82   GLU A CG  1 
ATOM   614  C CD  . GLU A 1 82  ? -20.550 8.147   5.857   1.00 47.19 ? 82   GLU A CD  1 
ATOM   615  O OE1 . GLU A 1 82  ? -21.668 7.801   5.393   1.00 47.71 ? 82   GLU A OE1 1 
ATOM   616  O OE2 . GLU A 1 82  ? -20.413 8.892   6.862   1.00 48.41 ? 82   GLU A OE2 1 
ATOM   617  N N   . CYS A 1 83  ? -18.834 7.850   0.630   1.00 31.75 ? 83   CYS A N   1 
ATOM   618  C CA  . CYS A 1 83  ? -19.396 7.850   -0.713  1.00 31.62 ? 83   CYS A CA  1 
ATOM   619  C C   . CYS A 1 83  ? -18.390 7.423   -1.775  1.00 28.69 ? 83   CYS A C   1 
ATOM   620  O O   . CYS A 1 83  ? -17.507 8.203   -2.151  1.00 27.27 ? 83   CYS A O   1 
ATOM   621  C CB  . CYS A 1 83  ? -19.921 9.253   -1.046  1.00 34.22 ? 83   CYS A CB  1 
ATOM   622  S SG  . CYS A 1 83  ? -20.479 10.195  0.420   1.00 44.06 ? 83   CYS A SG  1 
ATOM   623  N N   . ASN A 1 84  ? -18.536 6.195   -2.264  1.00 26.83 ? 84   ASN A N   1 
ATOM   624  C CA  . ASN A 1 84  ? -17.643 5.681   -3.314  1.00 26.05 ? 84   ASN A CA  1 
ATOM   625  C C   . ASN A 1 84  ? -17.636 6.604   -4.527  1.00 25.86 ? 84   ASN A C   1 
ATOM   626  O O   . ASN A 1 84  ? -16.615 6.747   -5.212  1.00 26.51 ? 84   ASN A O   1 
ATOM   627  C CB  . ASN A 1 84  ? -18.083 4.282   -3.783  1.00 25.16 ? 84   ASN A CB  1 
ATOM   628  C CG  . ASN A 1 84  ? -17.684 3.189   -2.816  1.00 27.03 ? 84   ASN A CG  1 
ATOM   629  O OD1 . ASN A 1 84  ? -16.637 3.283   -2.177  1.00 25.33 ? 84   ASN A OD1 1 
ATOM   630  N ND2 . ASN A 1 84  ? -18.506 2.139   -2.715  1.00 25.52 ? 84   ASN A ND2 1 
ATOM   631  N N   . ALA A 1 85  ? -18.772 7.234   -4.795  1.00 24.68 ? 85   ALA A N   1 
ATOM   632  C CA  . ALA A 1 85  ? -18.891 8.094   -5.967  1.00 24.94 ? 85   ALA A CA  1 
ATOM   633  C C   . ALA A 1 85  ? -17.959 9.297   -5.957  1.00 25.28 ? 85   ALA A C   1 
ATOM   634  O O   . ALA A 1 85  ? -17.666 9.870   -7.004  1.00 26.58 ? 85   ALA A O   1 
ATOM   635  C CB  . ALA A 1 85  ? -20.353 8.548   -6.143  1.00 26.54 ? 85   ALA A CB  1 
ATOM   636  N N   . LEU A 1 86  ? -17.491 9.693   -4.783  1.00 25.67 ? 86   LEU A N   1 
ATOM   637  C CA  . LEU A 1 86  ? -16.575 10.823  -4.688  1.00 25.29 ? 86   LEU A CA  1 
ATOM   638  C C   . LEU A 1 86  ? -15.120 10.411  -4.403  1.00 26.19 ? 86   LEU A C   1 
ATOM   639  O O   . LEU A 1 86  ? -14.228 11.262  -4.351  1.00 25.34 ? 86   LEU A O   1 
ATOM   640  C CB  . LEU A 1 86  ? -17.029 11.759  -3.560  1.00 25.28 ? 86   LEU A CB  1 
ATOM   641  C CG  . LEU A 1 86  ? -18.515 12.122  -3.662  1.00 26.74 ? 86   LEU A CG  1 
ATOM   642  C CD1 . LEU A 1 86  ? -18.844 13.108  -2.567  1.00 29.19 ? 86   LEU A CD1 1 
ATOM   643  C CD2 . LEU A 1 86  ? -18.842 12.714  -5.044  1.00 29.01 ? 86   LEU A CD2 1 
ATOM   644  N N   . TRP A 1 87  ? -14.875 9.122   -4.222  1.00 26.23 ? 87   TRP A N   1 
ATOM   645  C CA  . TRP A 1 87  ? -13.536 8.720   -3.843  1.00 26.60 ? 87   TRP A CA  1 
ATOM   646  C C   . TRP A 1 87  ? -12.428 9.070   -4.841  1.00 25.13 ? 87   TRP A C   1 
ATOM   647  O O   . TRP A 1 87  ? -11.346 9.453   -4.443  1.00 25.18 ? 87   TRP A O   1 
ATOM   648  C CB  . TRP A 1 87  ? -13.521 7.233   -3.489  1.00 27.32 ? 87   TRP A CB  1 
ATOM   649  C CG  . TRP A 1 87  ? -12.192 6.775   -2.998  1.00 29.71 ? 87   TRP A CG  1 
ATOM   650  C CD1 . TRP A 1 87  ? -11.609 7.054   -1.800  1.00 29.09 ? 87   TRP A CD1 1 
ATOM   651  C CD2 . TRP A 1 87  ? -11.288 5.929   -3.705  1.00 30.23 ? 87   TRP A CD2 1 
ATOM   652  N NE1 . TRP A 1 87  ? -10.395 6.419   -1.712  1.00 29.00 ? 87   TRP A NE1 1 
ATOM   653  C CE2 . TRP A 1 87  ? -10.176 5.721   -2.872  1.00 30.56 ? 87   TRP A CE2 1 
ATOM   654  C CE3 . TRP A 1 87  ? -11.318 5.318   -4.969  1.00 31.11 ? 87   TRP A CE3 1 
ATOM   655  C CZ2 . TRP A 1 87  ? -9.090  4.917   -3.256  1.00 31.24 ? 87   TRP A CZ2 1 
ATOM   656  C CZ3 . TRP A 1 87  ? -10.235 4.514   -5.354  1.00 31.47 ? 87   TRP A CZ3 1 
ATOM   657  C CH2 . TRP A 1 87  ? -9.140  4.324   -4.493  1.00 31.19 ? 87   TRP A CH2 1 
ATOM   658  N N   . VAL A 1 88  ? -12.710 8.959   -6.128  1.00 26.38 ? 88   VAL A N   1 
ATOM   659  C CA  . VAL A 1 88  ? -11.731 9.314   -7.149  1.00 27.83 ? 88   VAL A CA  1 
ATOM   660  C C   . VAL A 1 88  ? -11.410 10.809  -7.072  1.00 26.22 ? 88   VAL A C   1 
ATOM   661  O O   . VAL A 1 88  ? -10.244 11.222  -7.162  1.00 25.39 ? 88   VAL A O   1 
ATOM   662  C CB  . VAL A 1 88  ? -12.257 8.951   -8.565  1.00 27.73 ? 88   VAL A CB  1 
ATOM   663  C CG1 . VAL A 1 88  ? -11.407 9.621   -9.640  1.00 30.28 ? 88   VAL A CG1 1 
ATOM   664  C CG2 . VAL A 1 88  ? -12.211 7.465   -8.733  1.00 29.32 ? 88   VAL A CG2 1 
ATOM   665  N N   . GLY A 1 89  ? -12.438 11.626  -6.878  1.00 25.34 ? 89   GLY A N   1 
ATOM   666  C CA  . GLY A 1 89  ? -12.176 13.052  -6.765  1.00 23.52 ? 89   GLY A CA  1 
ATOM   667  C C   . GLY A 1 89  ? -11.383 13.311  -5.495  1.00 22.74 ? 89   GLY A C   1 
ATOM   668  O O   . GLY A 1 89  ? -10.539 14.198  -5.436  1.00 22.95 ? 89   GLY A O   1 
ATOM   669  N N   . HIS A 1 90  ? -11.669 12.526  -4.462  1.00 22.23 ? 90   HIS A N   1 
ATOM   670  C CA  . HIS A 1 90  ? -10.955 12.634  -3.191  1.00 22.35 ? 90   HIS A CA  1 
ATOM   671  C C   . HIS A 1 90  ? -9.459  12.394  -3.429  1.00 22.51 ? 90   HIS A C   1 
ATOM   672  O O   . HIS A 1 90  ? -8.595  13.154  -2.952  1.00 22.11 ? 90   HIS A O   1 
ATOM   673  C CB  . HIS A 1 90  ? -11.545 11.593  -2.224  1.00 21.55 ? 90   HIS A CB  1 
ATOM   674  C CG  . HIS A 1 90  ? -10.868 11.539  -0.885  1.00 25.16 ? 90   HIS A CG  1 
ATOM   675  N ND1 . HIS A 1 90  ? -10.889 12.589  0.007   1.00 21.74 ? 90   HIS A ND1 1 
ATOM   676  C CD2 . HIS A 1 90  ? -10.209 10.526  -0.261  1.00 24.04 ? 90   HIS A CD2 1 
ATOM   677  C CE1 . HIS A 1 90  ? -10.284 12.226  1.129   1.00 24.59 ? 90   HIS A CE1 1 
ATOM   678  N NE2 . HIS A 1 90  ? -9.865  10.981  0.992   1.00 23.77 ? 90   HIS A NE2 1 
ATOM   679  N N   . ILE A 1 91  ? -9.144  11.342  -4.178  1.00 22.87 ? 91   ILE A N   1 
ATOM   680  C CA  . ILE A 1 91  ? -7.740  11.009  -4.460  1.00 23.87 ? 91   ILE A CA  1 
ATOM   681  C C   . ILE A 1 91  ? -7.091  12.119  -5.281  1.00 24.00 ? 91   ILE A C   1 
ATOM   682  O O   . ILE A 1 91  ? -5.967  12.540  -5.018  1.00 24.13 ? 91   ILE A O   1 
ATOM   683  C CB  . ILE A 1 91  ? -7.630  9.690   -5.261  1.00 24.07 ? 91   ILE A CB  1 
ATOM   684  C CG1 . ILE A 1 91  ? -8.113  8.524   -4.409  1.00 26.20 ? 91   ILE A CG1 1 
ATOM   685  C CG2 . ILE A 1 91  ? -6.167  9.445   -5.694  1.00 24.81 ? 91   ILE A CG2 1 
ATOM   686  C CD1 . ILE A 1 91  ? -7.301  8.341   -3.177  1.00 28.80 ? 91   ILE A CD1 1 
ATOM   687  N N   . LYS A 1 92  ? -7.810  12.597  -6.287  1.00 25.00 ? 92   LYS A N   1 
ATOM   688  C CA  . LYS A 1 92  ? -7.270  13.653  -7.137  1.00 26.36 ? 92   LYS A CA  1 
ATOM   689  C C   . LYS A 1 92  ? -6.889  14.886  -6.374  1.00 26.57 ? 92   LYS A C   1 
ATOM   690  O O   . LYS A 1 92  ? -5.831  15.474  -6.603  1.00 26.47 ? 92   LYS A O   1 
ATOM   691  C CB  . LYS A 1 92  ? -8.283  14.042  -8.203  1.00 29.54 ? 92   LYS A CB  1 
ATOM   692  C CG  . LYS A 1 92  ? -8.498  13.005  -9.282  1.00 34.10 ? 92   LYS A CG  1 
ATOM   693  C CD  . LYS A 1 92  ? -9.503  13.554  -10.298 1.00 38.94 ? 92   LYS A CD  1 
ATOM   694  C CE  . LYS A 1 92  ? -9.590  12.673  -11.523 1.00 40.45 ? 92   LYS A CE  1 
ATOM   695  N NZ  . LYS A 1 92  ? -10.676 13.158  -12.439 1.00 44.13 ? 92   LYS A NZ  1 
ATOM   696  N N   . MET A 1 93  ? -7.774  15.290  -5.474  1.00 25.31 ? 93   MET A N   1 
ATOM   697  C CA  . MET A 1 93  ? -7.575  16.471  -4.656  1.00 26.57 ? 93   MET A CA  1 
ATOM   698  C C   . MET A 1 93  ? -6.338  16.387  -3.775  1.00 25.63 ? 93   MET A C   1 
ATOM   699  O O   . MET A 1 93  ? -5.738  17.408  -3.435  1.00 23.57 ? 93   MET A O   1 
ATOM   700  C CB  . MET A 1 93  ? -8.844  16.679  -3.796  1.00 29.74 ? 93   MET A CB  1 
ATOM   701  C CG  . MET A 1 93  ? -8.659  17.371  -2.451  1.00 34.82 ? 93   MET A CG  1 
ATOM   702  S SD  . MET A 1 93  ? -10.202 17.435  -1.482  1.00 36.27 ? 93   MET A SD  1 
ATOM   703  C CE  . MET A 1 93  ? -10.047 15.925  -0.532  1.00 37.97 ? 93   MET A CE  1 
ATOM   704  N N   . LEU A 1 94  ? -5.940  15.165  -3.413  1.00 24.93 ? 94   LEU A N   1 
ATOM   705  C CA  . LEU A 1 94  ? -4.801  15.003  -2.505  1.00 24.44 ? 94   LEU A CA  1 
ATOM   706  C C   . LEU A 1 94  ? -3.496  14.674  -3.194  1.00 24.85 ? 94   LEU A C   1 
ATOM   707  O O   . LEU A 1 94  ? -2.452  14.585  -2.549  1.00 24.98 ? 94   LEU A O   1 
ATOM   708  C CB  . LEU A 1 94  ? -5.106  13.864  -1.508  1.00 23.85 ? 94   LEU A CB  1 
ATOM   709  C CG  . LEU A 1 94  ? -6.313  14.052  -0.574  1.00 24.69 ? 94   LEU A CG  1 
ATOM   710  C CD1 . LEU A 1 94  ? -6.694  12.699  0.083   1.00 24.34 ? 94   LEU A CD1 1 
ATOM   711  C CD2 . LEU A 1 94  ? -5.950  15.065  0.495   1.00 25.43 ? 94   LEU A CD2 1 
ATOM   712  N N   . THR A 1 95  ? -3.539  14.518  -4.503  1.00 25.05 ? 95   THR A N   1 
ATOM   713  C CA  . THR A 1 95  ? -2.339  14.079  -5.207  1.00 26.26 ? 95   THR A CA  1 
ATOM   714  C C   . THR A 1 95  ? -1.888  14.910  -6.407  1.00 28.18 ? 95   THR A C   1 
ATOM   715  O O   . THR A 1 95  ? -2.605  15.813  -6.874  1.00 27.81 ? 95   THR A O   1 
ATOM   716  C CB  . THR A 1 95  ? -2.572  12.641  -5.722  1.00 25.28 ? 95   THR A CB  1 
ATOM   717  O OG1 . THR A 1 95  ? -3.730  12.636  -6.580  1.00 27.53 ? 95   THR A OG1 1 
ATOM   718  C CG2 . THR A 1 95  ? -2.862  11.680  -4.554  1.00 25.93 ? 95   THR A CG2 1 
ATOM   719  N N   . PRO A 1 96  ? -0.661  14.643  -6.887  1.00 28.75 ? 96   PRO A N   1 
ATOM   720  C CA  . PRO A 1 96  ? -0.147  15.357  -8.056  1.00 28.35 ? 96   PRO A CA  1 
ATOM   721  C C   . PRO A 1 96  ? -0.953  14.715  -9.194  1.00 30.33 ? 96   PRO A C   1 
ATOM   722  O O   . PRO A 1 96  ? -1.626  13.689  -8.986  1.00 28.30 ? 96   PRO A O   1 
ATOM   723  C CB  . PRO A 1 96  ? 1.319   14.928  -8.119  1.00 29.89 ? 96   PRO A CB  1 
ATOM   724  C CG  . PRO A 1 96  ? 1.677   14.666  -6.710  1.00 29.09 ? 96   PRO A CG  1 
ATOM   725  C CD  . PRO A 1 96  ? 0.431   13.957  -6.169  1.00 28.99 ? 96   PRO A CD  1 
ATOM   726  N N   . PRO A 1 97  ? -0.907  15.299  -10.402 1.00 31.22 ? 97   PRO A N   1 
ATOM   727  C CA  . PRO A 1 97  ? -1.648  14.746  -11.546 1.00 32.67 ? 97   PRO A CA  1 
ATOM   728  C C   . PRO A 1 97  ? -1.077  13.375  -11.930 1.00 32.33 ? 97   PRO A C   1 
ATOM   729  O O   . PRO A 1 97  ? 0.114   13.160  -11.772 1.00 31.78 ? 97   PRO A O   1 
ATOM   730  C CB  . PRO A 1 97  ? -1.376  15.759  -12.663 1.00 32.85 ? 97   PRO A CB  1 
ATOM   731  C CG  . PRO A 1 97  ? -1.009  17.012  -11.939 1.00 34.48 ? 97   PRO A CG  1 
ATOM   732  C CD  . PRO A 1 97  ? -0.184  16.526  -10.776 1.00 31.68 ? 97   PRO A CD  1 
ATOM   733  N N   . PHE A 1 98  ? -1.911  12.463  -12.422 1.00 32.40 ? 98   PHE A N   1 
ATOM   734  C CA  . PHE A 1 98  ? -1.416  11.164  -12.858 1.00 34.49 ? 98   PHE A CA  1 
ATOM   735  C C   . PHE A 1 98  ? -2.101  10.759  -14.166 1.00 36.62 ? 98   PHE A C   1 
ATOM   736  O O   . PHE A 1 98  ? -3.206  11.223  -14.464 1.00 37.03 ? 98   PHE A O   1 
ATOM   737  C CB  . PHE A 1 98  ? -1.598  10.098  -11.761 1.00 31.13 ? 98   PHE A CB  1 
ATOM   738  C CG  . PHE A 1 98  ? -2.962  10.080  -11.149 1.00 29.53 ? 98   PHE A CG  1 
ATOM   739  C CD1 . PHE A 1 98  ? -3.962  9.271   -11.674 1.00 27.43 ? 98   PHE A CD1 1 
ATOM   740  C CD2 . PHE A 1 98  ? -3.254  10.893  -10.051 1.00 28.73 ? 98   PHE A CD2 1 
ATOM   741  C CE1 . PHE A 1 98  ? -5.245  9.261   -11.122 1.00 28.09 ? 98   PHE A CE1 1 
ATOM   742  C CE2 . PHE A 1 98  ? -4.541  10.898  -9.487  1.00 28.72 ? 98   PHE A CE2 1 
ATOM   743  C CZ  . PHE A 1 98  ? -5.537  10.082  -10.021 1.00 27.67 ? 98   PHE A CZ  1 
ATOM   744  N N   . ASP A 1 99  ? -1.428  9.908   -14.939 1.00 37.86 ? 99   ASP A N   1 
ATOM   745  C CA  . ASP A 1 99  ? -1.892  9.458   -16.256 1.00 40.07 ? 99   ASP A CA  1 
ATOM   746  C C   . ASP A 1 99  ? -2.497  8.072   -16.326 1.00 40.24 ? 99   ASP A C   1 
ATOM   747  O O   . ASP A 1 99  ? -3.362  7.796   -17.156 1.00 41.34 ? 99   ASP A O   1 
ATOM   748  C CB  . ASP A 1 99  ? -0.715  9.506   -17.224 1.00 41.79 ? 99   ASP A CB  1 
ATOM   749  C CG  . ASP A 1 99  ? -0.029  10.852  -17.217 1.00 43.66 ? 99   ASP A CG  1 
ATOM   750  O OD1 . ASP A 1 99  ? -0.626  11.799  -17.769 1.00 44.30 ? 99   ASP A OD1 1 
ATOM   751  O OD2 . ASP A 1 99  ? 1.088   10.970  -16.645 1.00 44.55 ? 99   ASP A OD2 1 
ATOM   752  N N   . ARG A 1 100 ? -2.002  7.181   -15.486 1.00 40.47 ? 100  ARG A N   1 
ATOM   753  C CA  . ARG A 1 100 ? -2.481  5.815   -15.468 1.00 40.00 ? 100  ARG A CA  1 
ATOM   754  C C   . ARG A 1 100 ? -2.672  5.401   -14.031 1.00 38.34 ? 100  ARG A C   1 
ATOM   755  O O   . ARG A 1 100 ? -1.985  5.898   -13.145 1.00 38.27 ? 100  ARG A O   1 
ATOM   756  C CB  . ARG A 1 100 ? -1.454  4.870   -16.096 1.00 42.67 ? 100  ARG A CB  1 
ATOM   757  C CG  . ARG A 1 100 ? -1.042  5.195   -17.521 1.00 47.58 ? 100  ARG A CG  1 
ATOM   758  C CD  . ARG A 1 100 ? -0.278  4.022   -18.123 1.00 50.08 ? 100  ARG A CD  1 
ATOM   759  N NE  . ARG A 1 100 ? -1.123  2.836   -18.253 1.00 53.79 ? 100  ARG A NE  1 
ATOM   760  C CZ  . ARG A 1 100 ? -2.183  2.745   -19.065 1.00 55.53 ? 100  ARG A CZ  1 
ATOM   761  N NH1 . ARG A 1 100 ? -2.537  3.777   -19.832 1.00 55.12 ? 100  ARG A NH1 1 
ATOM   762  N NH2 . ARG A 1 100 ? -2.898  1.617   -19.108 1.00 55.60 ? 100  ARG A NH2 1 
ATOM   763  N N   . VAL A 1 101 ? -3.583  4.464   -13.817 1.00 36.84 ? 101  VAL A N   1 
ATOM   764  C CA  . VAL A 1 101 ? -3.866  3.953   -12.494 1.00 36.70 ? 101  VAL A CA  1 
ATOM   765  C C   . VAL A 1 101 ? -3.626  2.451   -12.494 1.00 35.96 ? 101  VAL A C   1 
ATOM   766  O O   . VAL A 1 101 ? -4.100  1.744   -13.375 1.00 36.11 ? 101  VAL A O   1 
ATOM   767  C CB  . VAL A 1 101 ? -5.340  4.201   -12.118 1.00 37.41 ? 101  VAL A CB  1 
ATOM   768  C CG1 . VAL A 1 101 ? -5.674  3.473   -10.825 1.00 37.52 ? 101  VAL A CG1 1 
ATOM   769  C CG2 . VAL A 1 101 ? -5.604  5.714   -12.000 1.00 36.88 ? 101  VAL A CG2 1 
ATOM   770  N N   . TYR A 1 102 ? -2.901  1.956   -11.505 1.00 36.09 ? 102  TYR A N   1 
ATOM   771  C CA  . TYR A 1 102 ? -2.658  0.519   -11.430 1.00 36.10 ? 102  TYR A CA  1 
ATOM   772  C C   . TYR A 1 102 ? -3.372  -0.079  -10.242 1.00 35.98 ? 102  TYR A C   1 
ATOM   773  O O   . TYR A 1 102 ? -3.156  0.348   -9.111  1.00 36.53 ? 102  TYR A O   1 
ATOM   774  C CB  . TYR A 1 102 ? -1.173  0.205   -11.291 1.00 36.36 ? 102  TYR A CB  1 
ATOM   775  C CG  . TYR A 1 102 ? -0.334  0.661   -12.447 1.00 36.86 ? 102  TYR A CG  1 
ATOM   776  C CD1 . TYR A 1 102 ? 0.128   1.971   -12.524 1.00 36.33 ? 102  TYR A CD1 1 
ATOM   777  C CD2 . TYR A 1 102 ? 0.005   -0.226  -13.465 1.00 37.47 ? 102  TYR A CD2 1 
ATOM   778  C CE1 . TYR A 1 102 ? 0.911   2.386   -13.591 1.00 38.83 ? 102  TYR A CE1 1 
ATOM   779  C CE2 . TYR A 1 102 ? 0.787   0.177   -14.535 1.00 38.65 ? 102  TYR A CE2 1 
ATOM   780  C CZ  . TYR A 1 102 ? 1.236   1.480   -14.594 1.00 39.32 ? 102  TYR A CZ  1 
ATOM   781  O OH  . TYR A 1 102 ? 2.007   1.879   -15.664 1.00 41.35 ? 102  TYR A OH  1 
ATOM   782  N N   . SER A 1 103 ? -4.212  -1.069  -10.494 1.00 35.78 ? 103  SER A N   1 
ATOM   783  C CA  . SER A 1 103 ? -4.913  -1.718  -9.409  1.00 37.61 ? 103  SER A CA  1 
ATOM   784  C C   . SER A 1 103 ? -5.538  -3.033  -9.821  1.00 38.04 ? 103  SER A C   1 
ATOM   785  O O   . SER A 1 103 ? -5.901  -3.230  -10.983 1.00 38.09 ? 103  SER A O   1 
ATOM   786  C CB  . SER A 1 103 ? -6.009  -0.799  -8.847  1.00 37.74 ? 103  SER A CB  1 
ATOM   787  O OG  . SER A 1 103 ? -6.676  -1.431  -7.762  1.00 37.09 ? 103  SER A OG  1 
ATOM   788  N N   . GLY A 1 104 ? -5.664  -3.926  -8.849  1.00 38.92 ? 104  GLY A N   1 
ATOM   789  C CA  . GLY A 1 104 ? -6.283  -5.213  -9.095  1.00 39.94 ? 104  GLY A CA  1 
ATOM   790  C C   . GLY A 1 104 ? -7.580  -5.294  -8.302  1.00 40.89 ? 104  GLY A C   1 
ATOM   791  O O   . GLY A 1 104 ? -8.266  -6.323  -8.315  1.00 41.46 ? 104  GLY A O   1 
ATOM   792  N N   . ASN A 1 105 ? -7.906  -4.196  -7.606  1.00 39.64 ? 105  ASN A N   1 
ATOM   793  C CA  . ASN A 1 105 ? -9.117  -4.079  -6.791  1.00 38.43 ? 105  ASN A CA  1 
ATOM   794  C C   . ASN A 1 105 ? -10.277 -3.682  -7.706  1.00 37.88 ? 105  ASN A C   1 
ATOM   795  O O   . ASN A 1 105 ? -10.301 -2.574  -8.240  1.00 36.61 ? 105  ASN A O   1 
ATOM   796  C CB  . ASN A 1 105 ? -8.896  -3.002  -5.720  1.00 40.32 ? 105  ASN A CB  1 
ATOM   797  C CG  . ASN A 1 105 ? -10.041 -2.904  -4.741  1.00 40.95 ? 105  ASN A CG  1 
ATOM   798  O OD1 . ASN A 1 105 ? -11.178 -2.634  -5.114  1.00 40.97 ? 105  ASN A OD1 1 
ATOM   799  N ND2 . ASN A 1 105 ? -9.741  -3.117  -3.466  1.00 43.62 ? 105  ASN A ND2 1 
ATOM   800  N N   . PRO A 1 106 ? -11.255 -4.585  -7.897  1.00 37.66 ? 106  PRO A N   1 
ATOM   801  C CA  . PRO A 1 106 ? -12.416 -4.336  -8.755  1.00 35.92 ? 106  PRO A CA  1 
ATOM   802  C C   . PRO A 1 106 ? -13.076 -2.973  -8.513  1.00 34.21 ? 106  PRO A C   1 
ATOM   803  O O   . PRO A 1 106 ? -13.345 -2.245  -9.466  1.00 34.52 ? 106  PRO A O   1 
ATOM   804  C CB  . PRO A 1 106 ? -13.347 -5.501  -8.426  1.00 37.43 ? 106  PRO A CB  1 
ATOM   805  C CG  . PRO A 1 106 ? -12.368 -6.620  -8.082  1.00 38.55 ? 106  PRO A CG  1 
ATOM   806  C CD  . PRO A 1 106 ? -11.378 -5.888  -7.207  1.00 38.28 ? 106  PRO A CD  1 
ATOM   807  N N   . LEU A 1 107 ? -13.334 -2.641  -7.250  1.00 31.90 ? 107  LEU A N   1 
ATOM   808  C CA  . LEU A 1 107 ? -13.951 -1.359  -6.910  1.00 30.98 ? 107  LEU A CA  1 
ATOM   809  C C   . LEU A 1 107 ? -13.074 -0.216  -7.396  1.00 30.23 ? 107  LEU A C   1 
ATOM   810  O O   . LEU A 1 107 ? -13.552 0.669   -8.095  1.00 30.44 ? 107  LEU A O   1 
ATOM   811  C CB  . LEU A 1 107 ? -14.174 -1.242  -5.402  1.00 30.16 ? 107  LEU A CB  1 
ATOM   812  C CG  . LEU A 1 107 ? -14.854 0.044   -4.905  1.00 30.88 ? 107  LEU A CG  1 
ATOM   813  C CD1 . LEU A 1 107 ? -16.237 0.187   -5.553  1.00 29.94 ? 107  LEU A CD1 1 
ATOM   814  C CD2 . LEU A 1 107 ? -14.983 0.007   -3.375  1.00 30.16 ? 107  LEU A CD2 1 
ATOM   815  N N   . VAL A 1 108 ? -11.788 -0.237  -7.050  1.00 29.54 ? 108  VAL A N   1 
ATOM   816  C CA  . VAL A 1 108 ? -10.902 0.829   -7.497  1.00 30.37 ? 108  VAL A CA  1 
ATOM   817  C C   . VAL A 1 108 ? -10.876 0.908   -9.024  1.00 31.57 ? 108  VAL A C   1 
ATOM   818  O O   . VAL A 1 108 ? -10.891 2.002   -9.601  1.00 30.23 ? 108  VAL A O   1 
ATOM   819  C CB  . VAL A 1 108 ? -9.463  0.629   -6.979  1.00 30.10 ? 108  VAL A CB  1 
ATOM   820  C CG1 . VAL A 1 108 ? -8.510  1.643   -7.627  1.00 29.24 ? 108  VAL A CG1 1 
ATOM   821  C CG2 . VAL A 1 108 ? -9.443  0.806   -5.470  1.00 30.71 ? 108  VAL A CG2 1 
ATOM   822  N N   . GLN A 1 109 ? -10.833 -0.250  -9.682  1.00 32.03 ? 109  GLN A N   1 
ATOM   823  C CA  . GLN A 1 109 ? -10.799 -0.258  -11.144 1.00 32.31 ? 109  GLN A CA  1 
ATOM   824  C C   . GLN A 1 109 ? -12.062 0.347   -11.730 1.00 31.88 ? 109  GLN A C   1 
ATOM   825  O O   . GLN A 1 109 ? -11.999 1.176   -12.641 1.00 30.96 ? 109  GLN A O   1 
ATOM   826  C CB  . GLN A 1 109 ? -10.657 -1.679  -11.680 1.00 33.10 ? 109  GLN A CB  1 
ATOM   827  C CG  . GLN A 1 109 ? -9.344  -2.370  -11.336 1.00 35.60 ? 109  GLN A CG  1 
ATOM   828  C CD  . GLN A 1 109 ? -9.380  -3.857  -11.671 1.00 37.23 ? 109  GLN A CD  1 
ATOM   829  O OE1 . GLN A 1 109 ? -10.449 -4.437  -11.811 1.00 38.69 ? 109  GLN A OE1 1 
ATOM   830  N NE2 . GLN A 1 109 ? -8.208  -4.479  -11.783 1.00 38.19 ? 109  GLN A NE2 1 
ATOM   831  N N   . ARG A 1 110 ? -13.212 -0.085  -11.223 1.00 30.39 ? 110  ARG A N   1 
ATOM   832  C CA  . ARG A 1 110 ? -14.469 0.419   -11.748 1.00 31.23 ? 110  ARG A CA  1 
ATOM   833  C C   . ARG A 1 110 ? -14.638 1.928   -11.538 1.00 31.00 ? 110  ARG A C   1 
ATOM   834  O O   . ARG A 1 110 ? -15.010 2.648   -12.471 1.00 31.60 ? 110  ARG A O   1 
ATOM   835  C CB  . ARG A 1 110 ? -15.648 -0.357  -11.127 1.00 30.92 ? 110  ARG A CB  1 
ATOM   836  C CG  . ARG A 1 110 ? -17.006 -0.018  -11.731 1.00 31.18 ? 110  ARG A CG  1 
ATOM   837  C CD  . ARG A 1 110 ? -17.077 -0.261  -13.244 1.00 31.01 ? 110  ARG A CD  1 
ATOM   838  N NE  . ARG A 1 110 ? -18.278 0.355   -13.815 1.00 30.36 ? 110  ARG A NE  1 
ATOM   839  C CZ  . ARG A 1 110 ? -18.655 0.255   -15.091 1.00 31.42 ? 110  ARG A CZ  1 
ATOM   840  N NH1 . ARG A 1 110 ? -17.930 -0.453  -15.953 1.00 31.69 ? 110  ARG A NH1 1 
ATOM   841  N NH2 . ARG A 1 110 ? -19.741 0.885   -15.522 1.00 28.10 ? 110  ARG A NH2 1 
ATOM   842  N N   . LEU A 1 111 ? -14.361 2.411   -10.327 1.00 30.12 ? 111  LEU A N   1 
ATOM   843  C CA  . LEU A 1 111 ? -14.487 3.841   -10.040 1.00 28.96 ? 111  LEU A CA  1 
ATOM   844  C C   . LEU A 1 111 ? -13.606 4.698   -10.949 1.00 29.92 ? 111  LEU A C   1 
ATOM   845  O O   . LEU A 1 111 ? -14.080 5.674   -11.532 1.00 29.83 ? 111  LEU A O   1 
ATOM   846  C CB  . LEU A 1 111 ? -14.159 4.130   -8.567  1.00 27.30 ? 111  LEU A CB  1 
ATOM   847  C CG  . LEU A 1 111 ? -15.158 3.568   -7.538  1.00 26.21 ? 111  LEU A CG  1 
ATOM   848  C CD1 . LEU A 1 111 ? -14.634 3.817   -6.111  1.00 25.44 ? 111  LEU A CD1 1 
ATOM   849  C CD2 . LEU A 1 111 ? -16.523 4.220   -7.730  1.00 26.78 ? 111  LEU A CD2 1 
ATOM   850  N N   . PHE A 1 112 ? -12.331 4.343   -11.084 1.00 30.51 ? 112  PHE A N   1 
ATOM   851  C CA  . PHE A 1 112 ? -11.440 5.112   -11.951 1.00 31.46 ? 112  PHE A CA  1 
ATOM   852  C C   . PHE A 1 112 ? -11.815 4.950   -13.414 1.00 33.37 ? 112  PHE A C   1 
ATOM   853  O O   . PHE A 1 112 ? -11.652 5.864   -14.227 1.00 34.00 ? 112  PHE A O   1 
ATOM   854  C CB  . PHE A 1 112 ? -9.977  4.698   -11.753 1.00 31.51 ? 112  PHE A CB  1 
ATOM   855  C CG  . PHE A 1 112 ? -9.271  5.477   -10.671 1.00 31.75 ? 112  PHE A CG  1 
ATOM   856  C CD1 . PHE A 1 112 ? -8.979  4.888   -9.443  1.00 32.42 ? 112  PHE A CD1 1 
ATOM   857  C CD2 . PHE A 1 112 ? -8.939  6.820   -10.867 1.00 32.70 ? 112  PHE A CD2 1 
ATOM   858  C CE1 . PHE A 1 112 ? -8.373  5.621   -8.422  1.00 32.56 ? 112  PHE A CE1 1 
ATOM   859  C CE2 . PHE A 1 112 ? -8.330  7.563   -9.847  1.00 32.78 ? 112  PHE A CE2 1 
ATOM   860  C CZ  . PHE A 1 112 ? -8.049  6.955   -8.617  1.00 32.24 ? 112  PHE A CZ  1 
ATOM   861  N N   . SER A 1 113 ? -12.314 3.778   -13.758 1.00 34.33 ? 113  SER A N   1 
ATOM   862  C CA  . SER A 1 113 ? -12.702 3.533   -15.130 1.00 35.93 ? 113  SER A CA  1 
ATOM   863  C C   . SER A 1 113 ? -13.899 4.428   -15.496 1.00 35.50 ? 113  SER A C   1 
ATOM   864  O O   . SER A 1 113 ? -13.906 5.083   -16.544 1.00 34.45 ? 113  SER A O   1 
ATOM   865  C CB  . SER A 1 113 ? -13.060 2.070   -15.283 1.00 36.87 ? 113  SER A CB  1 
ATOM   866  O OG  . SER A 1 113 ? -13.371 1.790   -16.622 1.00 42.72 ? 113  SER A OG  1 
ATOM   867  N N   . GLU A 1 114 ? -14.909 4.450   -14.633 1.00 34.83 ? 114  GLU A N   1 
ATOM   868  C CA  . GLU A 1 114 ? -16.082 5.280   -14.890 1.00 35.83 ? 114  GLU A CA  1 
ATOM   869  C C   . GLU A 1 114 ? -15.668 6.733   -14.966 1.00 36.79 ? 114  GLU A C   1 
ATOM   870  O O   . GLU A 1 114 ? -16.296 7.521   -15.660 1.00 37.21 ? 114  GLU A O   1 
ATOM   871  C CB  . GLU A 1 114 ? -17.147 5.088   -13.806 1.00 34.43 ? 114  GLU A CB  1 
ATOM   872  C CG  . GLU A 1 114 ? -17.999 3.844   -14.011 1.00 33.75 ? 114  GLU A CG  1 
ATOM   873  C CD  . GLU A 1 114 ? -19.060 3.677   -12.939 1.00 35.20 ? 114  GLU A CD  1 
ATOM   874  O OE1 . GLU A 1 114 ? -19.521 4.709   -12.392 1.00 35.04 ? 114  GLU A OE1 1 
ATOM   875  O OE2 . GLU A 1 114 ? -19.446 2.517   -12.653 1.00 33.30 ? 114  GLU A OE2 1 
ATOM   876  N N   . ASP A 1 115 ? -14.607 7.097   -14.257 1.00 38.38 ? 115  ASP A N   1 
ATOM   877  C CA  . ASP A 1 115 ? -14.143 8.476   -14.303 1.00 40.64 ? 115  ASP A CA  1 
ATOM   878  C C   . ASP A 1 115 ? -13.337 8.788   -15.568 1.00 41.45 ? 115  ASP A C   1 
ATOM   879  O O   . ASP A 1 115 ? -12.890 9.915   -15.756 1.00 40.70 ? 115  ASP A O   1 
ATOM   880  C CB  . ASP A 1 115 ? -13.289 8.814   -13.078 1.00 42.25 ? 115  ASP A CB  1 
ATOM   881  C CG  . ASP A 1 115 ? -12.991 10.299  -12.977 1.00 44.07 ? 115  ASP A CG  1 
ATOM   882  O OD1 . ASP A 1 115 ? -11.842 10.731  -13.263 1.00 45.01 ? 115  ASP A OD1 1 
ATOM   883  O OD2 . ASP A 1 115 ? -13.930 11.041  -12.620 1.00 45.62 ? 115  ASP A OD2 1 
ATOM   884  N N   . GLY A 1 116 ? -13.135 7.790   -16.420 1.00 42.48 ? 116  GLY A N   1 
ATOM   885  C CA  . GLY A 1 116 ? -12.400 8.025   -17.652 1.00 44.28 ? 116  GLY A CA  1 
ATOM   886  C C   . GLY A 1 116 ? -10.914 7.711   -17.597 1.00 45.54 ? 116  GLY A C   1 
ATOM   887  O O   . GLY A 1 116 ? -10.168 8.020   -18.533 1.00 44.14 ? 116  GLY A O   1 
ATOM   888  N N   . TYR A 1 117 ? -10.473 7.086   -16.513 1.00 46.10 ? 117  TYR A N   1 
ATOM   889  C CA  . TYR A 1 117 ? -9.067  6.753   -16.397 1.00 47.92 ? 117  TYR A CA  1 
ATOM   890  C C   . TYR A 1 117 ? -8.714  5.404   -16.950 1.00 48.77 ? 117  TYR A C   1 
ATOM   891  O O   . TYR A 1 117 ? -9.522  4.474   -16.939 1.00 48.59 ? 117  TYR A O   1 
ATOM   892  C CB  . TYR A 1 117 ? -8.601  6.823   -14.950 1.00 47.61 ? 117  TYR A CB  1 
ATOM   893  C CG  . TYR A 1 117 ? -8.159  8.196   -14.547 1.00 48.17 ? 117  TYR A CG  1 
ATOM   894  C CD1 . TYR A 1 117 ? -9.050  9.093   -13.967 1.00 49.16 ? 117  TYR A CD1 1 
ATOM   895  C CD2 . TYR A 1 117 ? -6.845  8.602   -14.738 1.00 49.29 ? 117  TYR A CD2 1 
ATOM   896  C CE1 . TYR A 1 117 ? -8.637  10.364  -13.579 1.00 49.73 ? 117  TYR A CE1 1 
ATOM   897  C CE2 . TYR A 1 117 ? -6.421  9.862   -14.360 1.00 49.29 ? 117  TYR A CE2 1 
ATOM   898  C CZ  . TYR A 1 117 ? -7.320  10.736  -13.777 1.00 50.06 ? 117  TYR A CZ  1 
ATOM   899  O OH  . TYR A 1 117 ? -6.894  11.979  -13.363 1.00 51.70 ? 117  TYR A OH  1 
ATOM   900  N N   . GLU A 1 118 ? -7.477  5.310   -17.427 1.00 51.00 ? 118  GLU A N   1 
ATOM   901  C CA  . GLU A 1 118 ? -6.932  4.078   -17.984 1.00 52.83 ? 118  GLU A CA  1 
ATOM   902  C C   . GLU A 1 118 ? -6.491  3.241   -16.789 1.00 52.18 ? 118  GLU A C   1 
ATOM   903  O O   . GLU A 1 118 ? -5.593  3.641   -16.054 1.00 52.33 ? 118  GLU A O   1 
ATOM   904  C CB  . GLU A 1 118 ? -5.719  4.406   -18.864 1.00 54.89 ? 118  GLU A CB  1 
ATOM   905  C CG  . GLU A 1 118 ? -5.935  5.597   -19.792 1.00 58.31 ? 118  GLU A CG  1 
ATOM   906  C CD  . GLU A 1 118 ? -7.000  5.345   -20.859 1.00 60.41 ? 118  GLU A CD  1 
ATOM   907  O OE1 . GLU A 1 118 ? -6.813  4.408   -21.667 1.00 61.69 ? 118  GLU A OE1 1 
ATOM   908  O OE2 . GLU A 1 118 ? -8.018  6.085   -20.890 1.00 61.05 ? 118  GLU A OE2 1 
ATOM   909  N N   . VAL A 1 119 ? -7.123  2.093   -16.582 1.00 52.05 ? 119  VAL A N   1 
ATOM   910  C CA  . VAL A 1 119 ? -6.767  1.253   -15.453 1.00 52.10 ? 119  VAL A CA  1 
ATOM   911  C C   . VAL A 1 119 ? -6.049  -0.021  -15.877 1.00 52.92 ? 119  VAL A C   1 
ATOM   912  O O   . VAL A 1 119 ? -6.561  -0.805  -16.675 1.00 52.66 ? 119  VAL A O   1 
ATOM   913  C CB  . VAL A 1 119 ? -8.009  0.864   -14.626 1.00 52.12 ? 119  VAL A CB  1 
ATOM   914  C CG1 . VAL A 1 119 ? -7.596  -0.009  -13.456 1.00 51.75 ? 119  VAL A CG1 1 
ATOM   915  C CG2 . VAL A 1 119 ? -8.709  2.115   -14.109 1.00 51.38 ? 119  VAL A CG2 1 
ATOM   916  N N   . THR A 1 120 ? -4.862  -0.217  -15.316 1.00 53.46 ? 120  THR A N   1 
ATOM   917  C CA  . THR A 1 120 ? -4.036  -1.383  -15.600 1.00 54.05 ? 120  THR A CA  1 
ATOM   918  C C   . THR A 1 120 ? -3.970  -2.255  -14.361 1.00 55.08 ? 120  THR A C   1 
ATOM   919  O O   . THR A 1 120 ? -3.591  -1.781  -13.292 1.00 54.88 ? 120  THR A O   1 
ATOM   920  C CB  . THR A 1 120 ? -2.607  -0.963  -15.948 1.00 53.59 ? 120  THR A CB  1 
ATOM   921  O OG1 . THR A 1 120 ? -2.623  -0.132  -17.114 1.00 52.02 ? 120  THR A OG1 1 
ATOM   922  C CG2 . THR A 1 120 ? -1.728  -2.196  -16.179 1.00 54.36 ? 120  THR A CG2 1 
ATOM   923  N N   . ALA A 1 121 ? -4.352  -3.521  -14.496 1.00 57.36 ? 121  ALA A N   1 
ATOM   924  C CA  . ALA A 1 121 ? -4.305  -4.453  -13.370 1.00 60.33 ? 121  ALA A CA  1 
ATOM   925  C C   . ALA A 1 121 ? -2.889  -5.019  -13.309 1.00 62.57 ? 121  ALA A C   1 
ATOM   926  O O   . ALA A 1 121 ? -2.337  -5.422  -14.326 1.00 63.22 ? 121  ALA A O   1 
ATOM   927  C CB  . ALA A 1 121 ? -5.311  -5.576  -13.575 1.00 60.00 ? 121  ALA A CB  1 
ATOM   928  N N   . PRO A 1 122 ? -2.285  -5.068  -12.112 1.00 64.44 ? 122  PRO A N   1 
ATOM   929  C CA  . PRO A 1 122 ? -0.920  -5.591  -11.966 1.00 66.03 ? 122  PRO A CA  1 
ATOM   930  C C   . PRO A 1 122 ? -0.743  -7.038  -12.452 1.00 67.04 ? 122  PRO A C   1 
ATOM   931  O O   . PRO A 1 122 ? -1.608  -7.893  -12.224 1.00 67.36 ? 122  PRO A O   1 
ATOM   932  C CB  . PRO A 1 122 ? -0.663  -5.451  -10.469 1.00 66.18 ? 122  PRO A CB  1 
ATOM   933  C CG  . PRO A 1 122 ? -2.040  -5.710  -9.885  1.00 65.86 ? 122  PRO A CG  1 
ATOM   934  C CD  . PRO A 1 122 ? -2.915  -4.869  -10.795 1.00 65.19 ? 122  PRO A CD  1 
ATOM   935  N N   . PRO A 1 123 ? 0.390   -7.323  -13.132 1.00 67.60 ? 123  PRO A N   1 
ATOM   936  C CA  . PRO A 1 123 ? 0.722   -8.650  -13.665 1.00 67.49 ? 123  PRO A CA  1 
ATOM   937  C C   . PRO A 1 123 ? 0.475   -9.794  -12.683 1.00 67.46 ? 123  PRO A C   1 
ATOM   938  O O   . PRO A 1 123 ? 1.131   -9.892  -11.648 1.00 67.72 ? 123  PRO A O   1 
ATOM   939  C CB  . PRO A 1 123 ? 2.194   -8.499  -14.029 1.00 67.56 ? 123  PRO A CB  1 
ATOM   940  C CG  . PRO A 1 123 ? 2.233   -7.106  -14.556 1.00 67.32 ? 123  PRO A CG  1 
ATOM   941  C CD  . PRO A 1 123 ? 1.421   -6.341  -13.522 1.00 67.61 ? 123  PRO A CD  1 
ATOM   942  N N   . TYR A 1 130 ? 1.587   -14.070 -0.790  1.00 55.19 ? 130  TYR A N   1 
ATOM   943  C CA  . TYR A 1 130 ? 1.761   -12.627 -0.946  1.00 54.46 ? 130  TYR A CA  1 
ATOM   944  C C   . TYR A 1 130 ? 0.452   -11.842 -0.905  1.00 53.34 ? 130  TYR A C   1 
ATOM   945  O O   . TYR A 1 130 ? 0.013   -11.289 -1.913  1.00 53.75 ? 130  TYR A O   1 
ATOM   946  C CB  . TYR A 1 130 ? 2.494   -12.310 -2.251  1.00 55.84 ? 130  TYR A CB  1 
ATOM   947  C CG  . TYR A 1 130 ? 3.979   -12.603 -2.231  1.00 57.55 ? 130  TYR A CG  1 
ATOM   948  C CD1 . TYR A 1 130 ? 4.703   -12.693 -3.419  1.00 58.68 ? 130  TYR A CD1 1 
ATOM   949  C CD2 . TYR A 1 130 ? 4.669   -12.780 -1.029  1.00 58.18 ? 130  TYR A CD2 1 
ATOM   950  C CE1 . TYR A 1 130 ? 6.074   -12.951 -3.417  1.00 58.95 ? 130  TYR A CE1 1 
ATOM   951  C CE2 . TYR A 1 130 ? 6.043   -13.042 -1.018  1.00 58.60 ? 130  TYR A CE2 1 
ATOM   952  C CZ  . TYR A 1 130 ? 6.737   -13.126 -2.215  1.00 58.98 ? 130  TYR A CZ  1 
ATOM   953  O OH  . TYR A 1 130 ? 8.091   -13.383 -2.221  1.00 59.53 ? 130  TYR A OH  1 
ATOM   954  N N   . SER A 1 131 ? -0.167  -11.800 0.268   1.00 51.15 ? 131  SER A N   1 
ATOM   955  C CA  . SER A 1 131 ? -1.406  -11.061 0.467   1.00 48.92 ? 131  SER A CA  1 
ATOM   956  C C   . SER A 1 131 ? -1.356  -10.625 1.921   1.00 47.45 ? 131  SER A C   1 
ATOM   957  O O   . SER A 1 131 ? -0.882  -11.371 2.773   1.00 46.67 ? 131  SER A O   1 
ATOM   958  C CB  . SER A 1 131 ? -2.623  -11.957 0.245   1.00 48.66 ? 131  SER A CB  1 
ATOM   959  O OG  . SER A 1 131 ? -2.850  -12.769 1.380   1.00 49.69 ? 131  SER A OG  1 
ATOM   960  N N   . GLY A 1 132 ? -1.820  -9.417  2.212   1.00 45.39 ? 132  GLY A N   1 
ATOM   961  C CA  . GLY A 1 132 ? -1.793  -8.965  3.590   1.00 42.98 ? 132  GLY A CA  1 
ATOM   962  C C   . GLY A 1 132 ? -2.482  -9.969  4.492   1.00 41.10 ? 132  GLY A C   1 
ATOM   963  O O   . GLY A 1 132 ? -1.997  -10.268 5.575   1.00 40.59 ? 132  GLY A O   1 
ATOM   964  N N   . THR A 1 133 ? -3.614  -10.494 4.037   1.00 41.28 ? 133  THR A N   1 
ATOM   965  C CA  . THR A 1 133 ? -4.376  -11.471 4.815   1.00 41.27 ? 133  THR A CA  1 
ATOM   966  C C   . THR A 1 133 ? -3.487  -12.632 5.244   1.00 41.65 ? 133  THR A C   1 
ATOM   967  O O   . THR A 1 133 ? -3.453  -12.990 6.421   1.00 41.57 ? 133  THR A O   1 
ATOM   968  C CB  . THR A 1 133 ? -5.559  -12.014 4.008   1.00 41.86 ? 133  THR A CB  1 
ATOM   969  O OG1 . THR A 1 133 ? -6.421  -10.925 3.653   1.00 43.19 ? 133  THR A OG1 1 
ATOM   970  C CG2 . THR A 1 133 ? -6.344  -13.044 4.820   1.00 39.61 ? 133  THR A CG2 1 
ATOM   971  N N   . GLU A 1 134 ? -2.765  -13.208 4.285   1.00 41.45 ? 134  GLU A N   1 
ATOM   972  C CA  . GLU A 1 134 ? -1.867  -14.323 4.568   1.00 41.01 ? 134  GLU A CA  1 
ATOM   973  C C   . GLU A 1 134 ? -0.821  -13.886 5.598   1.00 40.12 ? 134  GLU A C   1 
ATOM   974  O O   . GLU A 1 134 ? -0.561  -14.598 6.577   1.00 38.70 ? 134  GLU A O   1 
ATOM   975  C CB  . GLU A 1 134 ? -1.189  -14.797 3.271   1.00 42.35 ? 134  GLU A CB  1 
ATOM   976  C CG  . GLU A 1 134 ? -0.148  -15.925 3.429   1.00 43.91 ? 134  GLU A CG  1 
ATOM   977  C CD  . GLU A 1 134 ? -0.716  -17.178 4.083   1.00 46.21 ? 134  GLU A CD  1 
ATOM   978  O OE1 . GLU A 1 134 ? -1.929  -17.431 3.932   1.00 47.65 ? 134  GLU A OE1 1 
ATOM   979  O OE2 . GLU A 1 134 ? 0.053   -17.924 4.738   1.00 47.87 ? 134  GLU A OE2 1 
ATOM   980  N N   . VAL A 1 135 ? -0.225  -12.713 5.384   1.00 38.60 ? 135  VAL A N   1 
ATOM   981  C CA  . VAL A 1 135 ? 0.782   -12.202 6.312   1.00 37.19 ? 135  VAL A CA  1 
ATOM   982  C C   . VAL A 1 135 ? 0.239   -12.059 7.731   1.00 37.74 ? 135  VAL A C   1 
ATOM   983  O O   . VAL A 1 135 ? 0.853   -12.542 8.692   1.00 37.00 ? 135  VAL A O   1 
ATOM   984  C CB  . VAL A 1 135 ? 1.326   -10.822 5.871   1.00 37.27 ? 135  VAL A CB  1 
ATOM   985  C CG1 . VAL A 1 135 ? 2.224   -10.236 6.958   1.00 33.29 ? 135  VAL A CG1 1 
ATOM   986  C CG2 . VAL A 1 135 ? 2.088   -10.955 4.563   1.00 36.63 ? 135  VAL A CG2 1 
ATOM   987  N N   . ARG A 1 136 ? -0.905  -11.393 7.875   1.00 38.21 ? 136  ARG A N   1 
ATOM   988  C CA  . ARG A 1 136 ? -1.479  -11.195 9.208   1.00 38.39 ? 136  ARG A CA  1 
ATOM   989  C C   . ARG A 1 136 ? -1.918  -12.514 9.850   1.00 39.25 ? 136  ARG A C   1 
ATOM   990  O O   . ARG A 1 136 ? -1.856  -12.665 11.070  1.00 38.96 ? 136  ARG A O   1 
ATOM   991  C CB  . ARG A 1 136 ? -2.652  -10.204 9.146   1.00 37.75 ? 136  ARG A CB  1 
ATOM   992  C CG  . ARG A 1 136 ? -2.243  -8.815  8.599   1.00 34.37 ? 136  ARG A CG  1 
ATOM   993  C CD  . ARG A 1 136 ? -3.393  -7.800  8.731   1.00 34.02 ? 136  ARG A CD  1 
ATOM   994  N NE  . ARG A 1 136 ? -4.601  -8.252  8.044   1.00 33.85 ? 136  ARG A NE  1 
ATOM   995  C CZ  . ARG A 1 136 ? -4.813  -8.139  6.738   1.00 32.63 ? 136  ARG A CZ  1 
ATOM   996  N NH1 . ARG A 1 136 ? -3.902  -7.580  5.950   1.00 32.89 ? 136  ARG A NH1 1 
ATOM   997  N NH2 . ARG A 1 136 ? -5.946  -8.583  6.223   1.00 34.17 ? 136  ARG A NH2 1 
ATOM   998  N N   . ARG A 1 137 ? -2.341  -13.471 9.031   1.00 40.29 ? 137  ARG A N   1 
ATOM   999  C CA  . ARG A 1 137 ? -2.759  -14.775 9.539   1.00 42.12 ? 137  ARG A CA  1 
ATOM   1000 C C   . ARG A 1 137 ? -1.541  -15.536 10.102  1.00 41.59 ? 137  ARG A C   1 
ATOM   1001 O O   . ARG A 1 137 ? -1.645  -16.202 11.134  1.00 41.90 ? 137  ARG A O   1 
ATOM   1002 C CB  . ARG A 1 137 ? -3.450  -15.562 8.419   1.00 45.10 ? 137  ARG A CB  1 
ATOM   1003 C CG  . ARG A 1 137 ? -4.181  -16.832 8.862   1.00 49.75 ? 137  ARG A CG  1 
ATOM   1004 C CD  . ARG A 1 137 ? -3.206  -17.978 8.981   1.00 53.88 ? 137  ARG A CD  1 
ATOM   1005 N NE  . ARG A 1 137 ? -3.658  -19.187 8.286   1.00 56.50 ? 137  ARG A NE  1 
ATOM   1006 C CZ  . ARG A 1 137 ? -2.835  -20.124 7.823   1.00 57.01 ? 137  ARG A CZ  1 
ATOM   1007 N NH1 . ARG A 1 137 ? -1.520  -19.988 7.978   1.00 57.15 ? 137  ARG A NH1 1 
ATOM   1008 N NH2 . ARG A 1 137 ? -3.320  -21.193 7.204   1.00 57.20 ? 137  ARG A NH2 1 
ATOM   1009 N N   . ARG A 1 138 ? -0.388  -15.423 9.448   1.00 40.52 ? 138  ARG A N   1 
ATOM   1010 C CA  . ARG A 1 138 ? 0.812   -16.097 9.934   1.00 40.61 ? 138  ARG A CA  1 
ATOM   1011 C C   . ARG A 1 138 ? 1.345   -15.418 11.191  1.00 40.88 ? 138  ARG A C   1 
ATOM   1012 O O   . ARG A 1 138 ? 1.936   -16.072 12.053  1.00 39.54 ? 138  ARG A O   1 
ATOM   1013 C CB  . ARG A 1 138 ? 1.908   -16.119 8.870   1.00 39.84 ? 138  ARG A CB  1 
ATOM   1014 C CG  . ARG A 1 138 ? 1.574   -16.956 7.655   1.00 40.38 ? 138  ARG A CG  1 
ATOM   1015 C CD  . ARG A 1 138 ? 2.770   -17.042 6.730   1.00 41.17 ? 138  ARG A CD  1 
ATOM   1016 N NE  . ARG A 1 138 ? 2.466   -17.785 5.516   1.00 42.07 ? 138  ARG A NE  1 
ATOM   1017 C CZ  . ARG A 1 138 ? 3.380   -18.198 4.640   1.00 42.31 ? 138  ARG A CZ  1 
ATOM   1018 N NH1 . ARG A 1 138 ? 4.664   -17.942 4.838   1.00 40.72 ? 138  ARG A NH1 1 
ATOM   1019 N NH2 . ARG A 1 138 ? 3.005   -18.883 3.570   1.00 42.24 ? 138  ARG A NH2 1 
ATOM   1020 N N   . MET A 1 139 ? 1.147   -14.105 11.303  1.00 40.55 ? 139  MET A N   1 
ATOM   1021 C CA  . MET A 1 139 ? 1.617   -13.396 12.489  1.00 41.13 ? 139  MET A CA  1 
ATOM   1022 C C   . MET A 1 139 ? 0.801   -13.895 13.670  1.00 42.12 ? 139  MET A C   1 
ATOM   1023 O O   . MET A 1 139 ? 1.329   -14.103 14.766  1.00 43.01 ? 139  MET A O   1 
ATOM   1024 C CB  . MET A 1 139 ? 1.432   -11.885 12.337  1.00 40.98 ? 139  MET A CB  1 
ATOM   1025 C CG  . MET A 1 139 ? 2.141   -11.284 11.140  1.00 40.35 ? 139  MET A CG  1 
ATOM   1026 S SD  . MET A 1 139 ? 1.869   -9.496  11.110  1.00 40.74 ? 139  MET A SD  1 
ATOM   1027 C CE  . MET A 1 139 ? 3.317   -8.912  10.375  1.00 39.28 ? 139  MET A CE  1 
ATOM   1028 N N   . LEU A 1 140 ? -0.488  -14.115 13.435  1.00 43.54 ? 140  LEU A N   1 
ATOM   1029 C CA  . LEU A 1 140 ? -1.379  -14.586 14.486  1.00 45.45 ? 140  LEU A CA  1 
ATOM   1030 C C   . LEU A 1 140 ? -1.183  -16.053 14.849  1.00 46.38 ? 140  LEU A C   1 
ATOM   1031 O O   . LEU A 1 140 ? -1.209  -16.403 16.025  1.00 46.10 ? 140  LEU A O   1 
ATOM   1032 C CB  . LEU A 1 140 ? -2.834  -14.352 14.089  1.00 45.86 ? 140  LEU A CB  1 
ATOM   1033 C CG  . LEU A 1 140 ? -3.239  -12.877 14.113  1.00 47.00 ? 140  LEU A CG  1 
ATOM   1034 C CD1 . LEU A 1 140 ? -4.649  -12.702 13.572  1.00 48.54 ? 140  LEU A CD1 1 
ATOM   1035 C CD2 . LEU A 1 140 ? -3.133  -12.364 15.544  1.00 47.97 ? 140  LEU A CD2 1 
ATOM   1036 N N   . ASP A 1 141 ? -0.984  -16.903 13.847  1.00 47.01 ? 141  ASP A N   1 
ATOM   1037 C CA  . ASP A 1 141 ? -0.809  -18.331 14.096  1.00 48.32 ? 141  ASP A CA  1 
ATOM   1038 C C   . ASP A 1 141 ? 0.648   -18.769 14.262  1.00 48.10 ? 141  ASP A C   1 
ATOM   1039 O O   . ASP A 1 141 ? 0.945   -19.968 14.281  1.00 48.02 ? 141  ASP A O   1 
ATOM   1040 C CB  . ASP A 1 141 ? -1.464  -19.143 12.972  1.00 49.62 ? 141  ASP A CB  1 
ATOM   1041 C CG  . ASP A 1 141 ? -2.947  -18.872 12.850  1.00 50.98 ? 141  ASP A CG  1 
ATOM   1042 O OD1 . ASP A 1 141 ? -3.571  -18.511 13.868  1.00 52.26 ? 141  ASP A OD1 1 
ATOM   1043 O OD2 . ASP A 1 141 ? -3.499  -19.030 11.741  1.00 52.90 ? 141  ASP A OD2 1 
ATOM   1044 N N   . ASP A 1 142 ? 1.547   -17.800 14.401  1.00 47.06 ? 142  ASP A N   1 
ATOM   1045 C CA  . ASP A 1 142 ? 2.968   -18.091 14.551  1.00 46.68 ? 142  ASP A CA  1 
ATOM   1046 C C   . ASP A 1 142 ? 3.542   -18.806 13.326  1.00 45.91 ? 142  ASP A C   1 
ATOM   1047 O O   . ASP A 1 142 ? 4.496   -19.585 13.434  1.00 45.91 ? 142  ASP A O   1 
ATOM   1048 C CB  . ASP A 1 142 ? 3.219   -18.935 15.804  1.00 47.64 ? 142  ASP A CB  1 
ATOM   1049 C CG  . ASP A 1 142 ? 2.926   -18.180 17.087  1.00 48.64 ? 142  ASP A CG  1 
ATOM   1050 O OD1 . ASP A 1 142 ? 3.457   -17.059 17.258  1.00 49.49 ? 142  ASP A OD1 1 
ATOM   1051 O OD2 . ASP A 1 142 ? 2.175   -18.712 17.932  1.00 49.41 ? 142  ASP A OD2 1 
ATOM   1052 N N   . GLY A 1 143 ? 2.949   -18.539 12.164  1.00 44.63 ? 143  GLY A N   1 
ATOM   1053 C CA  . GLY A 1 143 ? 3.425   -19.128 10.927  1.00 43.24 ? 143  GLY A CA  1 
ATOM   1054 C C   . GLY A 1 143 ? 4.650   -18.353 10.466  1.00 42.37 ? 143  GLY A C   1 
ATOM   1055 O O   . GLY A 1 143 ? 5.204   -17.554 11.221  1.00 42.26 ? 143  GLY A O   1 
ATOM   1056 N N   . ASP A 1 144 ? 5.082   -18.574 9.230   1.00 41.92 ? 144  ASP A N   1 
ATOM   1057 C CA  . ASP A 1 144 ? 6.251   -17.873 8.717   1.00 41.80 ? 144  ASP A CA  1 
ATOM   1058 C C   . ASP A 1 144 ? 5.883   -16.586 7.956   1.00 40.99 ? 144  ASP A C   1 
ATOM   1059 O O   . ASP A 1 144 ? 5.823   -16.583 6.727   1.00 41.21 ? 144  ASP A O   1 
ATOM   1060 C CB  . ASP A 1 144 ? 7.046   -18.814 7.807   1.00 42.64 ? 144  ASP A CB  1 
ATOM   1061 C CG  . ASP A 1 144 ? 8.363   -18.224 7.366   1.00 44.83 ? 144  ASP A CG  1 
ATOM   1062 O OD1 . ASP A 1 144 ? 8.891   -17.323 8.066   1.00 45.63 ? 144  ASP A OD1 1 
ATOM   1063 O OD2 . ASP A 1 144 ? 8.885   -18.676 6.321   1.00 47.16 ? 144  ASP A OD2 1 
ATOM   1064 N N   . TRP A 1 145 ? 5.652   -15.495 8.683   1.00 39.53 ? 145  TRP A N   1 
ATOM   1065 C CA  . TRP A 1 145 ? 5.295   -14.228 8.040   1.00 38.18 ? 145  TRP A CA  1 
ATOM   1066 C C   . TRP A 1 145 ? 6.507   -13.456 7.534   1.00 38.57 ? 145  TRP A C   1 
ATOM   1067 O O   . TRP A 1 145 ? 6.439   -12.768 6.507   1.00 37.54 ? 145  TRP A O   1 
ATOM   1068 C CB  . TRP A 1 145 ? 4.512   -13.335 9.011   1.00 35.83 ? 145  TRP A CB  1 
ATOM   1069 C CG  . TRP A 1 145 ? 5.215   -13.048 10.285  1.00 33.97 ? 145  TRP A CG  1 
ATOM   1070 C CD1 . TRP A 1 145 ? 5.223   -13.828 11.411  1.00 33.68 ? 145  TRP A CD1 1 
ATOM   1071 C CD2 . TRP A 1 145 ? 6.019   -11.894 10.589  1.00 33.99 ? 145  TRP A CD2 1 
ATOM   1072 N NE1 . TRP A 1 145 ? 5.974   -13.229 12.397  1.00 33.40 ? 145  TRP A NE1 1 
ATOM   1073 C CE2 . TRP A 1 145 ? 6.475   -12.043 11.920  1.00 32.50 ? 145  TRP A CE2 1 
ATOM   1074 C CE3 . TRP A 1 145 ? 6.394   -10.746 9.866   1.00 33.19 ? 145  TRP A CE3 1 
ATOM   1075 C CZ2 . TRP A 1 145 ? 7.282   -11.092 12.544  1.00 32.90 ? 145  TRP A CZ2 1 
ATOM   1076 C CZ3 . TRP A 1 145 ? 7.196   -9.795  10.487  1.00 32.11 ? 145  TRP A CZ3 1 
ATOM   1077 C CH2 . TRP A 1 145 ? 7.633   -9.973  11.813  1.00 34.07 ? 145  TRP A CH2 1 
ATOM   1078 N N   . ARG A 1 146 ? 7.619   -13.560 8.255   1.00 39.29 ? 146  ARG A N   1 
ATOM   1079 C CA  . ARG A 1 146 ? 8.825   -12.829 7.891   1.00 39.77 ? 146  ARG A CA  1 
ATOM   1080 C C   . ARG A 1 146 ? 9.302   -13.016 6.457   1.00 41.07 ? 146  ARG A C   1 
ATOM   1081 O O   . ARG A 1 146 ? 9.736   -12.057 5.815   1.00 42.04 ? 146  ARG A O   1 
ATOM   1082 C CB  . ARG A 1 146 ? 9.969   -13.185 8.838   1.00 40.42 ? 146  ARG A CB  1 
ATOM   1083 C CG  . ARG A 1 146 ? 9.790   -12.678 10.249  1.00 40.12 ? 146  ARG A CG  1 
ATOM   1084 C CD  . ARG A 1 146 ? 11.141  -12.541 10.938  1.00 40.59 ? 146  ARG A CD  1 
ATOM   1085 N NE  . ARG A 1 146 ? 10.977  -11.998 12.281  1.00 40.32 ? 146  ARG A NE  1 
ATOM   1086 C CZ  . ARG A 1 146 ? 10.310  -12.629 13.238  1.00 40.24 ? 146  ARG A CZ  1 
ATOM   1087 N NH1 . ARG A 1 146 ? 9.766   -13.812 12.981  1.00 39.60 ? 146  ARG A NH1 1 
ATOM   1088 N NH2 . ARG A 1 146 ? 10.162  -12.075 14.435  1.00 40.92 ? 146  ARG A NH2 1 
ATOM   1089 N N   . SER A 1 147 ? 9.225   -14.237 5.943   1.00 41.74 ? 147  SER A N   1 
ATOM   1090 C CA  . SER A 1 147 ? 9.706   -14.502 4.590   1.00 42.41 ? 147  SER A CA  1 
ATOM   1091 C C   . SER A 1 147 ? 8.862   -13.828 3.505   1.00 41.94 ? 147  SER A C   1 
ATOM   1092 O O   . SER A 1 147 ? 9.317   -13.664 2.375   1.00 41.65 ? 147  SER A O   1 
ATOM   1093 C CB  . SER A 1 147 ? 9.763   -16.008 4.330   1.00 42.03 ? 147  SER A CB  1 
ATOM   1094 O OG  . SER A 1 147 ? 8.464   -16.558 4.239   1.00 45.06 ? 147  SER A OG  1 
ATOM   1095 N N   . LEU A 1 148 ? 7.635   -13.446 3.853   1.00 41.15 ? 148  LEU A N   1 
ATOM   1096 C CA  . LEU A 1 148 ? 6.737   -12.789 2.900   1.00 40.96 ? 148  LEU A CA  1 
ATOM   1097 C C   . LEU A 1 148 ? 6.983   -11.284 2.788   1.00 40.17 ? 148  LEU A C   1 
ATOM   1098 O O   . LEU A 1 148 ? 6.418   -10.617 1.912   1.00 41.31 ? 148  LEU A O   1 
ATOM   1099 C CB  . LEU A 1 148 ? 5.288   -13.033 3.314   1.00 40.15 ? 148  LEU A CB  1 
ATOM   1100 C CG  . LEU A 1 148 ? 4.610   -14.324 2.851   1.00 41.78 ? 148  LEU A CG  1 
ATOM   1101 C CD1 . LEU A 1 148 ? 5.644   -15.363 2.459   1.00 42.93 ? 148  LEU A CD1 1 
ATOM   1102 C CD2 . LEU A 1 148 ? 3.680   -14.830 3.954   1.00 41.07 ? 148  LEU A CD2 1 
ATOM   1103 N N   . LEU A 1 149 ? 7.836   -10.755 3.653   1.00 39.08 ? 149  LEU A N   1 
ATOM   1104 C CA  . LEU A 1 149 ? 8.114   -9.326  3.678   1.00 39.47 ? 149  LEU A CA  1 
ATOM   1105 C C   . LEU A 1 149 ? 9.576   -8.925  3.503   1.00 40.83 ? 149  LEU A C   1 
ATOM   1106 O O   . LEU A 1 149 ? 10.494  -9.684  3.853   1.00 40.75 ? 149  LEU A O   1 
ATOM   1107 C CB  . LEU A 1 149 ? 7.628   -8.746  5.007   1.00 38.88 ? 149  LEU A CB  1 
ATOM   1108 C CG  . LEU A 1 149 ? 6.236   -9.207  5.442   1.00 37.40 ? 149  LEU A CG  1 
ATOM   1109 C CD1 . LEU A 1 149 ? 5.926   -8.701  6.831   1.00 37.33 ? 149  LEU A CD1 1 
ATOM   1110 C CD2 . LEU A 1 149 ? 5.221   -8.723  4.434   1.00 37.55 ? 149  LEU A CD2 1 
ATOM   1111 N N   . PRO A 1 150 ? 9.816   -7.724  2.944   1.00 40.60 ? 150  PRO A N   1 
ATOM   1112 C CA  . PRO A 1 150 ? 11.190  -7.249  2.758   1.00 40.54 ? 150  PRO A CA  1 
ATOM   1113 C C   . PRO A 1 150 ? 11.736  -7.145  4.176   1.00 41.35 ? 150  PRO A C   1 
ATOM   1114 O O   . PRO A 1 150 ? 10.961  -6.905  5.115   1.00 41.61 ? 150  PRO A O   1 
ATOM   1115 C CB  . PRO A 1 150 ? 11.002  -5.869  2.135   1.00 40.96 ? 150  PRO A CB  1 
ATOM   1116 C CG  . PRO A 1 150 ? 9.700   -6.015  1.376   1.00 40.72 ? 150  PRO A CG  1 
ATOM   1117 C CD  . PRO A 1 150 ? 8.840   -6.800  2.330   1.00 41.22 ? 150  PRO A CD  1 
ATOM   1118 N N   . GLU A 1 151 ? 13.041  -7.328  4.355   1.00 40.37 ? 151  GLU A N   1 
ATOM   1119 C CA  . GLU A 1 151 ? 13.598  -7.245  5.693   1.00 40.09 ? 151  GLU A CA  1 
ATOM   1120 C C   . GLU A 1 151 ? 13.441  -5.891  6.363   1.00 38.33 ? 151  GLU A C   1 
ATOM   1121 O O   . GLU A 1 151 ? 13.357  -5.810  7.588   1.00 36.58 ? 151  GLU A O   1 
ATOM   1122 C CB  . GLU A 1 151 ? 15.080  -7.650  5.698   1.00 42.60 ? 151  GLU A CB  1 
ATOM   1123 C CG  . GLU A 1 151 ? 15.291  -9.143  5.936   1.00 46.99 ? 151  GLU A CG  1 
ATOM   1124 C CD  . GLU A 1 151 ? 14.523  -9.671  7.155   1.00 48.86 ? 151  GLU A CD  1 
ATOM   1125 O OE1 . GLU A 1 151 ? 14.690  -9.114  8.269   1.00 50.73 ? 151  GLU A OE1 1 
ATOM   1126 O OE2 . GLU A 1 151 ? 13.750  -10.648 7.004   1.00 50.10 ? 151  GLU A OE2 1 
ATOM   1127 N N   . SER A 1 152 ? 13.421  -4.816  5.583   1.00 36.61 ? 152  SER A N   1 
ATOM   1128 C CA  . SER A 1 152 ? 13.262  -3.505  6.195   1.00 35.94 ? 152  SER A CA  1 
ATOM   1129 C C   . SER A 1 152 ? 11.894  -3.420  6.869   1.00 34.48 ? 152  SER A C   1 
ATOM   1130 O O   . SER A 1 152 ? 11.758  -2.823  7.938   1.00 34.50 ? 152  SER A O   1 
ATOM   1131 C CB  . SER A 1 152 ? 13.418  -2.387  5.149   1.00 36.71 ? 152  SER A CB  1 
ATOM   1132 O OG  . SER A 1 152 ? 12.703  -2.702  3.972   1.00 37.41 ? 152  SER A OG  1 
ATOM   1133 N N   . VAL A 1 153 ? 10.892  -4.043  6.256   1.00 33.52 ? 153  VAL A N   1 
ATOM   1134 C CA  . VAL A 1 153 ? 9.539   -4.028  6.810   1.00 33.53 ? 153  VAL A CA  1 
ATOM   1135 C C   . VAL A 1 153 ? 9.494   -4.858  8.107   1.00 34.39 ? 153  VAL A C   1 
ATOM   1136 O O   . VAL A 1 153 ? 8.911   -4.431  9.112   1.00 31.63 ? 153  VAL A O   1 
ATOM   1137 C CB  . VAL A 1 153 ? 8.515   -4.589  5.791   1.00 33.28 ? 153  VAL A CB  1 
ATOM   1138 C CG1 . VAL A 1 153 ? 7.140   -4.706  6.442   1.00 33.43 ? 153  VAL A CG1 1 
ATOM   1139 C CG2 . VAL A 1 153 ? 8.436   -3.667  4.563   1.00 33.24 ? 153  VAL A CG2 1 
ATOM   1140 N N   . VAL A 1 154 ? 10.130  -6.036  8.086   1.00 34.29 ? 154  VAL A N   1 
ATOM   1141 C CA  . VAL A 1 154 ? 10.149  -6.892  9.277   1.00 34.83 ? 154  VAL A CA  1 
ATOM   1142 C C   . VAL A 1 154 ? 10.731  -6.079  10.408  1.00 33.25 ? 154  VAL A C   1 
ATOM   1143 O O   . VAL A 1 154 ? 10.228  -6.084  11.518  1.00 33.58 ? 154  VAL A O   1 
ATOM   1144 C CB  . VAL A 1 154 ? 11.022  -8.166  9.068   1.00 35.46 ? 154  VAL A CB  1 
ATOM   1145 C CG1 . VAL A 1 154 ? 11.026  -9.020  10.344  1.00 36.15 ? 154  VAL A CG1 1 
ATOM   1146 C CG2 . VAL A 1 154 ? 10.483  -8.973  7.905   1.00 34.83 ? 154  VAL A CG2 1 
ATOM   1147 N N   . GLU A 1 155 ? 11.791  -5.351  10.100  1.00 33.95 ? 155  GLU A N   1 
ATOM   1148 C CA  . GLU A 1 155 ? 12.467  -4.512  11.072  1.00 34.92 ? 155  GLU A CA  1 
ATOM   1149 C C   . GLU A 1 155 ? 11.528  -3.455  11.678  1.00 35.30 ? 155  GLU A C   1 
ATOM   1150 O O   . GLU A 1 155 ? 11.520  -3.231  12.900  1.00 34.46 ? 155  GLU A O   1 
ATOM   1151 C CB  . GLU A 1 155 ? 13.653  -3.863  10.368  1.00 38.47 ? 155  GLU A CB  1 
ATOM   1152 C CG  . GLU A 1 155 ? 14.505  -2.934  11.190  1.00 44.12 ? 155  GLU A CG  1 
ATOM   1153 C CD  . GLU A 1 155 ? 15.776  -2.544  10.429  1.00 48.73 ? 155  GLU A CD  1 
ATOM   1154 O OE1 . GLU A 1 155 ? 16.320  -1.443  10.687  1.00 51.02 ? 155  GLU A OE1 1 
ATOM   1155 O OE2 . GLU A 1 155 ? 16.234  -3.350  9.574   1.00 50.26 ? 155  GLU A OE2 1 
ATOM   1156 N N   . VAL A 1 156 ? 10.748  -2.779  10.836  1.00 33.49 ? 156  VAL A N   1 
ATOM   1157 C CA  . VAL A 1 156 ? 9.824   -1.786  11.371  1.00 34.01 ? 156  VAL A CA  1 
ATOM   1158 C C   . VAL A 1 156 ? 8.801   -2.473  12.285  1.00 33.38 ? 156  VAL A C   1 
ATOM   1159 O O   . VAL A 1 156 ? 8.517   -2.006  13.391  1.00 33.16 ? 156  VAL A O   1 
ATOM   1160 C CB  . VAL A 1 156 ? 9.092   -1.034  10.244  1.00 34.53 ? 156  VAL A CB  1 
ATOM   1161 C CG1 . VAL A 1 156 ? 7.984   -0.167  10.837  1.00 33.93 ? 156  VAL A CG1 1 
ATOM   1162 C CG2 . VAL A 1 156 ? 10.094  -0.157  9.486   1.00 35.12 ? 156  VAL A CG2 1 
ATOM   1163 N N   . ILE A 1 157 ? 8.262   -3.593  11.835  1.00 34.08 ? 157  ILE A N   1 
ATOM   1164 C CA  . ILE A 1 157 ? 7.281   -4.311  12.643  1.00 35.99 ? 157  ILE A CA  1 
ATOM   1165 C C   . ILE A 1 157 ? 7.854   -4.704  14.018  1.00 38.21 ? 157  ILE A C   1 
ATOM   1166 O O   . ILE A 1 157 ? 7.170   -4.585  15.050  1.00 37.70 ? 157  ILE A O   1 
ATOM   1167 C CB  . ILE A 1 157 ? 6.747   -5.541  11.879  1.00 34.96 ? 157  ILE A CB  1 
ATOM   1168 C CG1 . ILE A 1 157 ? 6.005   -5.045  10.622  1.00 33.11 ? 157  ILE A CG1 1 
ATOM   1169 C CG2 . ILE A 1 157 ? 5.811   -6.360  12.775  1.00 35.01 ? 157  ILE A CG2 1 
ATOM   1170 C CD1 . ILE A 1 157 ? 5.561   -6.119  9.669   1.00 31.34 ? 157  ILE A CD1 1 
ATOM   1171 N N   . ASP A 1 158 ? 9.108   -5.149  14.051  1.00 39.00 ? 158  ASP A N   1 
ATOM   1172 C CA  . ASP A 1 158 ? 9.720   -5.494  15.332  1.00 40.42 ? 158  ASP A CA  1 
ATOM   1173 C C   . ASP A 1 158 ? 9.848   -4.228  16.198  1.00 40.20 ? 158  ASP A C   1 
ATOM   1174 O O   . ASP A 1 158 ? 9.534   -4.246  17.382  1.00 40.44 ? 158  ASP A O   1 
ATOM   1175 C CB  . ASP A 1 158 ? 11.100  -6.125  15.110  1.00 41.43 ? 158  ASP A CB  1 
ATOM   1176 C CG  . ASP A 1 158 ? 11.012  -7.563  14.619  1.00 43.64 ? 158  ASP A CG  1 
ATOM   1177 O OD1 . ASP A 1 158 ? 12.035  -8.083  14.110  1.00 45.18 ? 158  ASP A OD1 1 
ATOM   1178 O OD2 . ASP A 1 158 ? 9.928   -8.181  14.745  1.00 44.60 ? 158  ASP A OD2 1 
ATOM   1179 N N   . GLU A 1 159 ? 10.294  -3.128  15.595  1.00 40.35 ? 159  GLU A N   1 
ATOM   1180 C CA  . GLU A 1 159 ? 10.466  -1.862  16.301  1.00 40.89 ? 159  GLU A CA  1 
ATOM   1181 C C   . GLU A 1 159 ? 9.182   -1.303  16.915  1.00 39.82 ? 159  GLU A C   1 
ATOM   1182 O O   . GLU A 1 159 ? 9.230   -0.657  17.954  1.00 38.90 ? 159  GLU A O   1 
ATOM   1183 C CB  . GLU A 1 159 ? 11.053  -0.809  15.351  1.00 45.42 ? 159  GLU A CB  1 
ATOM   1184 C CG  . GLU A 1 159 ? 10.975  0.636   15.871  1.00 51.56 ? 159  GLU A CG  1 
ATOM   1185 C CD  . GLU A 1 159 ? 11.284  1.687   14.784  1.00 55.81 ? 159  GLU A CD  1 
ATOM   1186 O OE1 . GLU A 1 159 ? 10.572  1.716   13.745  1.00 57.15 ? 159  GLU A OE1 1 
ATOM   1187 O OE2 . GLU A 1 159 ? 12.235  2.487   14.970  1.00 57.49 ? 159  GLU A OE2 1 
ATOM   1188 N N   . ILE A 1 160 ? 8.040   -1.541  16.277  1.00 37.28 ? 160  ILE A N   1 
ATOM   1189 C CA  . ILE A 1 160 ? 6.773   -1.010  16.781  1.00 36.54 ? 160  ILE A CA  1 
ATOM   1190 C C   . ILE A 1 160 ? 5.939   -2.048  17.526  1.00 36.28 ? 160  ILE A C   1 
ATOM   1191 O O   . ILE A 1 160 ? 4.816   -1.756  17.943  1.00 34.00 ? 160  ILE A O   1 
ATOM   1192 C CB  . ILE A 1 160 ? 5.906   -0.411  15.635  1.00 35.30 ? 160  ILE A CB  1 
ATOM   1193 C CG1 . ILE A 1 160 ? 5.399   -1.522  14.725  1.00 34.42 ? 160  ILE A CG1 1 
ATOM   1194 C CG2 . ILE A 1 160 ? 6.721   0.592   14.833  1.00 34.21 ? 160  ILE A CG2 1 
ATOM   1195 C CD1 . ILE A 1 160 ? 4.478   -1.014  13.620  1.00 35.70 ? 160  ILE A CD1 1 
ATOM   1196 N N   . ASN A 1 161 ? 6.507   -3.241  17.712  1.00 36.28 ? 161  ASN A N   1 
ATOM   1197 C CA  . ASN A 1 161 ? 5.827   -4.336  18.409  1.00 36.55 ? 161  ASN A CA  1 
ATOM   1198 C C   . ASN A 1 161 ? 4.546   -4.766  17.699  1.00 36.34 ? 161  ASN A C   1 
ATOM   1199 O O   . ASN A 1 161 ? 3.554   -5.096  18.348  1.00 36.12 ? 161  ASN A O   1 
ATOM   1200 C CB  . ASN A 1 161 ? 5.499   -3.917  19.845  1.00 38.58 ? 161  ASN A CB  1 
ATOM   1201 C CG  . ASN A 1 161 ? 6.733   -3.496  20.622  1.00 42.15 ? 161  ASN A CG  1 
ATOM   1202 O OD1 . ASN A 1 161 ? 6.798   -2.389  21.166  1.00 44.85 ? 161  ASN A OD1 1 
ATOM   1203 N ND2 . ASN A 1 161 ? 7.721   -4.377  20.678  1.00 42.58 ? 161  ASN A ND2 1 
ATOM   1204 N N   . GLY A 1 162 ? 4.582   -4.772  16.364  1.00 35.35 ? 162  GLY A N   1 
ATOM   1205 C CA  . GLY A 1 162 ? 3.422   -5.147  15.574  1.00 34.91 ? 162  GLY A CA  1 
ATOM   1206 C C   . GLY A 1 162 ? 2.763   -6.480  15.885  1.00 34.86 ? 162  GLY A C   1 
ATOM   1207 O O   . GLY A 1 162 ? 1.536   -6.570  15.956  1.00 33.08 ? 162  GLY A O   1 
ATOM   1208 N N   . VAL A 1 163 ? 3.560   -7.531  16.058  1.00 34.32 ? 163  VAL A N   1 
ATOM   1209 C CA  . VAL A 1 163 ? 2.990   -8.832  16.354  1.00 33.20 ? 163  VAL A CA  1 
ATOM   1210 C C   . VAL A 1 163 ? 2.316   -8.857  17.715  1.00 33.16 ? 163  VAL A C   1 
ATOM   1211 O O   . VAL A 1 163 ? 1.224   -9.414  17.865  1.00 32.90 ? 163  VAL A O   1 
ATOM   1212 C CB  . VAL A 1 163 ? 4.058   -9.934  16.269  1.00 34.84 ? 163  VAL A CB  1 
ATOM   1213 C CG1 . VAL A 1 163 ? 3.440   -11.304 16.667  1.00 32.68 ? 163  VAL A CG1 1 
ATOM   1214 C CG2 . VAL A 1 163 ? 4.603   -9.980  14.845  1.00 33.58 ? 163  VAL A CG2 1 
ATOM   1215 N N   . GLU A 1 164 ? 2.961   -8.229  18.691  1.00 32.89 ? 164  GLU A N   1 
ATOM   1216 C CA  . GLU A 1 164 ? 2.450   -8.133  20.050  1.00 34.20 ? 164  GLU A CA  1 
ATOM   1217 C C   . GLU A 1 164 ? 1.078   -7.443  19.998  1.00 33.25 ? 164  GLU A C   1 
ATOM   1218 O O   . GLU A 1 164 ? 0.126   -7.824  20.701  1.00 30.37 ? 164  GLU A O   1 
ATOM   1219 C CB  . GLU A 1 164 ? 3.430   -7.294  20.869  1.00 38.24 ? 164  GLU A CB  1 
ATOM   1220 C CG  . GLU A 1 164 ? 3.121   -7.143  22.346  1.00 43.56 ? 164  GLU A CG  1 
ATOM   1221 C CD  . GLU A 1 164 ? 4.091   -6.168  23.027  1.00 47.70 ? 164  GLU A CD  1 
ATOM   1222 O OE1 . GLU A 1 164 ? 3.822   -4.928  23.023  1.00 46.67 ? 164  GLU A OE1 1 
ATOM   1223 O OE2 . GLU A 1 164 ? 5.138   -6.650  23.540  1.00 49.16 ? 164  GLU A OE2 1 
ATOM   1224 N N   . ARG A 1 165 ? 0.985   -6.415  19.154  1.00 31.07 ? 165  ARG A N   1 
ATOM   1225 C CA  . ARG A 1 165 ? -0.268  -5.694  19.004  1.00 29.61 ? 165  ARG A CA  1 
ATOM   1226 C C   . ARG A 1 165 ? -1.340  -6.576  18.387  1.00 29.56 ? 165  ARG A C   1 
ATOM   1227 O O   . ARG A 1 165 ? -2.422  -6.710  18.939  1.00 30.31 ? 165  ARG A O   1 
ATOM   1228 C CB  . ARG A 1 165 ? -0.075  -4.451  18.121  1.00 27.45 ? 165  ARG A CB  1 
ATOM   1229 C CG  . ARG A 1 165 ? -1.398  -3.687  17.818  1.00 26.97 ? 165  ARG A CG  1 
ATOM   1230 C CD  . ARG A 1 165 ? -1.162  -2.581  16.760  1.00 22.88 ? 165  ARG A CD  1 
ATOM   1231 N NE  . ARG A 1 165 ? -0.214  -1.584  17.235  1.00 22.22 ? 165  ARG A NE  1 
ATOM   1232 C CZ  . ARG A 1 165 ? 0.331   -0.653  16.455  1.00 24.02 ? 165  ARG A CZ  1 
ATOM   1233 N NH1 . ARG A 1 165 ? -0.004  -0.610  15.166  1.00 22.21 ? 165  ARG A NH1 1 
ATOM   1234 N NH2 . ARG A 1 165 ? 1.211   0.208   16.953  1.00 22.10 ? 165  ARG A NH2 1 
ATOM   1235 N N   . ILE A 1 166 ? -1.047  -7.176  17.239  1.00 31.50 ? 166  ILE A N   1 
ATOM   1236 C CA  . ILE A 1 166 ? -2.037  -8.004  16.558  1.00 33.34 ? 166  ILE A CA  1 
ATOM   1237 C C   . ILE A 1 166 ? -2.521  -9.172  17.415  1.00 34.55 ? 166  ILE A C   1 
ATOM   1238 O O   . ILE A 1 166 ? -3.697  -9.530  17.379  1.00 31.68 ? 166  ILE A O   1 
ATOM   1239 C CB  . ILE A 1 166 ? -1.488  -8.578  15.227  1.00 36.96 ? 166  ILE A CB  1 
ATOM   1240 C CG1 . ILE A 1 166 ? -0.910  -7.455  14.370  1.00 38.06 ? 166  ILE A CG1 1 
ATOM   1241 C CG2 . ILE A 1 166 ? -2.624  -9.240  14.437  1.00 37.50 ? 166  ILE A CG2 1 
ATOM   1242 C CD1 . ILE A 1 166 ? -0.517  -7.888  12.955  1.00 40.50 ? 166  ILE A CD1 1 
ATOM   1243 N N   . LYS A 1 167 ? -1.610  -9.777  18.175  1.00 34.80 ? 167  LYS A N   1 
ATOM   1244 C CA  . LYS A 1 167 ? -2.003  -10.903 19.023  1.00 35.68 ? 167  LYS A CA  1 
ATOM   1245 C C   . LYS A 1 167 ? -2.917  -10.443 20.161  1.00 36.63 ? 167  LYS A C   1 
ATOM   1246 O O   . LYS A 1 167 ? -3.949  -11.063 20.426  1.00 36.98 ? 167  LYS A O   1 
ATOM   1247 C CB  . LYS A 1 167 ? -0.757  -11.621 19.549  1.00 35.30 ? 167  LYS A CB  1 
ATOM   1248 C CG  . LYS A 1 167 ? -0.134  -12.537 18.487  1.00 36.18 ? 167  LYS A CG  1 
ATOM   1249 C CD  . LYS A 1 167 ? 1.104   -13.274 19.016  1.00 37.88 ? 167  LYS A CD  1 
ATOM   1250 C CE  . LYS A 1 167 ? 1.400   -14.525 18.192  1.00 38.89 ? 167  LYS A CE  1 
ATOM   1251 N NZ  . LYS A 1 167 ? 2.417   -15.372 18.882  1.00 38.85 ? 167  LYS A NZ  1 
ATOM   1252 N N   . HIS A 1 168 ? -2.585  -9.334  20.806  1.00 37.08 ? 168  HIS A N   1 
ATOM   1253 C CA  . HIS A 1 168 ? -3.437  -8.865  21.887  1.00 38.47 ? 168  HIS A CA  1 
ATOM   1254 C C   . HIS A 1 168 ? -4.843  -8.514  21.372  1.00 38.56 ? 168  HIS A C   1 
ATOM   1255 O O   . HIS A 1 168 ? -5.840  -8.816  22.027  1.00 38.66 ? 168  HIS A O   1 
ATOM   1256 C CB  . HIS A 1 168 ? -2.790  -7.664  22.581  1.00 39.88 ? 168  HIS A CB  1 
ATOM   1257 C CG  . HIS A 1 168 ? -3.504  -7.226  23.818  1.00 41.51 ? 168  HIS A CG  1 
ATOM   1258 N ND1 . HIS A 1 168 ? -2.885  -6.505  24.815  1.00 42.84 ? 168  HIS A ND1 1 
ATOM   1259 C CD2 . HIS A 1 168 ? -4.789  -7.382  24.215  1.00 41.97 ? 168  HIS A CD2 1 
ATOM   1260 C CE1 . HIS A 1 168 ? -3.757  -6.235  25.769  1.00 43.02 ? 168  HIS A CE1 1 
ATOM   1261 N NE2 . HIS A 1 168 ? -4.920  -6.758  25.427  1.00 41.33 ? 168  HIS A NE2 1 
ATOM   1262 N N   . LEU A 1 169 ? -4.920  -7.895  20.197  1.00 38.88 ? 169  LEU A N   1 
ATOM   1263 C CA  . LEU A 1 169 ? -6.201  -7.512  19.599  1.00 38.97 ? 169  LEU A CA  1 
ATOM   1264 C C   . LEU A 1 169 ? -7.073  -8.726  19.285  1.00 40.21 ? 169  LEU A C   1 
ATOM   1265 O O   . LEU A 1 169 ? -8.306  -8.671  19.400  1.00 40.25 ? 169  LEU A O   1 
ATOM   1266 C CB  . LEU A 1 169 ? -5.961  -6.709  18.312  1.00 37.71 ? 169  LEU A CB  1 
ATOM   1267 C CG  . LEU A 1 169 ? -5.392  -5.311  18.576  1.00 36.56 ? 169  LEU A CG  1 
ATOM   1268 C CD1 . LEU A 1 169 ? -5.024  -4.608  17.282  1.00 36.57 ? 169  LEU A CD1 1 
ATOM   1269 C CD2 . LEU A 1 169 ? -6.421  -4.521  19.343  1.00 35.49 ? 169  LEU A CD2 1 
ATOM   1270 N N   . ALA A 1 170 ? -6.416  -9.812  18.873  1.00 40.52 ? 170  ALA A N   1 
ATOM   1271 C CA  . ALA A 1 170 ? -7.091  -11.049 18.537  1.00 41.00 ? 170  ALA A CA  1 
ATOM   1272 C C   . ALA A 1 170 ? -7.484  -11.782 19.822  1.00 41.25 ? 170  ALA A C   1 
ATOM   1273 O O   . ALA A 1 170 ? -8.187  -12.792 19.762  1.00 43.04 ? 170  ALA A O   1 
ATOM   1274 C CB  . ALA A 1 170 ? -6.176  -11.925 17.688  1.00 39.35 ? 170  ALA A CB  1 
HETATM 1275 S S   . SO4 B 2 .   ? -5.389  -7.767  2.422   1.00 42.07 ? 1759 SO4 A S   1 
HETATM 1276 O O1  . SO4 B 2 .   ? -6.517  -7.847  3.373   1.00 42.21 ? 1759 SO4 A O1  1 
HETATM 1277 O O2  . SO4 B 2 .   ? -5.808  -6.982  1.243   1.00 42.00 ? 1759 SO4 A O2  1 
HETATM 1278 O O3  . SO4 B 2 .   ? -4.247  -7.097  3.079   1.00 42.60 ? 1759 SO4 A O3  1 
HETATM 1279 O O4  . SO4 B 2 .   ? -5.002  -9.127  1.986   1.00 42.65 ? 1759 SO4 A O4  1 
HETATM 1280 O O3P . NMN C 3 .   ? -7.429  -3.436  -0.347  1.00 46.29 ? 1340 NMN A O3P 1 
HETATM 1281 P P   . NMN C 3 .   ? -6.440  -2.721  -1.215  1.00 45.00 ? 1340 NMN A P   1 
HETATM 1282 O O1P . NMN C 3 .   ? -5.109  -3.073  -0.684  1.00 45.81 ? 1340 NMN A O1P 1 
HETATM 1283 O O2P . NMN C 3 .   ? -6.690  -3.090  -2.636  1.00 46.59 ? 1340 NMN A O2P 1 
HETATM 1284 O O5R . NMN C 3 .   ? -6.834  -1.282  -0.766  1.00 45.04 ? 1340 NMN A O5R 1 
HETATM 1285 C C5R . NMN C 3 .   ? -7.421  -0.351  -1.664  1.00 41.22 ? 1340 NMN A C5R 1 
HETATM 1286 C C4R . NMN C 3 .   ? -7.649  0.873   -0.804  1.00 39.48 ? 1340 NMN A C4R 1 
HETATM 1287 O O4R . NMN C 3 .   ? -8.605  1.716   -1.521  1.00 39.52 ? 1340 NMN A O4R 1 
HETATM 1288 C C3R . NMN C 3 .   ? -8.298  0.612   0.572   1.00 38.55 ? 1340 NMN A C3R 1 
HETATM 1289 O O3R . NMN C 3 .   ? -7.679  1.423   1.590   1.00 38.48 ? 1340 NMN A O3R 1 
HETATM 1290 C C2R . NMN C 3 .   ? -9.738  1.024   0.330   1.00 38.26 ? 1340 NMN A C2R 1 
HETATM 1291 O O2R . NMN C 3 .   ? -10.372 1.385   1.567   1.00 38.03 ? 1340 NMN A O2R 1 
HETATM 1292 C C1R . NMN C 3 .   ? -9.538  2.191   -0.589  1.00 37.07 ? 1340 NMN A C1R 1 
HETATM 1293 N N1  . NMN C 3 .   ? -10.783 2.587   -1.223  1.00 35.95 ? 1340 NMN A N1  1 
HETATM 1294 C C2  . NMN C 3 .   ? -11.566 3.576   -0.631  1.00 33.43 ? 1340 NMN A C2  1 
HETATM 1295 C C3  . NMN C 3 .   ? -12.927 3.872   -1.113  1.00 32.52 ? 1340 NMN A C3  1 
HETATM 1296 C C7  . NMN C 3 .   ? -13.707 4.837   -0.312  1.00 31.31 ? 1340 NMN A C7  1 
HETATM 1297 O O7  . NMN C 3 .   ? -14.881 5.075   -0.685  1.00 31.84 ? 1340 NMN A O7  1 
HETATM 1298 N N7  . NMN C 3 .   ? -13.203 5.452   0.768   1.00 27.48 ? 1340 NMN A N7  1 
HETATM 1299 C C4  . NMN C 3 .   ? -13.367 3.295   -2.438  1.00 31.79 ? 1340 NMN A C4  1 
HETATM 1300 C C5  . NMN C 3 .   ? -12.373 2.321   -2.998  1.00 34.75 ? 1340 NMN A C5  1 
HETATM 1301 C C6  . NMN C 3 .   ? -11.223 1.986   -2.439  1.00 34.78 ? 1340 NMN A C6  1 
HETATM 1302 O O   . HOH D 4 .   ? -2.854  -4.989  2.658   1.00 34.70 ? 2000 HOH A O   1 
HETATM 1303 O O   . HOH D 4 .   ? -2.815  17.951  -8.389  1.00 26.22 ? 2001 HOH A O   1 
HETATM 1304 O O   . HOH D 4 .   ? -20.676 4.453   -1.143  1.00 25.49 ? 2002 HOH A O   1 
HETATM 1305 O O   . HOH D 4 .   ? 1.956   6.345   13.451  1.00 28.50 ? 2003 HOH A O   1 
HETATM 1306 O O   . HOH D 4 .   ? -4.379  14.511  -8.855  1.00 25.84 ? 2004 HOH A O   1 
HETATM 1307 O O   . HOH D 4 .   ? -3.900  5.035   10.742  1.00 25.51 ? 2005 HOH A O   1 
HETATM 1308 O O   . HOH D 4 .   ? 4.484   3.053   16.293  1.00 28.13 ? 2006 HOH A O   1 
HETATM 1309 O O   . HOH D 4 .   ? -8.843  5.680   0.899   1.00 30.26 ? 2007 HOH A O   1 
HETATM 1310 O O   . HOH D 4 .   ? -15.853 7.305   -10.076 1.00 29.78 ? 2008 HOH A O   1 
HETATM 1311 O O   . HOH D 4 .   ? -15.175 10.996  -7.750  1.00 33.20 ? 2009 HOH A O   1 
HETATM 1312 O O   . HOH D 4 .   ? -17.830 -0.048  -0.655  1.00 38.94 ? 2010 HOH A O   1 
HETATM 1313 O O   . HOH D 4 .   ? -15.246 7.772   -7.328  1.00 28.39 ? 2011 HOH A O   1 
HETATM 1314 O O   . HOH D 4 .   ? -5.668  0.347   6.653   1.00 32.30 ? 2012 HOH A O   1 
HETATM 1315 O O   . HOH D 4 .   ? -6.679  4.712   13.714  1.00 27.05 ? 2013 HOH A O   1 
HETATM 1316 O O   . HOH D 4 .   ? 12.429  -10.244 13.195  1.00 41.50 ? 2014 HOH A O   1 
HETATM 1317 O O   . HOH D 4 .   ? 13.695  5.348   -1.704  1.00 37.29 ? 2015 HOH A O   1 
HETATM 1318 O O   . HOH D 4 .   ? 14.212  -4.493  2.531   1.00 44.04 ? 2016 HOH A O   1 
HETATM 1319 O O   . HOH D 4 .   ? 4.228   17.365  -13.897 1.00 56.26 ? 2017 HOH A O   1 
HETATM 1320 O O   . HOH D 4 .   ? -9.956  -3.026  0.113   1.00 63.26 ? 2018 HOH A O   1 
HETATM 1321 O O   . HOH D 4 .   ? -0.583  -6.303  2.327   1.00 34.28 ? 2019 HOH A O   1 
HETATM 1322 O O   . HOH D 4 .   ? -2.319  -3.281  0.026   1.00 34.95 ? 2020 HOH A O   1 
HETATM 1323 O O   . HOH D 4 .   ? 11.412  8.713   0.639   1.00 39.78 ? 2021 HOH A O   1 
HETATM 1324 O O   . HOH D 4 .   ? 2.424   -1.140  19.243  1.00 36.60 ? 2022 HOH A O   1 
HETATM 1325 O O   . HOH D 4 .   ? 14.389  -7.913  1.688   1.00 51.73 ? 2023 HOH A O   1 
HETATM 1326 O O   . HOH D 4 .   ? 3.961   -20.312 7.675   1.00 48.03 ? 2024 HOH A O   1 
HETATM 1327 O O   . HOH D 4 .   ? -13.687 4.064   8.543   1.00 48.17 ? 2025 HOH A O   1 
HETATM 1328 O O   . HOH D 4 .   ? -0.428  -6.022  24.765  1.00 45.97 ? 2026 HOH A O   1 
HETATM 1329 O O   . HOH D 4 .   ? -3.900  0.651   -6.808  1.00 48.80 ? 2027 HOH A O   1 
HETATM 1330 O O   . HOH D 4 .   ? -5.715  13.637  6.665   1.00 38.35 ? 2028 HOH A O   1 
HETATM 1331 O O   . HOH D 4 .   ? -17.006 10.087  4.503   1.00 45.84 ? 2029 HOH A O   1 
HETATM 1332 O O   . HOH D 4 .   ? -8.295  -12.197 22.547  1.00 56.24 ? 2030 HOH A O   1 
HETATM 1333 O O   . HOH D 4 .   ? 5.807   -7.676  18.713  1.00 35.61 ? 2031 HOH A O   1 
HETATM 1334 O O   . HOH D 4 .   ? -11.202 16.443  -7.023  1.00 29.97 ? 2032 HOH A O   1 
HETATM 1335 O O   . HOH D 4 .   ? -9.486  -6.144  19.327  1.00 39.66 ? 2033 HOH A O   1 
HETATM 1336 O O   . HOH D 4 .   ? 0.256   -9.737  22.591  1.00 44.48 ? 2034 HOH A O   1 
HETATM 1337 O O   . HOH D 4 .   ? -20.824 6.662   -13.590 1.00 38.29 ? 2035 HOH A O   1 
HETATM 1338 O O   . HOH D 4 .   ? -10.724 -0.513  4.190   1.00 38.44 ? 2037 HOH A O   1 
HETATM 1339 O O   . HOH D 4 .   ? -5.978  -0.821  -4.987  1.00 39.73 ? 2039 HOH A O   1 
HETATM 1340 O O   . HOH D 4 .   ? -2.319  -2.467  -4.229  1.00 48.00 ? 2040 HOH A O   1 
HETATM 1341 O O   . HOH D 4 .   ? 3.953   -14.815 15.302  1.00 41.86 ? 2041 HOH A O   1 
HETATM 1342 O O   . HOH D 4 .   ? -19.541 3.366   2.395   1.00 49.66 ? 2042 HOH A O   1 
HETATM 1343 O O   . HOH D 4 .   ? -15.230 9.892   -10.855 1.00 50.34 ? 2043 HOH A O   1 
HETATM 1344 O O   . HOH D 4 .   ? -7.323  -9.984  8.165   1.00 50.61 ? 2044 HOH A O   1 
HETATM 1345 O O   . HOH D 4 .   ? -2.354  -7.929  -0.071  1.00 41.74 ? 2045 HOH A O   1 
HETATM 1346 O O   . HOH D 4 .   ? -15.867 1.856   -0.121  1.00 43.11 ? 2046 HOH A O   1 
HETATM 1347 O O   . HOH D 4 .   ? -10.008 -6.514  15.010  1.00 49.93 ? 2047 HOH A O   1 
HETATM 1348 O O   . HOH D 4 .   ? 1.108   3.712   16.736  1.00 35.99 ? 2048 HOH A O   1 
HETATM 1349 O O   . HOH D 4 .   ? 2.018   -21.404 18.712  1.00 55.49 ? 2049 HOH A O   1 
HETATM 1350 O O   . HOH D 4 .   ? 12.267  -10.453 16.369  1.00 56.76 ? 2050 HOH A O   1 
HETATM 1351 O O   . HOH D 4 .   ? -10.283 -2.416  9.805   1.00 44.82 ? 2051 HOH A O   1 
HETATM 1352 O O   . HOH D 4 .   ? -13.165 0.441   -0.179  1.00 52.14 ? 2052 HOH A O   1 
HETATM 1353 O O   . HOH D 4 .   ? -1.574  -18.916 5.935   1.00 69.96 ? 2053 HOH A O   1 
HETATM 1354 O O   . HOH D 4 .   ? -18.223 6.982   -10.794 1.00 43.45 ? 2054 HOH A O   1 
HETATM 1355 O O   . HOH D 4 .   ? -9.432  -4.664  16.848  1.00 47.29 ? 2055 HOH A O   1 
HETATM 1356 O O   . HOH D 4 .   ? -9.531  -0.267  12.136  1.00 46.13 ? 2056 HOH A O   1 
HETATM 1357 O O   . HOH D 4 .   ? 9.822   10.203  -1.624  1.00 47.44 ? 2057 HOH A O   1 
HETATM 1358 O O   . HOH D 4 .   ? 14.371  -6.181  13.921  1.00 58.68 ? 2058 HOH A O   1 
HETATM 1359 O O   . HOH D 4 .   ? 2.628   -11.790 -10.453 1.00 60.25 ? 2059 HOH A O   1 
HETATM 1360 O O   . HOH D 4 .   ? -11.814 -1.199  -1.667  1.00 49.67 ? 2062 HOH A O   1 
HETATM 1361 O O   . HOH D 4 .   ? 6.531   -19.392 15.302  1.00 46.96 ? 2063 HOH A O   1 
HETATM 1362 O O   . HOH D 4 .   ? 8.445   -15.507 10.550  1.00 49.94 ? 2064 HOH A O   1 
HETATM 1363 O O   . HOH D 4 .   ? 5.343   11.216  1.992   1.00 38.63 ? 2065 HOH A O   1 
HETATM 1364 O O   . HOH D 4 .   ? 9.141   -6.303  19.581  1.00 56.94 ? 2066 HOH A O   1 
HETATM 1365 O O   . HOH D 4 .   ? -10.714 12.035  -15.540 1.00 64.22 ? 2069 HOH A O   1 
HETATM 1366 O O   . HOH D 4 .   ? 5.213   -21.740 15.360  1.00 52.32 ? 2070 HOH A O   1 
HETATM 1367 O O   . HOH D 4 .   ? 7.910   -17.783 1.892   1.00 53.30 ? 2074 HOH A O   1 
HETATM 1368 O O   . HOH D 4 .   ? 9.242   -6.688  -10.458 1.00 48.40 ? 2075 HOH A O   1 
HETATM 1369 O O   . HOH D 4 .   ? 17.541  -3.997  -5.324  1.00 52.68 ? 2076 HOH A O   1 
HETATM 1370 O O   . HOH D 4 .   ? -16.267 5.880   -18.552 1.00 60.71 ? 2077 HOH A O   1 
HETATM 1371 O O   . HOH D 4 .   ? -12.127 11.171  5.666   1.00 65.92 ? 2078 HOH A O   1 
# 
loop_
_pdbx_poly_seq_scheme.asym_id 
_pdbx_poly_seq_scheme.entity_id 
_pdbx_poly_seq_scheme.seq_id 
_pdbx_poly_seq_scheme.mon_id 
_pdbx_poly_seq_scheme.ndb_seq_num 
_pdbx_poly_seq_scheme.pdb_seq_num 
_pdbx_poly_seq_scheme.auth_seq_num 
_pdbx_poly_seq_scheme.pdb_mon_id 
_pdbx_poly_seq_scheme.auth_mon_id 
_pdbx_poly_seq_scheme.pdb_strand_id 
_pdbx_poly_seq_scheme.pdb_ins_code 
_pdbx_poly_seq_scheme.hetero 
A 1 1   MET 1   1   ?   ?   ?   A . n 
A 1 2   MET 2   2   ?   ?   ?   A . n 
A 1 3   THR 3   3   ?   ?   ?   A . n 
A 1 4   MET 4   4   4   MET MET A . n 
A 1 5   ARG 5   5   5   ARG ARG A . n 
A 1 6   GLY 6   6   6   GLY GLY A . n 
A 1 7   LEU 7   7   7   LEU LEU A . n 
A 1 8   LEU 8   8   8   LEU LEU A . n 
A 1 9   VAL 9   9   9   VAL VAL A . n 
A 1 10  GLY 10  10  10  GLY GLY A . n 
A 1 11  ARG 11  11  11  ARG ARG A . n 
A 1 12  MET 12  12  12  MET MET A . n 
A 1 13  GLN 13  13  13  GLN GLN A . n 
A 1 14  PRO 14  14  14  PRO PRO A . n 
A 1 15  PHE 15  15  15  PHE PHE A . n 
A 1 16  HIS 16  16  16  HIS HIS A . n 
A 1 17  ARG 17  17  17  ARG ARG A . n 
A 1 18  GLY 18  18  18  GLY GLY A . n 
A 1 19  ALA 19  19  19  ALA ALA A . n 
A 1 20  LEU 20  20  20  LEU LEU A . n 
A 1 21  GLN 21  21  21  GLN GLN A . n 
A 1 22  VAL 22  22  22  VAL VAL A . n 
A 1 23  ILE 23  23  23  ILE ILE A . n 
A 1 24  LYS 24  24  24  LYS LYS A . n 
A 1 25  SER 25  25  25  SER SER A . n 
A 1 26  ILE 26  26  26  ILE ILE A . n 
A 1 27  LEU 27  27  27  LEU LEU A . n 
A 1 28  GLU 28  28  28  GLU GLU A . n 
A 1 29  GLU 29  29  29  GLU GLU A . n 
A 1 30  VAL 30  30  30  VAL VAL A . n 
A 1 31  ASP 31  31  31  ASP ASP A . n 
A 1 32  GLU 32  32  32  GLU GLU A . n 
A 1 33  LEU 33  33  33  LEU LEU A . n 
A 1 34  ILE 34  34  34  ILE ILE A . n 
A 1 35  ILE 35  35  35  ILE ILE A . n 
A 1 36  CYS 36  36  36  CYS CYS A . n 
A 1 37  ILE 37  37  37  ILE ILE A . n 
A 1 38  GLY 38  38  38  GLY GLY A . n 
A 1 39  SER 39  39  39  SER SER A . n 
A 1 40  ALA 40  40  40  ALA ALA A . n 
A 1 41  GLN 41  41  41  GLN GLN A . n 
A 1 42  LEU 42  42  42  LEU LEU A . n 
A 1 43  SER 43  43  43  SER SER A . n 
A 1 44  HIS 44  44  44  HIS HIS A . n 
A 1 45  SER 45  45  45  SER SER A . n 
A 1 46  ILE 46  46  46  ILE ILE A . n 
A 1 47  ARG 47  47  47  ARG ARG A . n 
A 1 48  ASP 48  48  48  ASP ASP A . n 
A 1 49  PRO 49  49  49  PRO PRO A . n 
A 1 50  PHE 50  50  50  PHE PHE A . n 
A 1 51  THR 51  51  51  THR THR A . n 
A 1 52  ALA 52  52  52  ALA ALA A . n 
A 1 53  GLY 53  53  53  GLY GLY A . n 
A 1 54  GLU 54  54  54  GLU GLU A . n 
A 1 55  ARG 55  55  55  ARG ARG A . n 
A 1 56  VAL 56  56  56  VAL VAL A . n 
A 1 57  MET 57  57  57  MET MET A . n 
A 1 58  MET 58  58  58  MET MET A . n 
A 1 59  LEU 59  59  59  LEU LEU A . n 
A 1 60  THR 60  60  60  THR THR A . n 
A 1 61  LYS 61  61  61  LYS LYS A . n 
A 1 62  ALA 62  62  62  ALA ALA A . n 
A 1 63  LEU 63  63  63  LEU LEU A . n 
A 1 64  SER 64  64  64  SER SER A . n 
A 1 65  GLU 65  65  65  GLU GLU A . n 
A 1 66  ASN 66  66  66  ASN ASN A . n 
A 1 67  GLY 67  67  67  GLY GLY A . n 
A 1 68  ILE 68  68  68  ILE ILE A . n 
A 1 69  PRO 69  69  69  PRO PRO A . n 
A 1 70  ALA 70  70  70  ALA ALA A . n 
A 1 71  SER 71  71  71  SER SER A . n 
A 1 72  ARG 72  72  72  ARG ARG A . n 
A 1 73  TYR 73  73  73  TYR TYR A . n 
A 1 74  TYR 74  74  74  TYR TYR A . n 
A 1 75  ILE 75  75  75  ILE ILE A . n 
A 1 76  ILE 76  76  76  ILE ILE A . n 
A 1 77  PRO 77  77  77  PRO PRO A . n 
A 1 78  VAL 78  78  78  VAL VAL A . n 
A 1 79  GLN 79  79  79  GLN GLN A . n 
A 1 80  ASP 80  80  80  ASP ASP A . n 
A 1 81  ILE 81  81  81  ILE ILE A . n 
A 1 82  GLU 82  82  82  GLU GLU A . n 
A 1 83  CYS 83  83  83  CYS CYS A . n 
A 1 84  ASN 84  84  84  ASN ASN A . n 
A 1 85  ALA 85  85  85  ALA ALA A . n 
A 1 86  LEU 86  86  86  LEU LEU A . n 
A 1 87  TRP 87  87  87  TRP TRP A . n 
A 1 88  VAL 88  88  88  VAL VAL A . n 
A 1 89  GLY 89  89  89  GLY GLY A . n 
A 1 90  HIS 90  90  90  HIS HIS A . n 
A 1 91  ILE 91  91  91  ILE ILE A . n 
A 1 92  LYS 92  92  92  LYS LYS A . n 
A 1 93  MET 93  93  93  MET MET A . n 
A 1 94  LEU 94  94  94  LEU LEU A . n 
A 1 95  THR 95  95  95  THR THR A . n 
A 1 96  PRO 96  96  96  PRO PRO A . n 
A 1 97  PRO 97  97  97  PRO PRO A . n 
A 1 98  PHE 98  98  98  PHE PHE A . n 
A 1 99  ASP 99  99  99  ASP ASP A . n 
A 1 100 ARG 100 100 100 ARG ARG A . n 
A 1 101 VAL 101 101 101 VAL VAL A . n 
A 1 102 TYR 102 102 102 TYR TYR A . n 
A 1 103 SER 103 103 103 SER SER A . n 
A 1 104 GLY 104 104 104 GLY GLY A . n 
A 1 105 ASN 105 105 105 ASN ASN A . n 
A 1 106 PRO 106 106 106 PRO PRO A . n 
A 1 107 LEU 107 107 107 LEU LEU A . n 
A 1 108 VAL 108 108 108 VAL VAL A . n 
A 1 109 GLN 109 109 109 GLN GLN A . n 
A 1 110 ARG 110 110 110 ARG ARG A . n 
A 1 111 LEU 111 111 111 LEU LEU A . n 
A 1 112 PHE 112 112 112 PHE PHE A . n 
A 1 113 SER 113 113 113 SER SER A . n 
A 1 114 GLU 114 114 114 GLU GLU A . n 
A 1 115 ASP 115 115 115 ASP ASP A . n 
A 1 116 GLY 116 116 116 GLY GLY A . n 
A 1 117 TYR 117 117 117 TYR TYR A . n 
A 1 118 GLU 118 118 118 GLU GLU A . n 
A 1 119 VAL 119 119 119 VAL VAL A . n 
A 1 120 THR 120 120 120 THR THR A . n 
A 1 121 ALA 121 121 121 ALA ALA A . n 
A 1 122 PRO 122 122 122 PRO PRO A . n 
A 1 123 PRO 123 123 123 PRO PRO A . n 
A 1 124 LEU 124 124 ?   ?   ?   A . n 
A 1 125 PHE 125 125 ?   ?   ?   A . n 
A 1 126 TYR 126 126 ?   ?   ?   A . n 
A 1 127 ARG 127 127 ?   ?   ?   A . n 
A 1 128 ASP 128 128 ?   ?   ?   A . n 
A 1 129 ARG 129 129 ?   ?   ?   A . n 
A 1 130 TYR 130 130 130 TYR TYR A . n 
A 1 131 SER 131 131 131 SER SER A . n 
A 1 132 GLY 132 132 132 GLY GLY A . n 
A 1 133 THR 133 133 133 THR THR A . n 
A 1 134 GLU 134 134 134 GLU GLU A . n 
A 1 135 VAL 135 135 135 VAL VAL A . n 
A 1 136 ARG 136 136 136 ARG ARG A . n 
A 1 137 ARG 137 137 137 ARG ARG A . n 
A 1 138 ARG 138 138 138 ARG ARG A . n 
A 1 139 MET 139 139 139 MET MET A . n 
A 1 140 LEU 140 140 140 LEU LEU A . n 
A 1 141 ASP 141 141 141 ASP ASP A . n 
A 1 142 ASP 142 142 142 ASP ASP A . n 
A 1 143 GLY 143 143 143 GLY GLY A . n 
A 1 144 ASP 144 144 144 ASP ASP A . n 
A 1 145 TRP 145 145 145 TRP TRP A . n 
A 1 146 ARG 146 146 146 ARG ARG A . n 
A 1 147 SER 147 147 147 SER SER A . n 
A 1 148 LEU 148 148 148 LEU LEU A . n 
A 1 149 LEU 149 149 149 LEU LEU A . n 
A 1 150 PRO 150 150 150 PRO PRO A . n 
A 1 151 GLU 151 151 151 GLU GLU A . n 
A 1 152 SER 152 152 152 SER SER A . n 
A 1 153 VAL 153 153 153 VAL VAL A . n 
A 1 154 VAL 154 154 154 VAL VAL A . n 
A 1 155 GLU 155 155 155 GLU GLU A . n 
A 1 156 VAL 156 156 156 VAL VAL A . n 
A 1 157 ILE 157 157 157 ILE ILE A . n 
A 1 158 ASP 158 158 158 ASP ASP A . n 
A 1 159 GLU 159 159 159 GLU GLU A . n 
A 1 160 ILE 160 160 160 ILE ILE A . n 
A 1 161 ASN 161 161 161 ASN ASN A . n 
A 1 162 GLY 162 162 162 GLY GLY A . n 
A 1 163 VAL 163 163 163 VAL VAL A . n 
A 1 164 GLU 164 164 164 GLU GLU A . n 
A 1 165 ARG 165 165 165 ARG ARG A . n 
A 1 166 ILE 166 166 166 ILE ILE A . n 
A 1 167 LYS 167 167 167 LYS LYS A . n 
A 1 168 HIS 168 168 168 HIS HIS A . n 
A 1 169 LEU 169 169 169 LEU LEU A . n 
A 1 170 ALA 170 170 170 ALA ALA A . n 
A 1 171 LYS 171 171 ?   ?   ?   A . n 
A 1 172 LYS 172 172 ?   ?   ?   A . n 
A 1 173 GLU 173 173 ?   ?   ?   A . n 
A 1 174 VAL 174 174 ?   ?   ?   A . n 
A 1 175 SER 175 175 ?   ?   ?   A . n 
A 1 176 GLU 176 176 ?   ?   ?   A . n 
A 1 177 LEU 177 177 ?   ?   ?   A . n 
A 1 178 GLY 178 178 ?   ?   ?   A . n 
A 1 179 GLY 179 179 ?   ?   ?   A . n 
A 1 180 ILE 180 180 ?   ?   ?   A . n 
A 1 181 SER 181 181 ?   ?   ?   A . n 
# 
loop_
_pdbx_nonpoly_scheme.asym_id 
_pdbx_nonpoly_scheme.entity_id 
_pdbx_nonpoly_scheme.mon_id 
_pdbx_nonpoly_scheme.ndb_seq_num 
_pdbx_nonpoly_scheme.pdb_seq_num 
_pdbx_nonpoly_scheme.auth_seq_num 
_pdbx_nonpoly_scheme.pdb_mon_id 
_pdbx_nonpoly_scheme.auth_mon_id 
_pdbx_nonpoly_scheme.pdb_strand_id 
_pdbx_nonpoly_scheme.pdb_ins_code 
B 2 SO4 1  1759 1759 SO4 SO4 A . 
C 3 NMN 1  1340 1340 NMN NMN A . 
D 4 HOH 1  2000 2000 HOH TIP A . 
D 4 HOH 2  2001 2001 HOH TIP A . 
D 4 HOH 3  2002 2002 HOH TIP A . 
D 4 HOH 4  2003 2003 HOH TIP A . 
D 4 HOH 5  2004 2004 HOH TIP A . 
D 4 HOH 6  2005 2005 HOH TIP A . 
D 4 HOH 7  2006 2006 HOH TIP A . 
D 4 HOH 8  2007 2007 HOH TIP A . 
D 4 HOH 9  2008 2008 HOH TIP A . 
D 4 HOH 10 2009 2009 HOH TIP A . 
D 4 HOH 11 2010 2010 HOH TIP A . 
D 4 HOH 12 2011 2011 HOH TIP A . 
D 4 HOH 13 2012 2012 HOH TIP A . 
D 4 HOH 14 2013 2013 HOH TIP A . 
D 4 HOH 15 2014 2014 HOH TIP A . 
D 4 HOH 16 2015 2015 HOH TIP A . 
D 4 HOH 17 2016 2016 HOH TIP A . 
D 4 HOH 18 2017 2017 HOH TIP A . 
D 4 HOH 19 2018 2018 HOH TIP A . 
D 4 HOH 20 2019 2019 HOH TIP A . 
D 4 HOH 21 2020 2020 HOH TIP A . 
D 4 HOH 22 2021 2021 HOH TIP A . 
D 4 HOH 23 2022 2022 HOH TIP A . 
D 4 HOH 24 2023 2023 HOH TIP A . 
D 4 HOH 25 2024 2024 HOH TIP A . 
D 4 HOH 26 2025 2025 HOH TIP A . 
D 4 HOH 27 2026 2026 HOH TIP A . 
D 4 HOH 28 2027 2027 HOH TIP A . 
D 4 HOH 29 2028 2028 HOH TIP A . 
D 4 HOH 30 2029 2029 HOH TIP A . 
D 4 HOH 31 2030 2030 HOH TIP A . 
D 4 HOH 32 2031 2031 HOH TIP A . 
D 4 HOH 33 2032 2032 HOH TIP A . 
D 4 HOH 34 2033 2033 HOH TIP A . 
D 4 HOH 35 2034 2034 HOH TIP A . 
D 4 HOH 36 2035 2035 HOH TIP A . 
D 4 HOH 37 2037 2037 HOH TIP A . 
D 4 HOH 38 2039 2039 HOH TIP A . 
D 4 HOH 39 2040 2040 HOH TIP A . 
D 4 HOH 40 2041 2041 HOH TIP A . 
D 4 HOH 41 2042 2042 HOH TIP A . 
D 4 HOH 42 2043 2043 HOH TIP A . 
D 4 HOH 43 2044 2044 HOH TIP A . 
D 4 HOH 44 2045 2045 HOH TIP A . 
D 4 HOH 45 2046 2046 HOH TIP A . 
D 4 HOH 46 2047 2047 HOH TIP A . 
D 4 HOH 47 2048 2048 HOH TIP A . 
D 4 HOH 48 2049 2049 HOH TIP A . 
D 4 HOH 49 2050 2050 HOH TIP A . 
D 4 HOH 50 2051 2051 HOH TIP A . 
D 4 HOH 51 2052 2052 HOH TIP A . 
D 4 HOH 52 2053 2053 HOH TIP A . 
D 4 HOH 53 2054 2054 HOH TIP A . 
D 4 HOH 54 2055 2055 HOH TIP A . 
D 4 HOH 55 2056 2056 HOH TIP A . 
D 4 HOH 56 2057 2057 HOH TIP A . 
D 4 HOH 57 2058 2058 HOH TIP A . 
D 4 HOH 58 2059 2059 HOH TIP A . 
D 4 HOH 59 2062 2062 HOH TIP A . 
D 4 HOH 60 2063 2063 HOH TIP A . 
D 4 HOH 61 2064 2064 HOH TIP A . 
D 4 HOH 62 2065 2065 HOH TIP A . 
D 4 HOH 63 2066 2066 HOH TIP A . 
D 4 HOH 64 2069 2069 HOH TIP A . 
D 4 HOH 65 2070 2070 HOH TIP A . 
D 4 HOH 66 2074 2074 HOH TIP A . 
D 4 HOH 67 2075 2075 HOH TIP A . 
D 4 HOH 68 2076 2076 HOH TIP A . 
D 4 HOH 69 2077 2077 HOH TIP A . 
D 4 HOH 70 2078 2078 HOH TIP A . 
# 
_pdbx_struct_assembly.id                   1 
_pdbx_struct_assembly.details              author_and_software_defined_assembly 
_pdbx_struct_assembly.method_details       PISA,PQS 
_pdbx_struct_assembly.oligomeric_details   hexameric 
_pdbx_struct_assembly.oligomeric_count     6 
# 
_pdbx_struct_assembly_gen.assembly_id       1 
_pdbx_struct_assembly_gen.oper_expression   1,2,3,4,5,6 
_pdbx_struct_assembly_gen.asym_id_list      A,B,C,D 
# 
loop_
_pdbx_struct_assembly_prop.biol_id 
_pdbx_struct_assembly_prop.type 
_pdbx_struct_assembly_prop.value 
_pdbx_struct_assembly_prop.details 
1 'ABSA (A^2)' 16900 ? 
1 MORE         -195  ? 
1 'SSA (A^2)'  35580 ? 
# 
loop_
_pdbx_struct_oper_list.id 
_pdbx_struct_oper_list.type 
_pdbx_struct_oper_list.name 
_pdbx_struct_oper_list.symmetry_operation 
_pdbx_struct_oper_list.matrix[1][1] 
_pdbx_struct_oper_list.matrix[1][2] 
_pdbx_struct_oper_list.matrix[1][3] 
_pdbx_struct_oper_list.vector[1] 
_pdbx_struct_oper_list.matrix[2][1] 
_pdbx_struct_oper_list.matrix[2][2] 
_pdbx_struct_oper_list.matrix[2][3] 
_pdbx_struct_oper_list.vector[2] 
_pdbx_struct_oper_list.matrix[3][1] 
_pdbx_struct_oper_list.matrix[3][2] 
_pdbx_struct_oper_list.matrix[3][3] 
_pdbx_struct_oper_list.vector[3] 
1 'identity operation'         1_555  x,y,z            1.0000000000  0.0000000000  0.0000000000  0.0000000000   0.0000000000  1.0000000000  0.0000000000  0.0000000000  0.0000000000  0.0000000000  1.0000000000  0.0000000000  
2 'crystal symmetry operation' 2_655  -y+1,x-y,z       -0.4871967563 0.1850469732  -0.8534617381 -21.3173231591 0.0905159918  0.9827287031  0.1614036907  0.2982810947  0.8685886114  0.0013834189  -0.4955319468 30.6518428090 
3 'crystal symmetry operation' 3_665  -x+y+1,-x+1,z    -0.4871967563 0.0905159918  0.8685886114  -37.0365714883 0.1850469732  0.9827287031  0.0013834189  3.6091723955  -0.8534617381 0.1614036907  -0.4955319468 -3.0526960038 
4 'crystal symmetry operation' 10_665 -y+1,-x+1,-z+1/2 -0.9522818298 0.0123070834  -0.3049718878 -32.9109847360 0.0123070834  -0.9968258569 -0.0786558756 28.0332927518 -0.3049718878 -0.0786558756 0.9491076867  -4.0182192145 
5 'crystal symmetry operation' 11_655 -x+y+1,y,-z+1/2  0.2001674978  -0.1645442500 0.9658458276  -21.9551646294 -0.1645442500 -0.9774408070 -0.1324184979 25.0626568344 0.9658458276  -0.1324184979 -0.2227266908 31.5514031326 
6 'crystal symmetry operation' 12_555 x,x-y,-z+1/2     0.7265078446  -0.1233257984 -0.6760008131 3.3336741780   -0.1233257984 -0.9911907423 0.0482872639  24.2198766888 -0.6760008131 0.0482872639  -0.7353171023 4.0956740534 
# 
loop_
_pdbx_audit_revision_history.ordinal 
_pdbx_audit_revision_history.data_content_type 
_pdbx_audit_revision_history.major_revision 
_pdbx_audit_revision_history.minor_revision 
_pdbx_audit_revision_history.revision_date 
1 'Structure model' 1 0 2001-03-14 
2 'Structure model' 1 1 2008-04-27 
3 'Structure model' 1 2 2011-07-13 
4 'Structure model' 1 3 2021-10-27 
5 'Structure model' 1 4 2023-08-09 
# 
_pdbx_audit_revision_details.ordinal             1 
_pdbx_audit_revision_details.revision_ordinal    1 
_pdbx_audit_revision_details.data_content_type   'Structure model' 
_pdbx_audit_revision_details.provider            repository 
_pdbx_audit_revision_details.type                'Initial release' 
_pdbx_audit_revision_details.description         ? 
_pdbx_audit_revision_details.details             ? 
# 
loop_
_pdbx_audit_revision_group.ordinal 
_pdbx_audit_revision_group.revision_ordinal 
_pdbx_audit_revision_group.data_content_type 
_pdbx_audit_revision_group.group 
1 2 'Structure model' 'Version format compliance' 
2 3 'Structure model' 'Derived calculations'      
3 3 'Structure model' 'Version format compliance' 
4 4 'Structure model' 'Database references'       
5 4 'Structure model' 'Derived calculations'      
6 5 'Structure model' 'Data collection'           
7 5 'Structure model' 'Refinement description'    
# 
loop_
_pdbx_audit_revision_category.ordinal 
_pdbx_audit_revision_category.revision_ordinal 
_pdbx_audit_revision_category.data_content_type 
_pdbx_audit_revision_category.category 
1 4 'Structure model' database_2                    
2 4 'Structure model' struct_ref_seq_dif            
3 4 'Structure model' struct_site                   
4 5 'Structure model' chem_comp_atom                
5 5 'Structure model' chem_comp_bond                
6 5 'Structure model' pdbx_initial_refinement_model 
# 
loop_
_pdbx_audit_revision_item.ordinal 
_pdbx_audit_revision_item.revision_ordinal 
_pdbx_audit_revision_item.data_content_type 
_pdbx_audit_revision_item.item 
1 4 'Structure model' '_database_2.pdbx_DOI'                
2 4 'Structure model' '_database_2.pdbx_database_accession' 
3 4 'Structure model' '_struct_ref_seq_dif.details'         
4 4 'Structure model' '_struct_site.pdbx_auth_asym_id'      
5 4 'Structure model' '_struct_site.pdbx_auth_comp_id'      
6 4 'Structure model' '_struct_site.pdbx_auth_seq_id'       
# 
loop_
_software.name 
_software.classification 
_software.version 
_software.citation_id 
_software.pdbx_ordinal 
CNS       refinement       . ? 1 
DENZO     'data reduction' . ? 2 
SCALEPACK 'data scaling'   . ? 3 
CNS       phasing          . ? 4 
# 
_pdbx_validate_torsion.id              1 
_pdbx_validate_torsion.PDB_model_num   1 
_pdbx_validate_torsion.auth_comp_id    GLN 
_pdbx_validate_torsion.auth_asym_id    A 
_pdbx_validate_torsion.auth_seq_id     13 
_pdbx_validate_torsion.PDB_ins_code    ? 
_pdbx_validate_torsion.label_alt_id    ? 
_pdbx_validate_torsion.phi             -114.70 
_pdbx_validate_torsion.psi             71.84 
# 
loop_
_pdbx_unobs_or_zero_occ_residues.id 
_pdbx_unobs_or_zero_occ_residues.PDB_model_num 
_pdbx_unobs_or_zero_occ_residues.polymer_flag 
_pdbx_unobs_or_zero_occ_residues.occupancy_flag 
_pdbx_unobs_or_zero_occ_residues.auth_asym_id 
_pdbx_unobs_or_zero_occ_residues.auth_comp_id 
_pdbx_unobs_or_zero_occ_residues.auth_seq_id 
_pdbx_unobs_or_zero_occ_residues.PDB_ins_code 
_pdbx_unobs_or_zero_occ_residues.label_asym_id 
_pdbx_unobs_or_zero_occ_residues.label_comp_id 
_pdbx_unobs_or_zero_occ_residues.label_seq_id 
1  1 Y 1 A MET 1   ? A MET 1   
2  1 Y 1 A MET 2   ? A MET 2   
3  1 Y 1 A THR 3   ? A THR 3   
4  1 Y 1 A LEU 124 ? A LEU 124 
5  1 Y 1 A PHE 125 ? A PHE 125 
6  1 Y 1 A TYR 126 ? A TYR 126 
7  1 Y 1 A ARG 127 ? A ARG 127 
8  1 Y 1 A ASP 128 ? A ASP 128 
9  1 Y 1 A ARG 129 ? A ARG 129 
10 1 Y 1 A LYS 171 ? A LYS 171 
11 1 Y 1 A LYS 172 ? A LYS 172 
12 1 Y 1 A GLU 173 ? A GLU 173 
13 1 Y 1 A VAL 174 ? A VAL 174 
14 1 Y 1 A SER 175 ? A SER 175 
15 1 Y 1 A GLU 176 ? A GLU 176 
16 1 Y 1 A LEU 177 ? A LEU 177 
17 1 Y 1 A GLY 178 ? A GLY 178 
18 1 Y 1 A GLY 179 ? A GLY 179 
19 1 Y 1 A ILE 180 ? A ILE 180 
20 1 Y 1 A SER 181 ? A SER 181 
# 
loop_
_chem_comp_atom.comp_id 
_chem_comp_atom.atom_id 
_chem_comp_atom.type_symbol 
_chem_comp_atom.pdbx_aromatic_flag 
_chem_comp_atom.pdbx_stereo_config 
_chem_comp_atom.pdbx_ordinal 
ALA N    N N N 1   
ALA CA   C N S 2   
ALA C    C N N 3   
ALA O    O N N 4   
ALA CB   C N N 5   
ALA OXT  O N N 6   
ALA H    H N N 7   
ALA H2   H N N 8   
ALA HA   H N N 9   
ALA HB1  H N N 10  
ALA HB2  H N N 11  
ALA HB3  H N N 12  
ALA HXT  H N N 13  
ARG N    N N N 14  
ARG CA   C N S 15  
ARG C    C N N 16  
ARG O    O N N 17  
ARG CB   C N N 18  
ARG CG   C N N 19  
ARG CD   C N N 20  
ARG NE   N N N 21  
ARG CZ   C N N 22  
ARG NH1  N N N 23  
ARG NH2  N N N 24  
ARG OXT  O N N 25  
ARG H    H N N 26  
ARG H2   H N N 27  
ARG HA   H N N 28  
ARG HB2  H N N 29  
ARG HB3  H N N 30  
ARG HG2  H N N 31  
ARG HG3  H N N 32  
ARG HD2  H N N 33  
ARG HD3  H N N 34  
ARG HE   H N N 35  
ARG HH11 H N N 36  
ARG HH12 H N N 37  
ARG HH21 H N N 38  
ARG HH22 H N N 39  
ARG HXT  H N N 40  
ASN N    N N N 41  
ASN CA   C N S 42  
ASN C    C N N 43  
ASN O    O N N 44  
ASN CB   C N N 45  
ASN CG   C N N 46  
ASN OD1  O N N 47  
ASN ND2  N N N 48  
ASN OXT  O N N 49  
ASN H    H N N 50  
ASN H2   H N N 51  
ASN HA   H N N 52  
ASN HB2  H N N 53  
ASN HB3  H N N 54  
ASN HD21 H N N 55  
ASN HD22 H N N 56  
ASN HXT  H N N 57  
ASP N    N N N 58  
ASP CA   C N S 59  
ASP C    C N N 60  
ASP O    O N N 61  
ASP CB   C N N 62  
ASP CG   C N N 63  
ASP OD1  O N N 64  
ASP OD2  O N N 65  
ASP OXT  O N N 66  
ASP H    H N N 67  
ASP H2   H N N 68  
ASP HA   H N N 69  
ASP HB2  H N N 70  
ASP HB3  H N N 71  
ASP HD2  H N N 72  
ASP HXT  H N N 73  
CYS N    N N N 74  
CYS CA   C N R 75  
CYS C    C N N 76  
CYS O    O N N 77  
CYS CB   C N N 78  
CYS SG   S N N 79  
CYS OXT  O N N 80  
CYS H    H N N 81  
CYS H2   H N N 82  
CYS HA   H N N 83  
CYS HB2  H N N 84  
CYS HB3  H N N 85  
CYS HG   H N N 86  
CYS HXT  H N N 87  
GLN N    N N N 88  
GLN CA   C N S 89  
GLN C    C N N 90  
GLN O    O N N 91  
GLN CB   C N N 92  
GLN CG   C N N 93  
GLN CD   C N N 94  
GLN OE1  O N N 95  
GLN NE2  N N N 96  
GLN OXT  O N N 97  
GLN H    H N N 98  
GLN H2   H N N 99  
GLN HA   H N N 100 
GLN HB2  H N N 101 
GLN HB3  H N N 102 
GLN HG2  H N N 103 
GLN HG3  H N N 104 
GLN HE21 H N N 105 
GLN HE22 H N N 106 
GLN HXT  H N N 107 
GLU N    N N N 108 
GLU CA   C N S 109 
GLU C    C N N 110 
GLU O    O N N 111 
GLU CB   C N N 112 
GLU CG   C N N 113 
GLU CD   C N N 114 
GLU OE1  O N N 115 
GLU OE2  O N N 116 
GLU OXT  O N N 117 
GLU H    H N N 118 
GLU H2   H N N 119 
GLU HA   H N N 120 
GLU HB2  H N N 121 
GLU HB3  H N N 122 
GLU HG2  H N N 123 
GLU HG3  H N N 124 
GLU HE2  H N N 125 
GLU HXT  H N N 126 
GLY N    N N N 127 
GLY CA   C N N 128 
GLY C    C N N 129 
GLY O    O N N 130 
GLY OXT  O N N 131 
GLY H    H N N 132 
GLY H2   H N N 133 
GLY HA2  H N N 134 
GLY HA3  H N N 135 
GLY HXT  H N N 136 
HIS N    N N N 137 
HIS CA   C N S 138 
HIS C    C N N 139 
HIS O    O N N 140 
HIS CB   C N N 141 
HIS CG   C Y N 142 
HIS ND1  N Y N 143 
HIS CD2  C Y N 144 
HIS CE1  C Y N 145 
HIS NE2  N Y N 146 
HIS OXT  O N N 147 
HIS H    H N N 148 
HIS H2   H N N 149 
HIS HA   H N N 150 
HIS HB2  H N N 151 
HIS HB3  H N N 152 
HIS HD1  H N N 153 
HIS HD2  H N N 154 
HIS HE1  H N N 155 
HIS HE2  H N N 156 
HIS HXT  H N N 157 
HOH O    O N N 158 
HOH H1   H N N 159 
HOH H2   H N N 160 
ILE N    N N N 161 
ILE CA   C N S 162 
ILE C    C N N 163 
ILE O    O N N 164 
ILE CB   C N S 165 
ILE CG1  C N N 166 
ILE CG2  C N N 167 
ILE CD1  C N N 168 
ILE OXT  O N N 169 
ILE H    H N N 170 
ILE H2   H N N 171 
ILE HA   H N N 172 
ILE HB   H N N 173 
ILE HG12 H N N 174 
ILE HG13 H N N 175 
ILE HG21 H N N 176 
ILE HG22 H N N 177 
ILE HG23 H N N 178 
ILE HD11 H N N 179 
ILE HD12 H N N 180 
ILE HD13 H N N 181 
ILE HXT  H N N 182 
LEU N    N N N 183 
LEU CA   C N S 184 
LEU C    C N N 185 
LEU O    O N N 186 
LEU CB   C N N 187 
LEU CG   C N N 188 
LEU CD1  C N N 189 
LEU CD2  C N N 190 
LEU OXT  O N N 191 
LEU H    H N N 192 
LEU H2   H N N 193 
LEU HA   H N N 194 
LEU HB2  H N N 195 
LEU HB3  H N N 196 
LEU HG   H N N 197 
LEU HD11 H N N 198 
LEU HD12 H N N 199 
LEU HD13 H N N 200 
LEU HD21 H N N 201 
LEU HD22 H N N 202 
LEU HD23 H N N 203 
LEU HXT  H N N 204 
LYS N    N N N 205 
LYS CA   C N S 206 
LYS C    C N N 207 
LYS O    O N N 208 
LYS CB   C N N 209 
LYS CG   C N N 210 
LYS CD   C N N 211 
LYS CE   C N N 212 
LYS NZ   N N N 213 
LYS OXT  O N N 214 
LYS H    H N N 215 
LYS H2   H N N 216 
LYS HA   H N N 217 
LYS HB2  H N N 218 
LYS HB3  H N N 219 
LYS HG2  H N N 220 
LYS HG3  H N N 221 
LYS HD2  H N N 222 
LYS HD3  H N N 223 
LYS HE2  H N N 224 
LYS HE3  H N N 225 
LYS HZ1  H N N 226 
LYS HZ2  H N N 227 
LYS HZ3  H N N 228 
LYS HXT  H N N 229 
MET N    N N N 230 
MET CA   C N S 231 
MET C    C N N 232 
MET O    O N N 233 
MET CB   C N N 234 
MET CG   C N N 235 
MET SD   S N N 236 
MET CE   C N N 237 
MET OXT  O N N 238 
MET H    H N N 239 
MET H2   H N N 240 
MET HA   H N N 241 
MET HB2  H N N 242 
MET HB3  H N N 243 
MET HG2  H N N 244 
MET HG3  H N N 245 
MET HE1  H N N 246 
MET HE2  H N N 247 
MET HE3  H N N 248 
MET HXT  H N N 249 
NMN O3P  O N N 250 
NMN P    P N N 251 
NMN O1P  O N N 252 
NMN O2P  O N N 253 
NMN O5R  O N N 254 
NMN C5R  C N N 255 
NMN C4R  C N R 256 
NMN O4R  O N N 257 
NMN C3R  C N S 258 
NMN O3R  O N N 259 
NMN C2R  C N R 260 
NMN O2R  O N N 261 
NMN C1R  C N R 262 
NMN N1   N Y N 263 
NMN C2   C Y N 264 
NMN C3   C Y N 265 
NMN C7   C N N 266 
NMN O7   O N N 267 
NMN N7   N N N 268 
NMN C4   C Y N 269 
NMN C5   C Y N 270 
NMN C6   C Y N 271 
NMN H1PO H N N 272 
NMN H2PO H N N 273 
NMN H5R1 H N N 274 
NMN H5R2 H N N 275 
NMN H4RC H N N 276 
NMN H3RC H N N 277 
NMN H3RO H N N 278 
NMN H2RC H N N 279 
NMN H2RO H N N 280 
NMN H1RC H N N 281 
NMN HC2  H N N 282 
NMN HN71 H N N 283 
NMN HN72 H N N 284 
NMN HC4  H N N 285 
NMN HC5  H N N 286 
NMN HC6  H N N 287 
PHE N    N N N 288 
PHE CA   C N S 289 
PHE C    C N N 290 
PHE O    O N N 291 
PHE CB   C N N 292 
PHE CG   C Y N 293 
PHE CD1  C Y N 294 
PHE CD2  C Y N 295 
PHE CE1  C Y N 296 
PHE CE2  C Y N 297 
PHE CZ   C Y N 298 
PHE OXT  O N N 299 
PHE H    H N N 300 
PHE H2   H N N 301 
PHE HA   H N N 302 
PHE HB2  H N N 303 
PHE HB3  H N N 304 
PHE HD1  H N N 305 
PHE HD2  H N N 306 
PHE HE1  H N N 307 
PHE HE2  H N N 308 
PHE HZ   H N N 309 
PHE HXT  H N N 310 
PRO N    N N N 311 
PRO CA   C N S 312 
PRO C    C N N 313 
PRO O    O N N 314 
PRO CB   C N N 315 
PRO CG   C N N 316 
PRO CD   C N N 317 
PRO OXT  O N N 318 
PRO H    H N N 319 
PRO HA   H N N 320 
PRO HB2  H N N 321 
PRO HB3  H N N 322 
PRO HG2  H N N 323 
PRO HG3  H N N 324 
PRO HD2  H N N 325 
PRO HD3  H N N 326 
PRO HXT  H N N 327 
SER N    N N N 328 
SER CA   C N S 329 
SER C    C N N 330 
SER O    O N N 331 
SER CB   C N N 332 
SER OG   O N N 333 
SER OXT  O N N 334 
SER H    H N N 335 
SER H2   H N N 336 
SER HA   H N N 337 
SER HB2  H N N 338 
SER HB3  H N N 339 
SER HG   H N N 340 
SER HXT  H N N 341 
SO4 S    S N N 342 
SO4 O1   O N N 343 
SO4 O2   O N N 344 
SO4 O3   O N N 345 
SO4 O4   O N N 346 
THR N    N N N 347 
THR CA   C N S 348 
THR C    C N N 349 
THR O    O N N 350 
THR CB   C N R 351 
THR OG1  O N N 352 
THR CG2  C N N 353 
THR OXT  O N N 354 
THR H    H N N 355 
THR H2   H N N 356 
THR HA   H N N 357 
THR HB   H N N 358 
THR HG1  H N N 359 
THR HG21 H N N 360 
THR HG22 H N N 361 
THR HG23 H N N 362 
THR HXT  H N N 363 
TRP N    N N N 364 
TRP CA   C N S 365 
TRP C    C N N 366 
TRP O    O N N 367 
TRP CB   C N N 368 
TRP CG   C Y N 369 
TRP CD1  C Y N 370 
TRP CD2  C Y N 371 
TRP NE1  N Y N 372 
TRP CE2  C Y N 373 
TRP CE3  C Y N 374 
TRP CZ2  C Y N 375 
TRP CZ3  C Y N 376 
TRP CH2  C Y N 377 
TRP OXT  O N N 378 
TRP H    H N N 379 
TRP H2   H N N 380 
TRP HA   H N N 381 
TRP HB2  H N N 382 
TRP HB3  H N N 383 
TRP HD1  H N N 384 
TRP HE1  H N N 385 
TRP HE3  H N N 386 
TRP HZ2  H N N 387 
TRP HZ3  H N N 388 
TRP HH2  H N N 389 
TRP HXT  H N N 390 
TYR N    N N N 391 
TYR CA   C N S 392 
TYR C    C N N 393 
TYR O    O N N 394 
TYR CB   C N N 395 
TYR CG   C Y N 396 
TYR CD1  C Y N 397 
TYR CD2  C Y N 398 
TYR CE1  C Y N 399 
TYR CE2  C Y N 400 
TYR CZ   C Y N 401 
TYR OH   O N N 402 
TYR OXT  O N N 403 
TYR H    H N N 404 
TYR H2   H N N 405 
TYR HA   H N N 406 
TYR HB2  H N N 407 
TYR HB3  H N N 408 
TYR HD1  H N N 409 
TYR HD2  H N N 410 
TYR HE1  H N N 411 
TYR HE2  H N N 412 
TYR HH   H N N 413 
TYR HXT  H N N 414 
VAL N    N N N 415 
VAL CA   C N S 416 
VAL C    C N N 417 
VAL O    O N N 418 
VAL CB   C N N 419 
VAL CG1  C N N 420 
VAL CG2  C N N 421 
VAL OXT  O N N 422 
VAL H    H N N 423 
VAL H2   H N N 424 
VAL HA   H N N 425 
VAL HB   H N N 426 
VAL HG11 H N N 427 
VAL HG12 H N N 428 
VAL HG13 H N N 429 
VAL HG21 H N N 430 
VAL HG22 H N N 431 
VAL HG23 H N N 432 
VAL HXT  H N N 433 
# 
loop_
_chem_comp_bond.comp_id 
_chem_comp_bond.atom_id_1 
_chem_comp_bond.atom_id_2 
_chem_comp_bond.value_order 
_chem_comp_bond.pdbx_aromatic_flag 
_chem_comp_bond.pdbx_stereo_config 
_chem_comp_bond.pdbx_ordinal 
ALA N   CA   sing N N 1   
ALA N   H    sing N N 2   
ALA N   H2   sing N N 3   
ALA CA  C    sing N N 4   
ALA CA  CB   sing N N 5   
ALA CA  HA   sing N N 6   
ALA C   O    doub N N 7   
ALA C   OXT  sing N N 8   
ALA CB  HB1  sing N N 9   
ALA CB  HB2  sing N N 10  
ALA CB  HB3  sing N N 11  
ALA OXT HXT  sing N N 12  
ARG N   CA   sing N N 13  
ARG N   H    sing N N 14  
ARG N   H2   sing N N 15  
ARG CA  C    sing N N 16  
ARG CA  CB   sing N N 17  
ARG CA  HA   sing N N 18  
ARG C   O    doub N N 19  
ARG C   OXT  sing N N 20  
ARG CB  CG   sing N N 21  
ARG CB  HB2  sing N N 22  
ARG CB  HB3  sing N N 23  
ARG CG  CD   sing N N 24  
ARG CG  HG2  sing N N 25  
ARG CG  HG3  sing N N 26  
ARG CD  NE   sing N N 27  
ARG CD  HD2  sing N N 28  
ARG CD  HD3  sing N N 29  
ARG NE  CZ   sing N N 30  
ARG NE  HE   sing N N 31  
ARG CZ  NH1  sing N N 32  
ARG CZ  NH2  doub N N 33  
ARG NH1 HH11 sing N N 34  
ARG NH1 HH12 sing N N 35  
ARG NH2 HH21 sing N N 36  
ARG NH2 HH22 sing N N 37  
ARG OXT HXT  sing N N 38  
ASN N   CA   sing N N 39  
ASN N   H    sing N N 40  
ASN N   H2   sing N N 41  
ASN CA  C    sing N N 42  
ASN CA  CB   sing N N 43  
ASN CA  HA   sing N N 44  
ASN C   O    doub N N 45  
ASN C   OXT  sing N N 46  
ASN CB  CG   sing N N 47  
ASN CB  HB2  sing N N 48  
ASN CB  HB3  sing N N 49  
ASN CG  OD1  doub N N 50  
ASN CG  ND2  sing N N 51  
ASN ND2 HD21 sing N N 52  
ASN ND2 HD22 sing N N 53  
ASN OXT HXT  sing N N 54  
ASP N   CA   sing N N 55  
ASP N   H    sing N N 56  
ASP N   H2   sing N N 57  
ASP CA  C    sing N N 58  
ASP CA  CB   sing N N 59  
ASP CA  HA   sing N N 60  
ASP C   O    doub N N 61  
ASP C   OXT  sing N N 62  
ASP CB  CG   sing N N 63  
ASP CB  HB2  sing N N 64  
ASP CB  HB3  sing N N 65  
ASP CG  OD1  doub N N 66  
ASP CG  OD2  sing N N 67  
ASP OD2 HD2  sing N N 68  
ASP OXT HXT  sing N N 69  
CYS N   CA   sing N N 70  
CYS N   H    sing N N 71  
CYS N   H2   sing N N 72  
CYS CA  C    sing N N 73  
CYS CA  CB   sing N N 74  
CYS CA  HA   sing N N 75  
CYS C   O    doub N N 76  
CYS C   OXT  sing N N 77  
CYS CB  SG   sing N N 78  
CYS CB  HB2  sing N N 79  
CYS CB  HB3  sing N N 80  
CYS SG  HG   sing N N 81  
CYS OXT HXT  sing N N 82  
GLN N   CA   sing N N 83  
GLN N   H    sing N N 84  
GLN N   H2   sing N N 85  
GLN CA  C    sing N N 86  
GLN CA  CB   sing N N 87  
GLN CA  HA   sing N N 88  
GLN C   O    doub N N 89  
GLN C   OXT  sing N N 90  
GLN CB  CG   sing N N 91  
GLN CB  HB2  sing N N 92  
GLN CB  HB3  sing N N 93  
GLN CG  CD   sing N N 94  
GLN CG  HG2  sing N N 95  
GLN CG  HG3  sing N N 96  
GLN CD  OE1  doub N N 97  
GLN CD  NE2  sing N N 98  
GLN NE2 HE21 sing N N 99  
GLN NE2 HE22 sing N N 100 
GLN OXT HXT  sing N N 101 
GLU N   CA   sing N N 102 
GLU N   H    sing N N 103 
GLU N   H2   sing N N 104 
GLU CA  C    sing N N 105 
GLU CA  CB   sing N N 106 
GLU CA  HA   sing N N 107 
GLU C   O    doub N N 108 
GLU C   OXT  sing N N 109 
GLU CB  CG   sing N N 110 
GLU CB  HB2  sing N N 111 
GLU CB  HB3  sing N N 112 
GLU CG  CD   sing N N 113 
GLU CG  HG2  sing N N 114 
GLU CG  HG3  sing N N 115 
GLU CD  OE1  doub N N 116 
GLU CD  OE2  sing N N 117 
GLU OE2 HE2  sing N N 118 
GLU OXT HXT  sing N N 119 
GLY N   CA   sing N N 120 
GLY N   H    sing N N 121 
GLY N   H2   sing N N 122 
GLY CA  C    sing N N 123 
GLY CA  HA2  sing N N 124 
GLY CA  HA3  sing N N 125 
GLY C   O    doub N N 126 
GLY C   OXT  sing N N 127 
GLY OXT HXT  sing N N 128 
HIS N   CA   sing N N 129 
HIS N   H    sing N N 130 
HIS N   H2   sing N N 131 
HIS CA  C    sing N N 132 
HIS CA  CB   sing N N 133 
HIS CA  HA   sing N N 134 
HIS C   O    doub N N 135 
HIS C   OXT  sing N N 136 
HIS CB  CG   sing N N 137 
HIS CB  HB2  sing N N 138 
HIS CB  HB3  sing N N 139 
HIS CG  ND1  sing Y N 140 
HIS CG  CD2  doub Y N 141 
HIS ND1 CE1  doub Y N 142 
HIS ND1 HD1  sing N N 143 
HIS CD2 NE2  sing Y N 144 
HIS CD2 HD2  sing N N 145 
HIS CE1 NE2  sing Y N 146 
HIS CE1 HE1  sing N N 147 
HIS NE2 HE2  sing N N 148 
HIS OXT HXT  sing N N 149 
HOH O   H1   sing N N 150 
HOH O   H2   sing N N 151 
ILE N   CA   sing N N 152 
ILE N   H    sing N N 153 
ILE N   H2   sing N N 154 
ILE CA  C    sing N N 155 
ILE CA  CB   sing N N 156 
ILE CA  HA   sing N N 157 
ILE C   O    doub N N 158 
ILE C   OXT  sing N N 159 
ILE CB  CG1  sing N N 160 
ILE CB  CG2  sing N N 161 
ILE CB  HB   sing N N 162 
ILE CG1 CD1  sing N N 163 
ILE CG1 HG12 sing N N 164 
ILE CG1 HG13 sing N N 165 
ILE CG2 HG21 sing N N 166 
ILE CG2 HG22 sing N N 167 
ILE CG2 HG23 sing N N 168 
ILE CD1 HD11 sing N N 169 
ILE CD1 HD12 sing N N 170 
ILE CD1 HD13 sing N N 171 
ILE OXT HXT  sing N N 172 
LEU N   CA   sing N N 173 
LEU N   H    sing N N 174 
LEU N   H2   sing N N 175 
LEU CA  C    sing N N 176 
LEU CA  CB   sing N N 177 
LEU CA  HA   sing N N 178 
LEU C   O    doub N N 179 
LEU C   OXT  sing N N 180 
LEU CB  CG   sing N N 181 
LEU CB  HB2  sing N N 182 
LEU CB  HB3  sing N N 183 
LEU CG  CD1  sing N N 184 
LEU CG  CD2  sing N N 185 
LEU CG  HG   sing N N 186 
LEU CD1 HD11 sing N N 187 
LEU CD1 HD12 sing N N 188 
LEU CD1 HD13 sing N N 189 
LEU CD2 HD21 sing N N 190 
LEU CD2 HD22 sing N N 191 
LEU CD2 HD23 sing N N 192 
LEU OXT HXT  sing N N 193 
LYS N   CA   sing N N 194 
LYS N   H    sing N N 195 
LYS N   H2   sing N N 196 
LYS CA  C    sing N N 197 
LYS CA  CB   sing N N 198 
LYS CA  HA   sing N N 199 
LYS C   O    doub N N 200 
LYS C   OXT  sing N N 201 
LYS CB  CG   sing N N 202 
LYS CB  HB2  sing N N 203 
LYS CB  HB3  sing N N 204 
LYS CG  CD   sing N N 205 
LYS CG  HG2  sing N N 206 
LYS CG  HG3  sing N N 207 
LYS CD  CE   sing N N 208 
LYS CD  HD2  sing N N 209 
LYS CD  HD3  sing N N 210 
LYS CE  NZ   sing N N 211 
LYS CE  HE2  sing N N 212 
LYS CE  HE3  sing N N 213 
LYS NZ  HZ1  sing N N 214 
LYS NZ  HZ2  sing N N 215 
LYS NZ  HZ3  sing N N 216 
LYS OXT HXT  sing N N 217 
MET N   CA   sing N N 218 
MET N   H    sing N N 219 
MET N   H2   sing N N 220 
MET CA  C    sing N N 221 
MET CA  CB   sing N N 222 
MET CA  HA   sing N N 223 
MET C   O    doub N N 224 
MET C   OXT  sing N N 225 
MET CB  CG   sing N N 226 
MET CB  HB2  sing N N 227 
MET CB  HB3  sing N N 228 
MET CG  SD   sing N N 229 
MET CG  HG2  sing N N 230 
MET CG  HG3  sing N N 231 
MET SD  CE   sing N N 232 
MET CE  HE1  sing N N 233 
MET CE  HE2  sing N N 234 
MET CE  HE3  sing N N 235 
MET OXT HXT  sing N N 236 
NMN O3P P    doub N N 237 
NMN P   O1P  sing N N 238 
NMN P   O2P  sing N N 239 
NMN P   O5R  sing N N 240 
NMN O1P H1PO sing N N 241 
NMN O2P H2PO sing N N 242 
NMN O5R C5R  sing N N 243 
NMN C5R C4R  sing N N 244 
NMN C5R H5R1 sing N N 245 
NMN C5R H5R2 sing N N 246 
NMN C4R O4R  sing N N 247 
NMN C4R C3R  sing N N 248 
NMN C4R H4RC sing N N 249 
NMN O4R C1R  sing N N 250 
NMN C3R O3R  sing N N 251 
NMN C3R C2R  sing N N 252 
NMN C3R H3RC sing N N 253 
NMN O3R H3RO sing N N 254 
NMN C2R O2R  sing N N 255 
NMN C2R C1R  sing N N 256 
NMN C2R H2RC sing N N 257 
NMN O2R H2RO sing N N 258 
NMN C1R N1   sing N N 259 
NMN C1R H1RC sing N N 260 
NMN N1  C2   doub Y N 261 
NMN N1  C6   sing Y N 262 
NMN C2  C3   sing Y N 263 
NMN C2  HC2  sing N N 264 
NMN C3  C7   sing N N 265 
NMN C3  C4   doub Y N 266 
NMN C7  O7   doub N N 267 
NMN C7  N7   sing N N 268 
NMN N7  HN71 sing N N 269 
NMN N7  HN72 sing N N 270 
NMN C4  C5   sing Y N 271 
NMN C4  HC4  sing N N 272 
NMN C5  C6   doub Y N 273 
NMN C5  HC5  sing N N 274 
NMN C6  HC6  sing N N 275 
PHE N   CA   sing N N 276 
PHE N   H    sing N N 277 
PHE N   H2   sing N N 278 
PHE CA  C    sing N N 279 
PHE CA  CB   sing N N 280 
PHE CA  HA   sing N N 281 
PHE C   O    doub N N 282 
PHE C   OXT  sing N N 283 
PHE CB  CG   sing N N 284 
PHE CB  HB2  sing N N 285 
PHE CB  HB3  sing N N 286 
PHE CG  CD1  doub Y N 287 
PHE CG  CD2  sing Y N 288 
PHE CD1 CE1  sing Y N 289 
PHE CD1 HD1  sing N N 290 
PHE CD2 CE2  doub Y N 291 
PHE CD2 HD2  sing N N 292 
PHE CE1 CZ   doub Y N 293 
PHE CE1 HE1  sing N N 294 
PHE CE2 CZ   sing Y N 295 
PHE CE2 HE2  sing N N 296 
PHE CZ  HZ   sing N N 297 
PHE OXT HXT  sing N N 298 
PRO N   CA   sing N N 299 
PRO N   CD   sing N N 300 
PRO N   H    sing N N 301 
PRO CA  C    sing N N 302 
PRO CA  CB   sing N N 303 
PRO CA  HA   sing N N 304 
PRO C   O    doub N N 305 
PRO C   OXT  sing N N 306 
PRO CB  CG   sing N N 307 
PRO CB  HB2  sing N N 308 
PRO CB  HB3  sing N N 309 
PRO CG  CD   sing N N 310 
PRO CG  HG2  sing N N 311 
PRO CG  HG3  sing N N 312 
PRO CD  HD2  sing N N 313 
PRO CD  HD3  sing N N 314 
PRO OXT HXT  sing N N 315 
SER N   CA   sing N N 316 
SER N   H    sing N N 317 
SER N   H2   sing N N 318 
SER CA  C    sing N N 319 
SER CA  CB   sing N N 320 
SER CA  HA   sing N N 321 
SER C   O    doub N N 322 
SER C   OXT  sing N N 323 
SER CB  OG   sing N N 324 
SER CB  HB2  sing N N 325 
SER CB  HB3  sing N N 326 
SER OG  HG   sing N N 327 
SER OXT HXT  sing N N 328 
SO4 S   O1   doub N N 329 
SO4 S   O2   doub N N 330 
SO4 S   O3   sing N N 331 
SO4 S   O4   sing N N 332 
THR N   CA   sing N N 333 
THR N   H    sing N N 334 
THR N   H2   sing N N 335 
THR CA  C    sing N N 336 
THR CA  CB   sing N N 337 
THR CA  HA   sing N N 338 
THR C   O    doub N N 339 
THR C   OXT  sing N N 340 
THR CB  OG1  sing N N 341 
THR CB  CG2  sing N N 342 
THR CB  HB   sing N N 343 
THR OG1 HG1  sing N N 344 
THR CG2 HG21 sing N N 345 
THR CG2 HG22 sing N N 346 
THR CG2 HG23 sing N N 347 
THR OXT HXT  sing N N 348 
TRP N   CA   sing N N 349 
TRP N   H    sing N N 350 
TRP N   H2   sing N N 351 
TRP CA  C    sing N N 352 
TRP CA  CB   sing N N 353 
TRP CA  HA   sing N N 354 
TRP C   O    doub N N 355 
TRP C   OXT  sing N N 356 
TRP CB  CG   sing N N 357 
TRP CB  HB2  sing N N 358 
TRP CB  HB3  sing N N 359 
TRP CG  CD1  doub Y N 360 
TRP CG  CD2  sing Y N 361 
TRP CD1 NE1  sing Y N 362 
TRP CD1 HD1  sing N N 363 
TRP CD2 CE2  doub Y N 364 
TRP CD2 CE3  sing Y N 365 
TRP NE1 CE2  sing Y N 366 
TRP NE1 HE1  sing N N 367 
TRP CE2 CZ2  sing Y N 368 
TRP CE3 CZ3  doub Y N 369 
TRP CE3 HE3  sing N N 370 
TRP CZ2 CH2  doub Y N 371 
TRP CZ2 HZ2  sing N N 372 
TRP CZ3 CH2  sing Y N 373 
TRP CZ3 HZ3  sing N N 374 
TRP CH2 HH2  sing N N 375 
TRP OXT HXT  sing N N 376 
TYR N   CA   sing N N 377 
TYR N   H    sing N N 378 
TYR N   H2   sing N N 379 
TYR CA  C    sing N N 380 
TYR CA  CB   sing N N 381 
TYR CA  HA   sing N N 382 
TYR C   O    doub N N 383 
TYR C   OXT  sing N N 384 
TYR CB  CG   sing N N 385 
TYR CB  HB2  sing N N 386 
TYR CB  HB3  sing N N 387 
TYR CG  CD1  doub Y N 388 
TYR CG  CD2  sing Y N 389 
TYR CD1 CE1  sing Y N 390 
TYR CD1 HD1  sing N N 391 
TYR CD2 CE2  doub Y N 392 
TYR CD2 HD2  sing N N 393 
TYR CE1 CZ   doub Y N 394 
TYR CE1 HE1  sing N N 395 
TYR CE2 CZ   sing Y N 396 
TYR CE2 HE2  sing N N 397 
TYR CZ  OH   sing N N 398 
TYR OH  HH   sing N N 399 
TYR OXT HXT  sing N N 400 
VAL N   CA   sing N N 401 
VAL N   H    sing N N 402 
VAL N   H2   sing N N 403 
VAL CA  C    sing N N 404 
VAL CA  CB   sing N N 405 
VAL CA  HA   sing N N 406 
VAL C   O    doub N N 407 
VAL C   OXT  sing N N 408 
VAL CB  CG1  sing N N 409 
VAL CB  CG2  sing N N 410 
VAL CB  HB   sing N N 411 
VAL CG1 HG11 sing N N 412 
VAL CG1 HG12 sing N N 413 
VAL CG1 HG13 sing N N 414 
VAL CG2 HG21 sing N N 415 
VAL CG2 HG22 sing N N 416 
VAL CG2 HG23 sing N N 417 
VAL OXT HXT  sing N N 418 
# 
loop_
_pdbx_entity_nonpoly.entity_id 
_pdbx_entity_nonpoly.name 
_pdbx_entity_nonpoly.comp_id 
2 'SULFATE ION'                            SO4 
3 'BETA-NICOTINAMIDE RIBOSE MONOPHOSPHATE' NMN 
4 water                                    HOH 
# 
_pdbx_initial_refinement_model.id               1 
_pdbx_initial_refinement_model.entity_id_list   ? 
_pdbx_initial_refinement_model.type             'experimental model' 
_pdbx_initial_refinement_model.source_name      PDB 
_pdbx_initial_refinement_model.accession_code   1EJ2 
_pdbx_initial_refinement_model.details          'pdb 1ej2' 
# 
